data_3Q5K
# 
_entry.id   3Q5K 
# 
_audit_conform.dict_name       mmcif_pdbx.dic 
_audit_conform.dict_version    5.387 
_audit_conform.dict_location   http://mmcif.pdb.org/dictionaries/ascii/mmcif_pdbx.dic 
# 
loop_
_database_2.database_id 
_database_2.database_code 
_database_2.pdbx_database_accession 
_database_2.pdbx_DOI 
PDB   3Q5K         pdb_00003q5k 10.2210/pdb3q5k/pdb 
RCSB  RCSB063221   ?            ?                   
WWPDB D_1000063221 ?            ?                   
# 
loop_
_pdbx_audit_revision_history.ordinal 
_pdbx_audit_revision_history.data_content_type 
_pdbx_audit_revision_history.major_revision 
_pdbx_audit_revision_history.minor_revision 
_pdbx_audit_revision_history.revision_date 
1 'Structure model' 1 0 2011-02-23 
2 'Structure model' 1 1 2011-07-13 
3 'Structure model' 1 2 2017-11-08 
4 'Structure model' 1 3 2024-02-21 
# 
_pdbx_audit_revision_details.ordinal             1 
_pdbx_audit_revision_details.revision_ordinal    1 
_pdbx_audit_revision_details.data_content_type   'Structure model' 
_pdbx_audit_revision_details.provider            repository 
_pdbx_audit_revision_details.type                'Initial release' 
_pdbx_audit_revision_details.description         ? 
_pdbx_audit_revision_details.details             ? 
# 
loop_
_pdbx_audit_revision_group.ordinal 
_pdbx_audit_revision_group.revision_ordinal 
_pdbx_audit_revision_group.data_content_type 
_pdbx_audit_revision_group.group 
1 2 'Structure model' 'Version format compliance' 
2 3 'Structure model' 'Refinement description'    
3 4 'Structure model' 'Data collection'           
4 4 'Structure model' 'Database references'       
5 4 'Structure model' 'Derived calculations'      
# 
loop_
_pdbx_audit_revision_category.ordinal 
_pdbx_audit_revision_category.revision_ordinal 
_pdbx_audit_revision_category.data_content_type 
_pdbx_audit_revision_category.category 
1 3 'Structure model' software           
2 4 'Structure model' chem_comp_atom     
3 4 'Structure model' chem_comp_bond     
4 4 'Structure model' database_2         
5 4 'Structure model' struct_ref_seq_dif 
6 4 'Structure model' struct_site        
# 
loop_
_pdbx_audit_revision_item.ordinal 
_pdbx_audit_revision_item.revision_ordinal 
_pdbx_audit_revision_item.data_content_type 
_pdbx_audit_revision_item.item 
1 4 'Structure model' '_database_2.pdbx_DOI'                
2 4 'Structure model' '_database_2.pdbx_database_accession' 
3 4 'Structure model' '_struct_ref_seq_dif.details'         
4 4 'Structure model' '_struct_site.pdbx_auth_asym_id'      
5 4 'Structure model' '_struct_site.pdbx_auth_comp_id'      
6 4 'Structure model' '_struct_site.pdbx_auth_seq_id'       
# 
_pdbx_database_status.entry_id                        3Q5K 
_pdbx_database_status.deposit_site                    RCSB 
_pdbx_database_status.process_site                    RCSB 
_pdbx_database_status.recvd_initial_deposition_date   2010-12-28 
_pdbx_database_status.status_code                     REL 
_pdbx_database_status.status_code_sf                  REL 
_pdbx_database_status.status_code_mr                  ? 
_pdbx_database_status.SG_entry                        Y 
_pdbx_database_status.status_code_cs                  ? 
_pdbx_database_status.pdb_format_compatible           Y 
_pdbx_database_status.methods_development_category    ? 
_pdbx_database_status.status_code_nmr_data            ? 
# 
loop_
_pdbx_database_related.db_name 
_pdbx_database_related.db_id 
_pdbx_database_related.details 
_pdbx_database_related.content_type 
PDB 3H80 . unspecified 
PDB 3Q5I . unspecified 
PDB 3Q5J . unspecified 
PDB 3Q5L . unspecified 
# 
loop_
_audit_author.name 
_audit_author.pdbx_ordinal 
'Wernimont, A.K.'                      1  
'Tempel, W.'                           2  
'Lin, Y.H.'                            3  
'Hutchinson, A.'                       4  
'MacKenzie, F.'                        5  
'Fairlamb, A.'                         6  
'Cossar, D.'                           7  
'Zhao, Y.'                             8  
'Schapira, M.'                         9  
'Arrowsmith, C.H.'                     10 
'Edwards, A.M.'                        11 
'Bountra, C.'                          12 
'Weigelt, J.'                          13 
'Ferguson, M.A.J.'                     14 
'Hui, R.'                              15 
'Pizarro, J.C.'                        16 
'Hills, T.'                            17 
'Structural Genomics Consortium (SGC)' 18 
# 
_citation.id                        primary 
_citation.title                     
'Crystal structure of the amino-terminal domain of HSP90 from Leishmania major, LMJF33.0312:M1-K213 in the presence of an inhibitor' 
_citation.journal_abbrev            'To be Published' 
_citation.journal_volume            ? 
_citation.page_first                ? 
_citation.page_last                 ? 
_citation.year                      ? 
_citation.journal_id_ASTM           ? 
_citation.country                   ? 
_citation.journal_id_ISSN           ? 
_citation.journal_id_CSD            0353 
_citation.book_publisher            ? 
_citation.pdbx_database_id_PubMed   ? 
_citation.pdbx_database_id_DOI      ? 
# 
loop_
_citation_author.citation_id 
_citation_author.name 
_citation_author.ordinal 
_citation_author.identifier_ORCID 
primary 'Wernimont, A.K.'  1  ? 
primary 'Tempel, W.'       2  ? 
primary 'Lin, Y.H.'        3  ? 
primary 'Hutchinson, A.'   4  ? 
primary 'MacKenzie, F.'    5  ? 
primary 'Fairlamb, A.'     6  ? 
primary 'Cossar, D.'       7  ? 
primary 'Zhao, Y.'         8  ? 
primary 'Schapira, M.'     9  ? 
primary 'Arrowsmith, C.H.' 10 ? 
primary 'Edwards, A.M.'    11 ? 
primary 'Bountra, C.'      12 ? 
primary 'Weigelt, J.'      13 ? 
primary 'Ferguson, M.A.J.' 14 ? 
primary 'Hui, R.'          15 ? 
primary 'Pizarro, J.C.'    16 ? 
primary 'Hills, T.'        17 ? 
# 
loop_
_entity.id 
_entity.type 
_entity.src_method 
_entity.pdbx_description 
_entity.formula_weight 
_entity.pdbx_number_of_molecules 
_entity.pdbx_ec 
_entity.pdbx_mutation 
_entity.pdbx_fragment 
_entity.details 
1 polymer     man 'Heat shock protein 83-1' 26110.465 1  ? ? ? ? 
2 non-polymer syn 
'4-[6,6-dimethyl-4-oxo-3-(trifluoromethyl)-4,5,6,7-tetrahydro-1H-indazol-1-yl]-2-{[2-(methylsulfanyl)ethyl]amino}benzamide' 
440.482   1  ? ? ? ? 
3 water       nat water 18.015    17 ? ? ? ? 
# 
_entity_poly.entity_id                      1 
_entity_poly.type                           'polypeptide(L)' 
_entity_poly.nstd_linkage                   no 
_entity_poly.nstd_monomer                   no 
_entity_poly.pdbx_seq_one_letter_code       
;MHHHHHHSSGRENLYFQGMTETFAFQAEINQLMSLIINTFYSNKEIFLRELISNASDACDKIRYQSLTDPSVLGESPRLC
IRVVPDKENKTLTVEDNGIGMTKADLVNNLGTIARSGTKAFMEALEAGGDMSMIGQFGVGFYSAYLVADRVTVTSKNNSD
ESYVWESSAGGTFTITSTPESDMKRGTRITLHLKEDQMEYLEPRRLKELIKKHSEFIGYDIELMVEKTTEK
;
_entity_poly.pdbx_seq_one_letter_code_can   
;MHHHHHHSSGRENLYFQGMTETFAFQAEINQLMSLIINTFYSNKEIFLRELISNASDACDKIRYQSLTDPSVLGESPRLC
IRVVPDKENKTLTVEDNGIGMTKADLVNNLGTIARSGTKAFMEALEAGGDMSMIGQFGVGFYSAYLVADRVTVTSKNNSD
ESYVWESSAGGTFTITSTPESDMKRGTRITLHLKEDQMEYLEPRRLKELIKKHSEFIGYDIELMVEKTTEK
;
_entity_poly.pdbx_strand_id                 A 
_entity_poly.pdbx_target_identifier         ? 
# 
loop_
_pdbx_entity_nonpoly.entity_id 
_pdbx_entity_nonpoly.name 
_pdbx_entity_nonpoly.comp_id 
2 '4-[6,6-dimethyl-4-oxo-3-(trifluoromethyl)-4,5,6,7-tetrahydro-1H-indazol-1-yl]-2-{[2-(methylsulfanyl)ethyl]amino}benzamide' D1U 
3 water                                                                                                                       HOH 
# 
loop_
_entity_poly_seq.entity_id 
_entity_poly_seq.num 
_entity_poly_seq.mon_id 
_entity_poly_seq.hetero 
1 1   MET n 
1 2   HIS n 
1 3   HIS n 
1 4   HIS n 
1 5   HIS n 
1 6   HIS n 
1 7   HIS n 
1 8   SER n 
1 9   SER n 
1 10  GLY n 
1 11  ARG n 
1 12  GLU n 
1 13  ASN n 
1 14  LEU n 
1 15  TYR n 
1 16  PHE n 
1 17  GLN n 
1 18  GLY n 
1 19  MET n 
1 20  THR n 
1 21  GLU n 
1 22  THR n 
1 23  PHE n 
1 24  ALA n 
1 25  PHE n 
1 26  GLN n 
1 27  ALA n 
1 28  GLU n 
1 29  ILE n 
1 30  ASN n 
1 31  GLN n 
1 32  LEU n 
1 33  MET n 
1 34  SER n 
1 35  LEU n 
1 36  ILE n 
1 37  ILE n 
1 38  ASN n 
1 39  THR n 
1 40  PHE n 
1 41  TYR n 
1 42  SER n 
1 43  ASN n 
1 44  LYS n 
1 45  GLU n 
1 46  ILE n 
1 47  PHE n 
1 48  LEU n 
1 49  ARG n 
1 50  GLU n 
1 51  LEU n 
1 52  ILE n 
1 53  SER n 
1 54  ASN n 
1 55  ALA n 
1 56  SER n 
1 57  ASP n 
1 58  ALA n 
1 59  CYS n 
1 60  ASP n 
1 61  LYS n 
1 62  ILE n 
1 63  ARG n 
1 64  TYR n 
1 65  GLN n 
1 66  SER n 
1 67  LEU n 
1 68  THR n 
1 69  ASP n 
1 70  PRO n 
1 71  SER n 
1 72  VAL n 
1 73  LEU n 
1 74  GLY n 
1 75  GLU n 
1 76  SER n 
1 77  PRO n 
1 78  ARG n 
1 79  LEU n 
1 80  CYS n 
1 81  ILE n 
1 82  ARG n 
1 83  VAL n 
1 84  VAL n 
1 85  PRO n 
1 86  ASP n 
1 87  LYS n 
1 88  GLU n 
1 89  ASN n 
1 90  LYS n 
1 91  THR n 
1 92  LEU n 
1 93  THR n 
1 94  VAL n 
1 95  GLU n 
1 96  ASP n 
1 97  ASN n 
1 98  GLY n 
1 99  ILE n 
1 100 GLY n 
1 101 MET n 
1 102 THR n 
1 103 LYS n 
1 104 ALA n 
1 105 ASP n 
1 106 LEU n 
1 107 VAL n 
1 108 ASN n 
1 109 ASN n 
1 110 LEU n 
1 111 GLY n 
1 112 THR n 
1 113 ILE n 
1 114 ALA n 
1 115 ARG n 
1 116 SER n 
1 117 GLY n 
1 118 THR n 
1 119 LYS n 
1 120 ALA n 
1 121 PHE n 
1 122 MET n 
1 123 GLU n 
1 124 ALA n 
1 125 LEU n 
1 126 GLU n 
1 127 ALA n 
1 128 GLY n 
1 129 GLY n 
1 130 ASP n 
1 131 MET n 
1 132 SER n 
1 133 MET n 
1 134 ILE n 
1 135 GLY n 
1 136 GLN n 
1 137 PHE n 
1 138 GLY n 
1 139 VAL n 
1 140 GLY n 
1 141 PHE n 
1 142 TYR n 
1 143 SER n 
1 144 ALA n 
1 145 TYR n 
1 146 LEU n 
1 147 VAL n 
1 148 ALA n 
1 149 ASP n 
1 150 ARG n 
1 151 VAL n 
1 152 THR n 
1 153 VAL n 
1 154 THR n 
1 155 SER n 
1 156 LYS n 
1 157 ASN n 
1 158 ASN n 
1 159 SER n 
1 160 ASP n 
1 161 GLU n 
1 162 SER n 
1 163 TYR n 
1 164 VAL n 
1 165 TRP n 
1 166 GLU n 
1 167 SER n 
1 168 SER n 
1 169 ALA n 
1 170 GLY n 
1 171 GLY n 
1 172 THR n 
1 173 PHE n 
1 174 THR n 
1 175 ILE n 
1 176 THR n 
1 177 SER n 
1 178 THR n 
1 179 PRO n 
1 180 GLU n 
1 181 SER n 
1 182 ASP n 
1 183 MET n 
1 184 LYS n 
1 185 ARG n 
1 186 GLY n 
1 187 THR n 
1 188 ARG n 
1 189 ILE n 
1 190 THR n 
1 191 LEU n 
1 192 HIS n 
1 193 LEU n 
1 194 LYS n 
1 195 GLU n 
1 196 ASP n 
1 197 GLN n 
1 198 MET n 
1 199 GLU n 
1 200 TYR n 
1 201 LEU n 
1 202 GLU n 
1 203 PRO n 
1 204 ARG n 
1 205 ARG n 
1 206 LEU n 
1 207 LYS n 
1 208 GLU n 
1 209 LEU n 
1 210 ILE n 
1 211 LYS n 
1 212 LYS n 
1 213 HIS n 
1 214 SER n 
1 215 GLU n 
1 216 PHE n 
1 217 ILE n 
1 218 GLY n 
1 219 TYR n 
1 220 ASP n 
1 221 ILE n 
1 222 GLU n 
1 223 LEU n 
1 224 MET n 
1 225 VAL n 
1 226 GLU n 
1 227 LYS n 
1 228 THR n 
1 229 THR n 
1 230 GLU n 
1 231 LYS n 
# 
_entity_src_gen.entity_id                          1 
_entity_src_gen.pdbx_src_id                        1 
_entity_src_gen.pdbx_alt_source_flag               sample 
_entity_src_gen.pdbx_seq_type                      ? 
_entity_src_gen.pdbx_beg_seq_num                   ? 
_entity_src_gen.pdbx_end_seq_num                   ? 
_entity_src_gen.gene_src_common_name               ? 
_entity_src_gen.gene_src_genus                     ? 
_entity_src_gen.pdbx_gene_src_gene                 LMJF33.0312 
_entity_src_gen.gene_src_species                   ? 
_entity_src_gen.gene_src_strain                    ? 
_entity_src_gen.gene_src_tissue                    ? 
_entity_src_gen.gene_src_tissue_fraction           ? 
_entity_src_gen.gene_src_details                   ? 
_entity_src_gen.pdbx_gene_src_fragment             ? 
_entity_src_gen.pdbx_gene_src_scientific_name      'Leishmania major' 
_entity_src_gen.pdbx_gene_src_ncbi_taxonomy_id     5664 
_entity_src_gen.pdbx_gene_src_variant              ? 
_entity_src_gen.pdbx_gene_src_cell_line            ? 
_entity_src_gen.pdbx_gene_src_atcc                 ? 
_entity_src_gen.pdbx_gene_src_organ                ? 
_entity_src_gen.pdbx_gene_src_organelle            ? 
_entity_src_gen.pdbx_gene_src_cell                 ? 
_entity_src_gen.pdbx_gene_src_cellular_location    ? 
_entity_src_gen.host_org_common_name               ? 
_entity_src_gen.pdbx_host_org_scientific_name      'Escherichia coli' 
_entity_src_gen.pdbx_host_org_ncbi_taxonomy_id     562 
_entity_src_gen.host_org_genus                     ? 
_entity_src_gen.pdbx_host_org_gene                 ? 
_entity_src_gen.pdbx_host_org_organ                ? 
_entity_src_gen.host_org_species                   ? 
_entity_src_gen.pdbx_host_org_tissue               ? 
_entity_src_gen.pdbx_host_org_tissue_fraction      ? 
_entity_src_gen.pdbx_host_org_strain               ? 
_entity_src_gen.pdbx_host_org_variant              ? 
_entity_src_gen.pdbx_host_org_cell_line            ? 
_entity_src_gen.pdbx_host_org_atcc                 ? 
_entity_src_gen.pdbx_host_org_culture_collection   ? 
_entity_src_gen.pdbx_host_org_cell                 ? 
_entity_src_gen.pdbx_host_org_organelle            ? 
_entity_src_gen.pdbx_host_org_cellular_location    ? 
_entity_src_gen.pdbx_host_org_vector_type          ? 
_entity_src_gen.pdbx_host_org_vector               ? 
_entity_src_gen.host_org_details                   ? 
_entity_src_gen.expression_system_id               ? 
_entity_src_gen.plasmid_name                       ? 
_entity_src_gen.plasmid_details                    ? 
_entity_src_gen.pdbx_description                   ? 
# 
loop_
_chem_comp.id 
_chem_comp.type 
_chem_comp.mon_nstd_flag 
_chem_comp.name 
_chem_comp.pdbx_synonyms 
_chem_comp.formula 
_chem_comp.formula_weight 
ALA 'L-peptide linking' y ALANINE ? 'C3 H7 N O2'         89.093  
ARG 'L-peptide linking' y ARGININE ? 'C6 H15 N4 O2 1'     175.209 
ASN 'L-peptide linking' y ASPARAGINE ? 'C4 H8 N2 O3'        132.118 
ASP 'L-peptide linking' y 'ASPARTIC ACID' ? 'C4 H7 N O4'         133.103 
CYS 'L-peptide linking' y CYSTEINE ? 'C3 H7 N O2 S'       121.158 
D1U non-polymer         . 
'4-[6,6-dimethyl-4-oxo-3-(trifluoromethyl)-4,5,6,7-tetrahydro-1H-indazol-1-yl]-2-{[2-(methylsulfanyl)ethyl]amino}benzamide' ? 
'C20 H23 F3 N4 O2 S' 440.482 
GLN 'L-peptide linking' y GLUTAMINE ? 'C5 H10 N2 O3'       146.144 
GLU 'L-peptide linking' y 'GLUTAMIC ACID' ? 'C5 H9 N O4'         147.129 
GLY 'peptide linking'   y GLYCINE ? 'C2 H5 N O2'         75.067  
HIS 'L-peptide linking' y HISTIDINE ? 'C6 H10 N3 O2 1'     156.162 
HOH non-polymer         . WATER ? 'H2 O'               18.015  
ILE 'L-peptide linking' y ISOLEUCINE ? 'C6 H13 N O2'        131.173 
LEU 'L-peptide linking' y LEUCINE ? 'C6 H13 N O2'        131.173 
LYS 'L-peptide linking' y LYSINE ? 'C6 H15 N2 O2 1'     147.195 
MET 'L-peptide linking' y METHIONINE ? 'C5 H11 N O2 S'      149.211 
PHE 'L-peptide linking' y PHENYLALANINE ? 'C9 H11 N O2'        165.189 
PRO 'L-peptide linking' y PROLINE ? 'C5 H9 N O2'         115.130 
SER 'L-peptide linking' y SERINE ? 'C3 H7 N O3'         105.093 
THR 'L-peptide linking' y THREONINE ? 'C4 H9 N O3'         119.119 
TRP 'L-peptide linking' y TRYPTOPHAN ? 'C11 H12 N2 O2'      204.225 
TYR 'L-peptide linking' y TYROSINE ? 'C9 H11 N O3'        181.189 
VAL 'L-peptide linking' y VALINE ? 'C5 H11 N O2'        117.146 
# 
loop_
_pdbx_poly_seq_scheme.asym_id 
_pdbx_poly_seq_scheme.entity_id 
_pdbx_poly_seq_scheme.seq_id 
_pdbx_poly_seq_scheme.mon_id 
_pdbx_poly_seq_scheme.ndb_seq_num 
_pdbx_poly_seq_scheme.pdb_seq_num 
_pdbx_poly_seq_scheme.auth_seq_num 
_pdbx_poly_seq_scheme.pdb_mon_id 
_pdbx_poly_seq_scheme.auth_mon_id 
_pdbx_poly_seq_scheme.pdb_strand_id 
_pdbx_poly_seq_scheme.pdb_ins_code 
_pdbx_poly_seq_scheme.hetero 
A 1 1   MET 1   -17 ?   ?   ?   A . n 
A 1 2   HIS 2   -16 ?   ?   ?   A . n 
A 1 3   HIS 3   -15 ?   ?   ?   A . n 
A 1 4   HIS 4   -14 ?   ?   ?   A . n 
A 1 5   HIS 5   -13 ?   ?   ?   A . n 
A 1 6   HIS 6   -12 ?   ?   ?   A . n 
A 1 7   HIS 7   -11 ?   ?   ?   A . n 
A 1 8   SER 8   -10 ?   ?   ?   A . n 
A 1 9   SER 9   -9  ?   ?   ?   A . n 
A 1 10  GLY 10  -8  ?   ?   ?   A . n 
A 1 11  ARG 11  -7  ?   ?   ?   A . n 
A 1 12  GLU 12  -6  ?   ?   ?   A . n 
A 1 13  ASN 13  -5  ?   ?   ?   A . n 
A 1 14  LEU 14  -4  -4  LEU LEU A . n 
A 1 15  TYR 15  -3  -3  TYR TYR A . n 
A 1 16  PHE 16  -2  -2  PHE PHE A . n 
A 1 17  GLN 17  -1  -1  GLN GLN A . n 
A 1 18  GLY 18  0   0   GLY GLY A . n 
A 1 19  MET 19  1   1   MET MET A . n 
A 1 20  THR 20  2   2   THR THR A . n 
A 1 21  GLU 21  3   3   GLU GLU A . n 
A 1 22  THR 22  4   4   THR THR A . n 
A 1 23  PHE 23  5   5   PHE PHE A . n 
A 1 24  ALA 24  6   6   ALA ALA A . n 
A 1 25  PHE 25  7   7   PHE PHE A . n 
A 1 26  GLN 26  8   8   GLN GLN A . n 
A 1 27  ALA 27  9   9   ALA ALA A . n 
A 1 28  GLU 28  10  10  GLU GLU A . n 
A 1 29  ILE 29  11  11  ILE ILE A . n 
A 1 30  ASN 30  12  12  ASN ASN A . n 
A 1 31  GLN 31  13  13  GLN GLN A . n 
A 1 32  LEU 32  14  14  LEU LEU A . n 
A 1 33  MET 33  15  15  MET MET A . n 
A 1 34  SER 34  16  16  SER SER A . n 
A 1 35  LEU 35  17  17  LEU LEU A . n 
A 1 36  ILE 36  18  18  ILE ILE A . n 
A 1 37  ILE 37  19  19  ILE ILE A . n 
A 1 38  ASN 38  20  20  ASN ASN A . n 
A 1 39  THR 39  21  21  THR THR A . n 
A 1 40  PHE 40  22  22  PHE PHE A . n 
A 1 41  TYR 41  23  23  TYR TYR A . n 
A 1 42  SER 42  24  24  SER SER A . n 
A 1 43  ASN 43  25  25  ASN ASN A . n 
A 1 44  LYS 44  26  26  LYS LYS A . n 
A 1 45  GLU 45  27  27  GLU GLU A . n 
A 1 46  ILE 46  28  28  ILE ILE A . n 
A 1 47  PHE 47  29  29  PHE PHE A . n 
A 1 48  LEU 48  30  30  LEU LEU A . n 
A 1 49  ARG 49  31  31  ARG ARG A . n 
A 1 50  GLU 50  32  32  GLU GLU A . n 
A 1 51  LEU 51  33  33  LEU LEU A . n 
A 1 52  ILE 52  34  34  ILE ILE A . n 
A 1 53  SER 53  35  35  SER SER A . n 
A 1 54  ASN 54  36  36  ASN ASN A . n 
A 1 55  ALA 55  37  37  ALA ALA A . n 
A 1 56  SER 56  38  38  SER SER A . n 
A 1 57  ASP 57  39  39  ASP ASP A . n 
A 1 58  ALA 58  40  40  ALA ALA A . n 
A 1 59  CYS 59  41  41  CYS CYS A . n 
A 1 60  ASP 60  42  42  ASP ASP A . n 
A 1 61  LYS 61  43  43  LYS LYS A . n 
A 1 62  ILE 62  44  44  ILE ILE A . n 
A 1 63  ARG 63  45  45  ARG ARG A . n 
A 1 64  TYR 64  46  46  TYR TYR A . n 
A 1 65  GLN 65  47  47  GLN GLN A . n 
A 1 66  SER 66  48  48  SER SER A . n 
A 1 67  LEU 67  49  49  LEU LEU A . n 
A 1 68  THR 68  50  50  THR THR A . n 
A 1 69  ASP 69  51  51  ASP ASP A . n 
A 1 70  PRO 70  52  52  PRO PRO A . n 
A 1 71  SER 71  53  53  SER SER A . n 
A 1 72  VAL 72  54  54  VAL VAL A . n 
A 1 73  LEU 73  55  ?   ?   ?   A . n 
A 1 74  GLY 74  56  ?   ?   ?   A . n 
A 1 75  GLU 75  57  ?   ?   ?   A . n 
A 1 76  SER 76  58  ?   ?   ?   A . n 
A 1 77  PRO 77  59  59  PRO PRO A . n 
A 1 78  ARG 78  60  60  ARG ARG A . n 
A 1 79  LEU 79  61  61  LEU LEU A . n 
A 1 80  CYS 80  62  62  CYS CYS A . n 
A 1 81  ILE 81  63  63  ILE ILE A . n 
A 1 82  ARG 82  64  64  ARG ARG A . n 
A 1 83  VAL 83  65  65  VAL VAL A . n 
A 1 84  VAL 84  66  66  VAL VAL A . n 
A 1 85  PRO 85  67  67  PRO PRO A . n 
A 1 86  ASP 86  68  68  ASP ASP A . n 
A 1 87  LYS 87  69  69  LYS LYS A . n 
A 1 88  GLU 88  70  70  GLU GLU A . n 
A 1 89  ASN 89  71  71  ASN ASN A . n 
A 1 90  LYS 90  72  72  LYS LYS A . n 
A 1 91  THR 91  73  73  THR THR A . n 
A 1 92  LEU 92  74  74  LEU LEU A . n 
A 1 93  THR 93  75  75  THR THR A . n 
A 1 94  VAL 94  76  76  VAL VAL A . n 
A 1 95  GLU 95  77  77  GLU GLU A . n 
A 1 96  ASP 96  78  78  ASP ASP A . n 
A 1 97  ASN 97  79  79  ASN ASN A . n 
A 1 98  GLY 98  80  80  GLY GLY A . n 
A 1 99  ILE 99  81  81  ILE ILE A . n 
A 1 100 GLY 100 82  82  GLY GLY A . n 
A 1 101 MET 101 83  83  MET MET A . n 
A 1 102 THR 102 84  84  THR THR A . n 
A 1 103 LYS 103 85  85  LYS LYS A . n 
A 1 104 ALA 104 86  86  ALA ALA A . n 
A 1 105 ASP 105 87  87  ASP ASP A . n 
A 1 106 LEU 106 88  88  LEU LEU A . n 
A 1 107 VAL 107 89  89  VAL VAL A . n 
A 1 108 ASN 108 90  90  ASN ASN A . n 
A 1 109 ASN 109 91  91  ASN ASN A . n 
A 1 110 LEU 110 92  92  LEU LEU A . n 
A 1 111 GLY 111 93  93  GLY GLY A . n 
A 1 112 THR 112 94  94  THR THR A . n 
A 1 113 ILE 113 95  95  ILE ILE A . n 
A 1 114 ALA 114 96  96  ALA ALA A . n 
A 1 115 ARG 115 97  97  ARG ARG A . n 
A 1 116 SER 116 98  98  SER SER A . n 
A 1 117 GLY 117 99  99  GLY GLY A . n 
A 1 118 THR 118 100 100 THR THR A . n 
A 1 119 LYS 119 101 101 LYS LYS A . n 
A 1 120 ALA 120 102 102 ALA ALA A . n 
A 1 121 PHE 121 103 103 PHE PHE A . n 
A 1 122 MET 122 104 104 MET MET A . n 
A 1 123 GLU 123 105 105 GLU GLU A . n 
A 1 124 ALA 124 106 106 ALA ALA A . n 
A 1 125 LEU 125 107 107 LEU LEU A . n 
A 1 126 GLU 126 108 108 GLU GLU A . n 
A 1 127 ALA 127 109 109 ALA ALA A . n 
A 1 128 GLY 128 110 110 GLY GLY A . n 
A 1 129 GLY 129 111 111 GLY GLY A . n 
A 1 130 ASP 130 112 112 ASP ASP A . n 
A 1 131 MET 131 113 113 MET MET A . n 
A 1 132 SER 132 114 114 SER SER A . n 
A 1 133 MET 133 115 115 MET MET A . n 
A 1 134 ILE 134 116 116 ILE ILE A . n 
A 1 135 GLY 135 117 117 GLY GLY A . n 
A 1 136 GLN 136 118 118 GLN GLN A . n 
A 1 137 PHE 137 119 119 PHE PHE A . n 
A 1 138 GLY 138 120 120 GLY GLY A . n 
A 1 139 VAL 139 121 121 VAL VAL A . n 
A 1 140 GLY 140 122 122 GLY GLY A . n 
A 1 141 PHE 141 123 123 PHE PHE A . n 
A 1 142 TYR 142 124 124 TYR TYR A . n 
A 1 143 SER 143 125 125 SER SER A . n 
A 1 144 ALA 144 126 126 ALA ALA A . n 
A 1 145 TYR 145 127 127 TYR TYR A . n 
A 1 146 LEU 146 128 128 LEU LEU A . n 
A 1 147 VAL 147 129 129 VAL VAL A . n 
A 1 148 ALA 148 130 130 ALA ALA A . n 
A 1 149 ASP 149 131 131 ASP ASP A . n 
A 1 150 ARG 150 132 132 ARG ARG A . n 
A 1 151 VAL 151 133 133 VAL VAL A . n 
A 1 152 THR 152 134 134 THR THR A . n 
A 1 153 VAL 153 135 135 VAL VAL A . n 
A 1 154 THR 154 136 136 THR THR A . n 
A 1 155 SER 155 137 137 SER SER A . n 
A 1 156 LYS 156 138 138 LYS LYS A . n 
A 1 157 ASN 157 139 139 ASN ASN A . n 
A 1 158 ASN 158 140 140 ASN ASN A . n 
A 1 159 SER 159 141 141 SER SER A . n 
A 1 160 ASP 160 142 142 ASP ASP A . n 
A 1 161 GLU 161 143 143 GLU GLU A . n 
A 1 162 SER 162 144 144 SER SER A . n 
A 1 163 TYR 163 145 145 TYR TYR A . n 
A 1 164 VAL 164 146 146 VAL VAL A . n 
A 1 165 TRP 165 147 147 TRP TRP A . n 
A 1 166 GLU 166 148 148 GLU GLU A . n 
A 1 167 SER 167 149 149 SER SER A . n 
A 1 168 SER 168 150 150 SER SER A . n 
A 1 169 ALA 169 151 151 ALA ALA A . n 
A 1 170 GLY 170 152 152 GLY GLY A . n 
A 1 171 GLY 171 153 153 GLY GLY A . n 
A 1 172 THR 172 154 154 THR THR A . n 
A 1 173 PHE 173 155 155 PHE PHE A . n 
A 1 174 THR 174 156 156 THR THR A . n 
A 1 175 ILE 175 157 157 ILE ILE A . n 
A 1 176 THR 176 158 158 THR THR A . n 
A 1 177 SER 177 159 159 SER SER A . n 
A 1 178 THR 178 160 160 THR THR A . n 
A 1 179 PRO 179 161 161 PRO PRO A . n 
A 1 180 GLU 180 162 162 GLU GLU A . n 
A 1 181 SER 181 163 163 SER SER A . n 
A 1 182 ASP 182 164 164 ASP ASP A . n 
A 1 183 MET 183 165 165 MET MET A . n 
A 1 184 LYS 184 166 166 LYS LYS A . n 
A 1 185 ARG 185 167 167 ARG ARG A . n 
A 1 186 GLY 186 168 168 GLY GLY A . n 
A 1 187 THR 187 169 169 THR THR A . n 
A 1 188 ARG 188 170 170 ARG ARG A . n 
A 1 189 ILE 189 171 171 ILE ILE A . n 
A 1 190 THR 190 172 172 THR THR A . n 
A 1 191 LEU 191 173 173 LEU LEU A . n 
A 1 192 HIS 192 174 174 HIS HIS A . n 
A 1 193 LEU 193 175 175 LEU LEU A . n 
A 1 194 LYS 194 176 176 LYS LYS A . n 
A 1 195 GLU 195 177 177 GLU GLU A . n 
A 1 196 ASP 196 178 178 ASP ASP A . n 
A 1 197 GLN 197 179 179 GLN GLN A . n 
A 1 198 MET 198 180 180 MET MET A . n 
A 1 199 GLU 199 181 181 GLU GLU A . n 
A 1 200 TYR 200 182 182 TYR TYR A . n 
A 1 201 LEU 201 183 183 LEU LEU A . n 
A 1 202 GLU 202 184 184 GLU GLU A . n 
A 1 203 PRO 203 185 185 PRO PRO A . n 
A 1 204 ARG 204 186 186 ARG ARG A . n 
A 1 205 ARG 205 187 187 ARG ARG A . n 
A 1 206 LEU 206 188 188 LEU LEU A . n 
A 1 207 LYS 207 189 189 LYS LYS A . n 
A 1 208 GLU 208 190 190 GLU GLU A . n 
A 1 209 LEU 209 191 191 LEU LEU A . n 
A 1 210 ILE 210 192 192 ILE ILE A . n 
A 1 211 LYS 211 193 193 LYS LYS A . n 
A 1 212 LYS 212 194 194 LYS LYS A . n 
A 1 213 HIS 213 195 195 HIS HIS A . n 
A 1 214 SER 214 196 196 SER SER A . n 
A 1 215 GLU 215 197 197 GLU GLU A . n 
A 1 216 PHE 216 198 198 PHE PHE A . n 
A 1 217 ILE 217 199 199 ILE ILE A . n 
A 1 218 GLY 218 200 200 GLY GLY A . n 
A 1 219 TYR 219 201 201 TYR TYR A . n 
A 1 220 ASP 220 202 202 ASP ASP A . n 
A 1 221 ILE 221 203 203 ILE ILE A . n 
A 1 222 GLU 222 204 204 GLU GLU A . n 
A 1 223 LEU 223 205 205 LEU LEU A . n 
A 1 224 MET 224 206 206 MET MET A . n 
A 1 225 VAL 225 207 207 VAL VAL A . n 
A 1 226 GLU 226 208 208 GLU GLU A . n 
A 1 227 LYS 227 209 ?   ?   ?   A . n 
A 1 228 THR 228 210 210 THR THR A . n 
A 1 229 THR 229 211 211 THR THR A . n 
A 1 230 GLU 230 212 212 GLU GLU A . n 
A 1 231 LYS 231 213 213 LYS LYS A . n 
# 
loop_
_pdbx_nonpoly_scheme.asym_id 
_pdbx_nonpoly_scheme.entity_id 
_pdbx_nonpoly_scheme.mon_id 
_pdbx_nonpoly_scheme.ndb_seq_num 
_pdbx_nonpoly_scheme.pdb_seq_num 
_pdbx_nonpoly_scheme.auth_seq_num 
_pdbx_nonpoly_scheme.pdb_mon_id 
_pdbx_nonpoly_scheme.auth_mon_id 
_pdbx_nonpoly_scheme.pdb_strand_id 
_pdbx_nonpoly_scheme.pdb_ins_code 
B 2 D1U 1  214 1  D1U DRG A . 
C 3 HOH 1  215 6  HOH HOH A . 
C 3 HOH 2  216 7  HOH HOH A . 
C 3 HOH 3  217 8  HOH HOH A . 
C 3 HOH 4  218 9  HOH HOH A . 
C 3 HOH 5  219 11 HOH HOH A . 
C 3 HOH 6  220 12 HOH HOH A . 
C 3 HOH 7  221 13 HOH HOH A . 
C 3 HOH 8  222 14 HOH HOH A . 
C 3 HOH 9  223 16 HOH HOH A . 
C 3 HOH 10 224 17 HOH HOH A . 
C 3 HOH 11 225 18 HOH HOH A . 
C 3 HOH 12 226 20 HOH HOH A . 
C 3 HOH 13 227 21 HOH HOH A . 
C 3 HOH 14 228 22 HOH HOH A . 
C 3 HOH 15 229 23 HOH HOH A . 
C 3 HOH 16 230 24 HOH HOH A . 
C 3 HOH 17 231 25 HOH HOH A . 
# 
loop_
_pdbx_unobs_or_zero_occ_atoms.id 
_pdbx_unobs_or_zero_occ_atoms.PDB_model_num 
_pdbx_unobs_or_zero_occ_atoms.polymer_flag 
_pdbx_unobs_or_zero_occ_atoms.occupancy_flag 
_pdbx_unobs_or_zero_occ_atoms.auth_asym_id 
_pdbx_unobs_or_zero_occ_atoms.auth_comp_id 
_pdbx_unobs_or_zero_occ_atoms.auth_seq_id 
_pdbx_unobs_or_zero_occ_atoms.PDB_ins_code 
_pdbx_unobs_or_zero_occ_atoms.auth_atom_id 
_pdbx_unobs_or_zero_occ_atoms.label_alt_id 
_pdbx_unobs_or_zero_occ_atoms.label_asym_id 
_pdbx_unobs_or_zero_occ_atoms.label_comp_id 
_pdbx_unobs_or_zero_occ_atoms.label_seq_id 
_pdbx_unobs_or_zero_occ_atoms.label_atom_id 
1   1 Y 1 A GLN 8   ? CG  ? A GLN 26  CG  
2   1 Y 1 A GLN 8   ? CD  ? A GLN 26  CD  
3   1 Y 1 A GLN 8   ? OE1 ? A GLN 26  OE1 
4   1 Y 1 A GLN 8   ? NE2 ? A GLN 26  NE2 
5   1 Y 1 A SER 16  ? OG  ? A SER 34  OG  
6   1 Y 1 A SER 24  ? OG  ? A SER 42  OG  
7   1 Y 1 A LYS 43  ? CE  ? A LYS 61  CE  
8   1 Y 1 A LYS 43  ? NZ  ? A LYS 61  NZ  
9   1 Y 1 A TYR 46  ? CG  ? A TYR 64  CG  
10  1 Y 1 A TYR 46  ? CD1 ? A TYR 64  CD1 
11  1 Y 1 A TYR 46  ? CD2 ? A TYR 64  CD2 
12  1 Y 1 A TYR 46  ? CE1 ? A TYR 64  CE1 
13  1 Y 1 A TYR 46  ? CE2 ? A TYR 64  CE2 
14  1 Y 1 A TYR 46  ? CZ  ? A TYR 64  CZ  
15  1 Y 1 A TYR 46  ? OH  ? A TYR 64  OH  
16  1 Y 1 A GLN 47  ? CG  ? A GLN 65  CG  
17  1 Y 1 A GLN 47  ? CD  ? A GLN 65  CD  
18  1 Y 1 A GLN 47  ? OE1 ? A GLN 65  OE1 
19  1 Y 1 A GLN 47  ? NE2 ? A GLN 65  NE2 
20  1 Y 1 A SER 48  ? OG  ? A SER 66  OG  
21  1 Y 1 A SER 53  ? OG  ? A SER 71  OG  
22  1 Y 1 A VAL 54  ? CG1 ? A VAL 72  CG1 
23  1 Y 1 A VAL 54  ? CG2 ? A VAL 72  CG2 
24  1 Y 1 A ARG 60  ? CG  ? A ARG 78  CG  
25  1 Y 1 A ARG 60  ? CD  ? A ARG 78  CD  
26  1 Y 1 A ARG 60  ? NE  ? A ARG 78  NE  
27  1 Y 1 A ARG 60  ? CZ  ? A ARG 78  CZ  
28  1 Y 1 A ARG 60  ? NH1 ? A ARG 78  NH1 
29  1 Y 1 A ARG 60  ? NH2 ? A ARG 78  NH2 
30  1 Y 1 A ARG 64  ? NE  ? A ARG 82  NE  
31  1 Y 1 A ARG 64  ? CZ  ? A ARG 82  CZ  
32  1 Y 1 A ARG 64  ? NH1 ? A ARG 82  NH1 
33  1 Y 1 A ARG 64  ? NH2 ? A ARG 82  NH2 
34  1 Y 1 A LYS 69  ? CG  ? A LYS 87  CG  
35  1 Y 1 A LYS 69  ? CD  ? A LYS 87  CD  
36  1 Y 1 A LYS 69  ? CE  ? A LYS 87  CE  
37  1 Y 1 A LYS 69  ? NZ  ? A LYS 87  NZ  
38  1 Y 1 A GLU 70  ? CG  ? A GLU 88  CG  
39  1 Y 1 A GLU 70  ? CD  ? A GLU 88  CD  
40  1 Y 1 A GLU 70  ? OE1 ? A GLU 88  OE1 
41  1 Y 1 A GLU 70  ? OE2 ? A GLU 88  OE2 
42  1 Y 1 A LYS 72  ? CG  ? A LYS 90  CG  
43  1 Y 1 A LYS 72  ? CD  ? A LYS 90  CD  
44  1 Y 1 A LYS 72  ? CE  ? A LYS 90  CE  
45  1 Y 1 A LYS 72  ? NZ  ? A LYS 90  NZ  
46  1 Y 1 A VAL 89  ? CG1 ? A VAL 107 CG1 
47  1 Y 1 A VAL 89  ? CG2 ? A VAL 107 CG2 
48  1 Y 1 A THR 94  ? OG1 ? A THR 112 OG1 
49  1 Y 1 A THR 94  ? CG2 ? A THR 112 CG2 
50  1 Y 1 A ILE 95  ? CG1 ? A ILE 113 CG1 
51  1 Y 1 A ILE 95  ? CG2 ? A ILE 113 CG2 
52  1 Y 1 A ILE 95  ? CD1 ? A ILE 113 CD1 
53  1 Y 1 A ARG 97  ? CG  ? A ARG 115 CG  
54  1 Y 1 A ARG 97  ? CD  ? A ARG 115 CD  
55  1 Y 1 A ARG 97  ? NE  ? A ARG 115 NE  
56  1 Y 1 A ARG 97  ? CZ  ? A ARG 115 CZ  
57  1 Y 1 A ARG 97  ? NH1 ? A ARG 115 NH1 
58  1 Y 1 A ARG 97  ? NH2 ? A ARG 115 NH2 
59  1 Y 1 A SER 98  ? OG  ? A SER 116 OG  
60  1 Y 1 A LYS 101 ? CG  ? A LYS 119 CG  
61  1 Y 1 A LYS 101 ? CD  ? A LYS 119 CD  
62  1 Y 1 A LYS 101 ? CE  ? A LYS 119 CE  
63  1 Y 1 A LYS 101 ? NZ  ? A LYS 119 NZ  
64  1 Y 1 A GLU 105 ? CG  ? A GLU 123 CG  
65  1 Y 1 A GLU 105 ? CD  ? A GLU 123 CD  
66  1 Y 1 A GLU 105 ? OE1 ? A GLU 123 OE1 
67  1 Y 1 A GLU 105 ? OE2 ? A GLU 123 OE2 
68  1 Y 1 A GLU 108 ? CG  ? A GLU 126 CG  
69  1 Y 1 A GLU 108 ? CD  ? A GLU 126 CD  
70  1 Y 1 A GLU 108 ? OE1 ? A GLU 126 OE1 
71  1 Y 1 A GLU 108 ? OE2 ? A GLU 126 OE2 
72  1 Y 1 A SER 141 ? OG  ? A SER 159 OG  
73  1 Y 1 A GLU 143 ? CG  ? A GLU 161 CG  
74  1 Y 1 A GLU 143 ? CD  ? A GLU 161 CD  
75  1 Y 1 A GLU 143 ? OE1 ? A GLU 161 OE1 
76  1 Y 1 A GLU 143 ? OE2 ? A GLU 161 OE2 
77  1 Y 1 A GLU 162 ? CG  ? A GLU 180 CG  
78  1 Y 1 A GLU 162 ? CD  ? A GLU 180 CD  
79  1 Y 1 A GLU 162 ? OE1 ? A GLU 180 OE1 
80  1 Y 1 A GLU 162 ? OE2 ? A GLU 180 OE2 
81  1 Y 1 A ASP 164 ? CG  ? A ASP 182 CG  
82  1 Y 1 A ASP 164 ? OD1 ? A ASP 182 OD1 
83  1 Y 1 A ASP 164 ? OD2 ? A ASP 182 OD2 
84  1 Y 1 A LYS 166 ? CG  ? A LYS 184 CG  
85  1 Y 1 A LYS 166 ? CD  ? A LYS 184 CD  
86  1 Y 1 A LYS 166 ? CE  ? A LYS 184 CE  
87  1 Y 1 A LYS 166 ? NZ  ? A LYS 184 NZ  
88  1 Y 1 A ARG 170 ? NE  ? A ARG 188 NE  
89  1 Y 1 A ARG 170 ? CZ  ? A ARG 188 CZ  
90  1 Y 1 A ARG 170 ? NH1 ? A ARG 188 NH1 
91  1 Y 1 A ARG 170 ? NH2 ? A ARG 188 NH2 
92  1 Y 1 A GLU 177 ? CG  ? A GLU 195 CG  
93  1 Y 1 A GLU 177 ? CD  ? A GLU 195 CD  
94  1 Y 1 A GLU 177 ? OE1 ? A GLU 195 OE1 
95  1 Y 1 A GLU 177 ? OE2 ? A GLU 195 OE2 
96  1 Y 1 A ARG 186 ? CG  ? A ARG 204 CG  
97  1 Y 1 A ARG 186 ? CD  ? A ARG 204 CD  
98  1 Y 1 A ARG 186 ? NE  ? A ARG 204 NE  
99  1 Y 1 A ARG 186 ? CZ  ? A ARG 204 CZ  
100 1 Y 1 A ARG 186 ? NH1 ? A ARG 204 NH1 
101 1 Y 1 A ARG 186 ? NH2 ? A ARG 204 NH2 
102 1 Y 1 A LYS 189 ? CD  ? A LYS 207 CD  
103 1 Y 1 A LYS 189 ? CE  ? A LYS 207 CE  
104 1 Y 1 A LYS 189 ? NZ  ? A LYS 207 NZ  
105 1 Y 1 A GLU 190 ? CG  ? A GLU 208 CG  
106 1 Y 1 A GLU 190 ? CD  ? A GLU 208 CD  
107 1 Y 1 A GLU 190 ? OE1 ? A GLU 208 OE1 
108 1 Y 1 A GLU 190 ? OE2 ? A GLU 208 OE2 
109 1 Y 1 A LYS 193 ? CG  ? A LYS 211 CG  
110 1 Y 1 A LYS 193 ? CD  ? A LYS 211 CD  
111 1 Y 1 A LYS 193 ? CE  ? A LYS 211 CE  
112 1 Y 1 A LYS 193 ? NZ  ? A LYS 211 NZ  
113 1 Y 1 A LYS 194 ? CD  ? A LYS 212 CD  
114 1 Y 1 A LYS 194 ? CE  ? A LYS 212 CE  
115 1 Y 1 A LYS 194 ? NZ  ? A LYS 212 NZ  
116 1 Y 1 A SER 196 ? OG  ? A SER 214 OG  
117 1 Y 1 A GLU 197 ? CG  ? A GLU 215 CG  
118 1 Y 1 A GLU 197 ? CD  ? A GLU 215 CD  
119 1 Y 1 A GLU 197 ? OE1 ? A GLU 215 OE1 
120 1 Y 1 A GLU 197 ? OE2 ? A GLU 215 OE2 
121 1 Y 1 A ASP 202 ? CG  ? A ASP 220 CG  
122 1 Y 1 A ASP 202 ? OD1 ? A ASP 220 OD1 
123 1 Y 1 A ASP 202 ? OD2 ? A ASP 220 OD2 
124 1 Y 1 A GLU 204 ? CG  ? A GLU 222 CG  
125 1 Y 1 A GLU 204 ? CD  ? A GLU 222 CD  
126 1 Y 1 A GLU 204 ? OE1 ? A GLU 222 OE1 
127 1 Y 1 A GLU 204 ? OE2 ? A GLU 222 OE2 
128 1 Y 1 A MET 206 ? CG  ? A MET 224 CG  
129 1 Y 1 A MET 206 ? SD  ? A MET 224 SD  
130 1 Y 1 A MET 206 ? CE  ? A MET 224 CE  
131 1 Y 1 A VAL 207 ? CG1 ? A VAL 225 CG1 
132 1 Y 1 A VAL 207 ? CG2 ? A VAL 225 CG2 
133 1 Y 1 A GLU 208 ? CG  ? A GLU 226 CG  
134 1 Y 1 A GLU 208 ? CD  ? A GLU 226 CD  
135 1 Y 1 A GLU 208 ? OE1 ? A GLU 226 OE1 
136 1 Y 1 A GLU 208 ? OE2 ? A GLU 226 OE2 
137 1 Y 1 A THR 210 ? OG1 ? A THR 228 OG1 
138 1 Y 1 A THR 210 ? CG2 ? A THR 228 CG2 
139 1 Y 1 A THR 211 ? OG1 ? A THR 229 OG1 
140 1 Y 1 A THR 211 ? CG2 ? A THR 229 CG2 
141 1 Y 1 A GLU 212 ? CG  ? A GLU 230 CG  
142 1 Y 1 A GLU 212 ? CD  ? A GLU 230 CD  
143 1 Y 1 A GLU 212 ? OE1 ? A GLU 230 OE1 
144 1 Y 1 A GLU 212 ? OE2 ? A GLU 230 OE2 
145 1 Y 1 A LYS 213 ? CG  ? A LYS 231 CG  
146 1 Y 1 A LYS 213 ? CD  ? A LYS 231 CD  
147 1 Y 1 A LYS 213 ? CE  ? A LYS 231 CE  
148 1 Y 1 A LYS 213 ? NZ  ? A LYS 231 NZ  
# 
loop_
_software.pdbx_ordinal 
_software.name 
_software.version 
_software.date 
_software.type 
_software.contact_author 
_software.contact_author_email 
_software.classification 
_software.location 
_software.language 
_software.citation_id 
1 DENZO       .     ?                          package 'Zbyszek Otwinowski' hkl@hkl-xray.com            'data reduction'  
http://www.hkl-xray.com/                    ?   ? 
2 SCALEPACK   .     ?                          package 'Zbyszek Otwinowski' hkl@hkl-xray.com            'data scaling'    
http://www.hkl-xray.com/                    ?   ? 
3 PHASER      2.1.4 'Wed Jun 24 14:00:05 2009' program 'Randy J. Read'      cimr-phaser@lists.cam.ac.uk phasing           
http://www-structmed.cimr.cam.ac.uk/phaser/ ?   ? 
4 TNT         .     ?                          package 'Dale E. Tronrud'    ?                           refinement        
http://www.uoxray.uoregon.edu/tnt/          ?   ? 
5 PDB_EXTRACT 3.10  'June 10, 2010'            package PDB                  deposit@deposit.rcsb.org    'data extraction' 
http://sw-tools.pdb.org/apps/PDB_EXTRACT/   C++ ? 
6 BUSTER      2.8.0 ?                          ?       ?                    ?                           refinement        ? ?   ? 
# 
_cell.length_a           73.258 
_cell.length_b           73.258 
_cell.length_c           213.604 
_cell.angle_alpha        90.000 
_cell.angle_beta         90.000 
_cell.angle_gamma        120.000 
_cell.entry_id           3Q5K 
_cell.pdbx_unique_axis   ? 
_cell.Z_PDB              12 
_cell.length_a_esd       ? 
_cell.length_b_esd       ? 
_cell.length_c_esd       ? 
_cell.angle_alpha_esd    ? 
_cell.angle_beta_esd     ? 
_cell.angle_gamma_esd    ? 
# 
_symmetry.space_group_name_H-M             'P 62 2 2' 
_symmetry.entry_id                         3Q5K 
_symmetry.Int_Tables_number                180 
_symmetry.pdbx_full_space_group_name_H-M   ? 
_symmetry.cell_setting                     ? 
_symmetry.space_group_name_Hall            ? 
# 
_exptl.crystals_number   1 
_exptl.entry_id          3Q5K 
_exptl.method            'X-RAY DIFFRACTION' 
# 
_exptl_crystal.id                    1 
_exptl_crystal.density_Matthews      3.17 
_exptl_crystal.density_meas          ? 
_exptl_crystal.density_percent_sol   61.18 
_exptl_crystal.description           ? 
_exptl_crystal.F_000                 ? 
_exptl_crystal.preparation           ? 
# 
_exptl_crystal_grow.crystal_id      1 
_exptl_crystal_grow.method          'VAPOR DIFFUSION, SITTING DROP' 
_exptl_crystal_grow.pH              8.5 
_exptl_crystal_grow.temp            293 
_exptl_crystal_grow.temp_details    ? 
_exptl_crystal_grow.pdbx_details    
'3.5 M Sodium Formate, 0.1 M Tris, 2 mM DDU_101323, 4 mM MgCl2, 2 mM TCEP, pH 8.5, VAPOR DIFFUSION, SITTING DROP, temperature 293K' 
_exptl_crystal_grow.pdbx_pH_range   ? 
# 
_diffrn.id                     1 
_diffrn.ambient_temp           100 
_diffrn.ambient_temp_details   ? 
_diffrn.crystal_id             1 
# 
_diffrn_detector.diffrn_id              1 
_diffrn_detector.detector               CCD 
_diffrn_detector.type                   'ADSC QUANTUM 315' 
_diffrn_detector.pdbx_collection_date   2010-11-07 
_diffrn_detector.details                ? 
# 
_diffrn_radiation.diffrn_id                        1 
_diffrn_radiation.wavelength_id                    1 
_diffrn_radiation.pdbx_diffrn_protocol             'SINGLE WAVELENGTH' 
_diffrn_radiation.monochromator                    ? 
_diffrn_radiation.pdbx_monochromatic_or_laue_m_l   M 
_diffrn_radiation.pdbx_scattering_type             x-ray 
# 
_diffrn_radiation_wavelength.id           1 
_diffrn_radiation_wavelength.wavelength   0.97625 
_diffrn_radiation_wavelength.wt           1.0 
# 
_diffrn_source.diffrn_id                   1 
_diffrn_source.source                      SYNCHROTRON 
_diffrn_source.type                        'APS BEAMLINE 19-ID' 
_diffrn_source.pdbx_wavelength             ? 
_diffrn_source.pdbx_wavelength_list        0.97625 
_diffrn_source.pdbx_synchrotron_site       APS 
_diffrn_source.pdbx_synchrotron_beamline   19-ID 
# 
_reflns.entry_id                     3Q5K 
_reflns.d_resolution_high            2.350 
_reflns.d_resolution_low             30.000 
_reflns.number_obs                   14916 
_reflns.pdbx_Rmerge_I_obs            0.082 
_reflns.pdbx_netI_over_sigmaI        8.200 
_reflns.pdbx_chi_squared             1.211 
_reflns.pdbx_redundancy              18.600 
_reflns.percent_possible_obs         99.500 
_reflns.observed_criterion_sigma_F   0 
_reflns.observed_criterion_sigma_I   0 
_reflns.number_all                   14990 
_reflns.pdbx_Rsym_value              ? 
_reflns.B_iso_Wilson_estimate        64.0 
_reflns.R_free_details               ? 
_reflns.limit_h_max                  ? 
_reflns.limit_h_min                  ? 
_reflns.limit_k_max                  ? 
_reflns.limit_k_min                  ? 
_reflns.limit_l_max                  ? 
_reflns.limit_l_min                  ? 
_reflns.observed_criterion_F_max     ? 
_reflns.observed_criterion_F_min     ? 
_reflns.pdbx_scaling_rejects         ? 
_reflns.pdbx_diffrn_id               1 
_reflns.pdbx_ordinal                 1 
# 
loop_
_reflns_shell.d_res_high 
_reflns_shell.d_res_low 
_reflns_shell.number_measured_obs 
_reflns_shell.number_measured_all 
_reflns_shell.number_unique_obs 
_reflns_shell.Rmerge_I_obs 
_reflns_shell.meanI_over_sigI_obs 
_reflns_shell.pdbx_Rsym_value 
_reflns_shell.pdbx_chi_squared 
_reflns_shell.pdbx_redundancy 
_reflns_shell.percent_possible_obs 
_reflns_shell.number_unique_all 
_reflns_shell.percent_possible_all 
_reflns_shell.pdbx_diffrn_id 
_reflns_shell.pdbx_ordinal 
2.350 2.390  ? ? ? 0.765 ? ? 0.715 10.100 ? 674 95.100  ? 1  
2.390 2.430  ? ? ? 0.695 ? ? 0.714 11.100 ? 723 97.800  ? 2  
2.430 2.480  ? ? ? 0.854 ? ? 0.728 13.200 ? 704 98.700  ? 3  
2.480 2.530  ? ? ? 0.949 ? ? 0.722 15.200 ? 740 99.900  ? 4  
2.530 2.590  ? ? ? 0.879 ? ? 0.749 17.500 ? 722 100.000 ? 5  
2.590 2.650  ? ? ? 0.727 ? ? 0.743 19.500 ? 731 100.000 ? 6  
2.650 2.710  ? ? ? 0.721 ? ? 0.785 20.900 ? 724 100.000 ? 7  
2.710 2.790  ? ? ? 0.490 ? ? 0.802 21.000 ? 730 100.000 ? 8  
2.790 2.870  ? ? ? 0.416 ? ? 0.849 21.100 ? 721 100.000 ? 9  
2.870 2.960  ? ? ? 0.316 ? ? 0.874 21.200 ? 736 100.000 ? 10 
2.960 3.070  ? ? ? 0.210 ? ? 0.895 20.900 ? 754 100.000 ? 11 
3.070 3.190  ? ? ? 0.159 ? ? 0.941 20.900 ? 743 100.000 ? 12 
3.190 3.330  ? ? ? 0.113 ? ? 1.010 20.800 ? 747 100.000 ? 13 
3.330 3.510  ? ? ? 0.089 ? ? 1.078 20.800 ? 734 100.000 ? 14 
3.510 3.730  ? ? ? 0.075 ? ? 1.364 20.500 ? 755 100.000 ? 15 
3.730 4.020  ? ? ? 0.070 ? ? 1.698 20.400 ? 753 100.000 ? 16 
4.020 4.420  ? ? ? 0.067 ? ? 2.302 20.000 ? 767 100.000 ? 17 
4.420 5.060  ? ? ? 0.057 ? ? 2.462 19.500 ? 776 99.900  ? 18 
5.060 6.360  ? ? ? 0.049 ? ? 1.909 18.600 ? 805 100.000 ? 19 
6.360 30.000 ? ? ? 0.037 ? ? 1.959 17.300 ? 877 98.400  ? 20 
# 
_refine.entry_id                                 3Q5K 
_refine.ls_d_res_high                            2.3500 
_refine.ls_d_res_low                             28.9800 
_refine.pdbx_ls_sigma_F                          0.000 
_refine.pdbx_data_cutoff_high_absF               ? 
_refine.pdbx_data_cutoff_low_absF                ? 
_refine.ls_percent_reflns_obs                    ? 
_refine.ls_number_reflns_obs                     14856 
_refine.ls_number_reflns_all                     14930 
_refine.pdbx_ls_cross_valid_method               THROUGHOUT 
_refine.pdbx_R_Free_selection_details            RANDOM 
_refine.details                                  ? 
_refine.ls_R_factor_all                          .2431 
_refine.ls_R_factor_obs                          0.2431 
_refine.ls_R_factor_R_work                       0.2422 
_refine.ls_wR_factor_R_work                      ? 
_refine.ls_R_factor_R_free                       0.2606 
_refine.ls_wR_factor_R_free                      ? 
_refine.ls_percent_reflns_R_free                 5.0400 
_refine.ls_number_reflns_R_free                  748 
_refine.ls_R_factor_R_free_error                 ? 
_refine.B_iso_mean                               74.3839 
_refine.solvent_model_param_bsol                 ? 
_refine.solvent_model_param_ksol                 ? 
_refine.pdbx_isotropic_thermal_model             ? 
_refine.aniso_B[1][1]                            -16.2962 
_refine.aniso_B[2][2]                            -16.2962 
_refine.aniso_B[3][3]                            32.5925 
_refine.aniso_B[1][2]                            0.0000 
_refine.aniso_B[1][3]                            0.0000 
_refine.aniso_B[2][3]                            0.0000 
_refine.correlation_coeff_Fo_to_Fc               0.8957 
_refine.correlation_coeff_Fo_to_Fc_free          0.9021 
_refine.overall_SU_R_Cruickshank_DPI             ? 
_refine.overall_SU_R_free                        ? 
_refine.pdbx_overall_ESU_R_Free                  ? 
_refine.overall_SU_ML                            ? 
_refine.overall_SU_B                             ? 
_refine.solvent_model_details                    ? 
_refine.pdbx_solvent_vdw_probe_radii             ? 
_refine.pdbx_solvent_ion_probe_radii             ? 
_refine.pdbx_solvent_shrinkage_radii             ? 
_refine.ls_number_parameters                     ? 
_refine.ls_number_restraints                     ? 
_refine.pdbx_starting_model                      ? 
_refine.pdbx_method_to_determine_struct          'MOLECULAR REPLACEMENT' 
_refine.pdbx_stereochemistry_target_values       'Engh & Huber' 
_refine.pdbx_stereochem_target_val_spec_case     ? 
_refine.overall_FOM_work_R_set                   ? 
_refine.B_iso_max                                157.820 
_refine.B_iso_min                                37.100 
_refine.occupancy_max                            1.000 
_refine.occupancy_min                            0.500 
_refine.pdbx_ls_sigma_I                          ? 
_refine.ls_redundancy_reflns_obs                 ? 
_refine.ls_R_factor_R_free_error_details         ? 
_refine.pdbx_data_cutoff_high_rms_absF           ? 
_refine.overall_FOM_free_R_set                   ? 
_refine.pdbx_overall_phase_error                 ? 
_refine.pdbx_refine_id                           'X-RAY DIFFRACTION' 
_refine.pdbx_overall_ESU_R                       ? 
_refine.pdbx_diffrn_id                           1 
_refine.pdbx_TLS_residual_ADP_flag               ? 
_refine.pdbx_overall_SU_R_free_Cruickshank_DPI   ? 
_refine.pdbx_overall_SU_R_Blow_DPI               ? 
_refine.pdbx_overall_SU_R_free_Blow_DPI          ? 
# 
_refine_analyze.entry_id                        3Q5K 
_refine_analyze.Luzzati_coordinate_error_obs    0.414 
_refine_analyze.Luzzati_sigma_a_obs             ? 
_refine_analyze.Luzzati_d_res_low_obs           ? 
_refine_analyze.Luzzati_coordinate_error_free   ? 
_refine_analyze.Luzzati_sigma_a_free            ? 
_refine_analyze.Luzzati_d_res_low_free          ? 
_refine_analyze.number_disordered_residues      ? 
_refine_analyze.occupancy_sum_non_hydrogen      ? 
_refine_analyze.occupancy_sum_hydrogen          ? 
_refine_analyze.pdbx_Luzzati_d_res_high_obs     ? 
_refine_analyze.pdbx_refine_id                  'X-RAY DIFFRACTION' 
# 
_refine_hist.pdbx_refine_id                   'X-RAY DIFFRACTION' 
_refine_hist.cycle_id                         LAST 
_refine_hist.pdbx_number_atoms_protein        1531 
_refine_hist.pdbx_number_atoms_nucleic_acid   0 
_refine_hist.pdbx_number_atoms_ligand         30 
_refine_hist.number_atoms_solvent             17 
_refine_hist.number_atoms_total               1578 
_refine_hist.d_res_high                       2.3500 
_refine_hist.d_res_low                        28.9800 
# 
loop_
_refine_ls_restr.type 
_refine_ls_restr.dev_ideal 
_refine_ls_restr.dev_ideal_target 
_refine_ls_restr.number 
_refine_ls_restr.weight 
_refine_ls_restr.pdbx_refine_id 
_refine_ls_restr.pdbx_restraint_function 
t_angle_deg 1.17  ? ? ? 'X-RAY DIFFRACTION' ? 
t_bond_d    0.010 ? ? ? 'X-RAY DIFFRACTION' ? 
# 
_refine_ls_shell.d_res_high                       2.3500 
_refine_ls_shell.d_res_low                        2.5400 
_refine_ls_shell.pdbx_total_number_of_bins_used   7 
_refine_ls_shell.percent_reflns_obs               ? 
_refine_ls_shell.number_reflns_R_work             2763 
_refine_ls_shell.R_factor_all                     0.2999 
_refine_ls_shell.R_factor_R_work                  0.2988 
_refine_ls_shell.R_factor_R_free                  0.3227 
_refine_ls_shell.percent_reflns_R_free            5.2800 
_refine_ls_shell.number_reflns_R_free             154 
_refine_ls_shell.R_factor_R_free_error            ? 
_refine_ls_shell.number_reflns_all                2917 
_refine_ls_shell.number_reflns_obs                ? 
_refine_ls_shell.redundancy_reflns_obs            ? 
_refine_ls_shell.pdbx_refine_id                   'X-RAY DIFFRACTION' 
# 
_struct.entry_id                  3Q5K 
_struct.title                     
'Crystal structure of the amino-terminal domain of HSP90 from Leishmania major, LMJF33.0312:M1-K213 in the presence of an inhibitor' 
_struct.pdbx_model_details        ? 
_struct.pdbx_CASP_flag            ? 
_struct.pdbx_model_type_details   ? 
# 
_struct_keywords.entry_id        3Q5K 
_struct_keywords.pdbx_keywords   CHAPERONE 
_struct_keywords.text            
'SLEEPING SICKNESS, LEISHMANIA, HEAT SHOCK PROTEIN, Structural Genomics, Structural Genomics Consortium, SGC, CHAPERONE' 
# 
loop_
_struct_asym.id 
_struct_asym.pdbx_blank_PDB_chainid_flag 
_struct_asym.pdbx_modified 
_struct_asym.entity_id 
_struct_asym.details 
A N N 1 ? 
B N N 2 ? 
C N N 3 ? 
# 
_struct_ref.id                         1 
_struct_ref.db_name                    UNP 
_struct_ref.db_code                    Q4Q4I6_LEIMA 
_struct_ref.pdbx_db_accession          Q4Q4I6 
_struct_ref.entity_id                  1 
_struct_ref.pdbx_seq_one_letter_code   
;MTETFAFQAEINQLMSLIINTFYSNKEIFLRELISNASDACDKIRYQSLTDPSVLGESPRLCIRVVPDKENKTLTVEDNG
IGMTKADLVNNLGTIARSGTKAFMEALEAGGDMSMIGQFGVGFYSAYLVADRVTVTSKNNSDESYVWESSAGGTFTITST
PESDMKRGTRITLHLKEDQMEYLEPRRLKELIKKHSEFIGYDIELMVEKTTEK
;
_struct_ref.pdbx_align_begin           1 
_struct_ref.pdbx_db_isoform            ? 
# 
_struct_ref_seq.align_id                      1 
_struct_ref_seq.ref_id                        1 
_struct_ref_seq.pdbx_PDB_id_code              3Q5K 
_struct_ref_seq.pdbx_strand_id                A 
_struct_ref_seq.seq_align_beg                 19 
_struct_ref_seq.pdbx_seq_align_beg_ins_code   ? 
_struct_ref_seq.seq_align_end                 231 
_struct_ref_seq.pdbx_seq_align_end_ins_code   ? 
_struct_ref_seq.pdbx_db_accession             Q4Q4I6 
_struct_ref_seq.db_align_beg                  1 
_struct_ref_seq.pdbx_db_align_beg_ins_code    ? 
_struct_ref_seq.db_align_end                  213 
_struct_ref_seq.pdbx_db_align_end_ins_code    ? 
_struct_ref_seq.pdbx_auth_seq_align_beg       1 
_struct_ref_seq.pdbx_auth_seq_align_end       213 
# 
loop_
_struct_ref_seq_dif.align_id 
_struct_ref_seq_dif.pdbx_pdb_id_code 
_struct_ref_seq_dif.mon_id 
_struct_ref_seq_dif.pdbx_pdb_strand_id 
_struct_ref_seq_dif.seq_num 
_struct_ref_seq_dif.pdbx_pdb_ins_code 
_struct_ref_seq_dif.pdbx_seq_db_name 
_struct_ref_seq_dif.pdbx_seq_db_accession_code 
_struct_ref_seq_dif.db_mon_id 
_struct_ref_seq_dif.pdbx_seq_db_seq_num 
_struct_ref_seq_dif.details 
_struct_ref_seq_dif.pdbx_auth_seq_num 
_struct_ref_seq_dif.pdbx_ordinal 
1 3Q5K MET A 1  ? UNP Q4Q4I6 ? ? 'expression tag' -17 1  
1 3Q5K HIS A 2  ? UNP Q4Q4I6 ? ? 'expression tag' -16 2  
1 3Q5K HIS A 3  ? UNP Q4Q4I6 ? ? 'expression tag' -15 3  
1 3Q5K HIS A 4  ? UNP Q4Q4I6 ? ? 'expression tag' -14 4  
1 3Q5K HIS A 5  ? UNP Q4Q4I6 ? ? 'expression tag' -13 5  
1 3Q5K HIS A 6  ? UNP Q4Q4I6 ? ? 'expression tag' -12 6  
1 3Q5K HIS A 7  ? UNP Q4Q4I6 ? ? 'expression tag' -11 7  
1 3Q5K SER A 8  ? UNP Q4Q4I6 ? ? 'expression tag' -10 8  
1 3Q5K SER A 9  ? UNP Q4Q4I6 ? ? 'expression tag' -9  9  
1 3Q5K GLY A 10 ? UNP Q4Q4I6 ? ? 'expression tag' -8  10 
1 3Q5K ARG A 11 ? UNP Q4Q4I6 ? ? 'expression tag' -7  11 
1 3Q5K GLU A 12 ? UNP Q4Q4I6 ? ? 'expression tag' -6  12 
1 3Q5K ASN A 13 ? UNP Q4Q4I6 ? ? 'expression tag' -5  13 
1 3Q5K LEU A 14 ? UNP Q4Q4I6 ? ? 'expression tag' -4  14 
1 3Q5K TYR A 15 ? UNP Q4Q4I6 ? ? 'expression tag' -3  15 
1 3Q5K PHE A 16 ? UNP Q4Q4I6 ? ? 'expression tag' -2  16 
1 3Q5K GLN A 17 ? UNP Q4Q4I6 ? ? 'expression tag' -1  17 
1 3Q5K GLY A 18 ? UNP Q4Q4I6 ? ? 'expression tag' 0   18 
# 
_pdbx_struct_assembly.id                   1 
_pdbx_struct_assembly.details              software_defined_assembly 
_pdbx_struct_assembly.method_details       PISA 
_pdbx_struct_assembly.oligomeric_details   dimeric 
_pdbx_struct_assembly.oligomeric_count     2 
# 
loop_
_pdbx_struct_assembly_prop.biol_id 
_pdbx_struct_assembly_prop.type 
_pdbx_struct_assembly_prop.value 
_pdbx_struct_assembly_prop.details 
1 'ABSA (A^2)' 1070  ? 
1 MORE         -9    ? 
1 'SSA (A^2)'  20020 ? 
# 
_pdbx_struct_assembly_gen.assembly_id       1 
_pdbx_struct_assembly_gen.oper_expression   1,2 
_pdbx_struct_assembly_gen.asym_id_list      A,B,C 
# 
loop_
_pdbx_struct_oper_list.id 
_pdbx_struct_oper_list.type 
_pdbx_struct_oper_list.name 
_pdbx_struct_oper_list.symmetry_operation 
_pdbx_struct_oper_list.matrix[1][1] 
_pdbx_struct_oper_list.matrix[1][2] 
_pdbx_struct_oper_list.matrix[1][3] 
_pdbx_struct_oper_list.vector[1] 
_pdbx_struct_oper_list.matrix[2][1] 
_pdbx_struct_oper_list.matrix[2][2] 
_pdbx_struct_oper_list.matrix[2][3] 
_pdbx_struct_oper_list.vector[2] 
_pdbx_struct_oper_list.matrix[3][1] 
_pdbx_struct_oper_list.matrix[3][2] 
_pdbx_struct_oper_list.matrix[3][3] 
_pdbx_struct_oper_list.vector[3] 
1 'identity operation'         1_555  x,y,z        1.0000000000  0.0000000000  0.0000000000  0.0000000000   0.0000000000  1.0000000000  0.0000000000 0.0000000000   0.0000000000  0.0000000000 1.0000000000 0.0000000000   
2 'crystal symmetry operation' 12_555 x,x-y,-z+1/3 -0.2583787584 -0.3854207055 -0.8858280290 -31.7104960846 -0.3854207055 -0.7996967834 0.4603650014 -27.7826230115 -0.8858280290 0.4603650014 0.0580755418 -14.4601196808 
# 
_struct_biol.id        1 
_struct_biol.details   ? 
# 
loop_
_struct_conf.conf_type_id 
_struct_conf.id 
_struct_conf.pdbx_PDB_helix_id 
_struct_conf.beg_label_comp_id 
_struct_conf.beg_label_asym_id 
_struct_conf.beg_label_seq_id 
_struct_conf.pdbx_beg_PDB_ins_code 
_struct_conf.end_label_comp_id 
_struct_conf.end_label_asym_id 
_struct_conf.end_label_seq_id 
_struct_conf.pdbx_end_PDB_ins_code 
_struct_conf.beg_auth_comp_id 
_struct_conf.beg_auth_asym_id 
_struct_conf.beg_auth_seq_id 
_struct_conf.end_auth_comp_id 
_struct_conf.end_auth_asym_id 
_struct_conf.end_auth_seq_id 
_struct_conf.pdbx_PDB_helix_class 
_struct_conf.details 
_struct_conf.pdbx_PDB_helix_length 
HELX_P HELX_P1 1 GLN A 26  ? THR A 39  ? GLN A 8   THR A 21  1 ? 14 
HELX_P HELX_P2 2 GLU A 45  ? LEU A 67  ? GLU A 27  LEU A 49  1 ? 23 
HELX_P HELX_P3 3 THR A 102 ? ASN A 109 ? THR A 84  ASN A 91  1 ? 8  
HELX_P HELX_P4 4 GLY A 111 ? ALA A 127 ? GLY A 93  ALA A 109 1 ? 17 
HELX_P HELX_P5 5 ASP A 130 ? GLY A 138 ? ASP A 112 GLY A 120 5 ? 9  
HELX_P HELX_P6 6 VAL A 139 ? LEU A 146 ? VAL A 121 LEU A 128 5 ? 8  
HELX_P HELX_P7 7 GLU A 195 ? LEU A 201 ? GLU A 177 LEU A 183 5 ? 7  
HELX_P HELX_P8 8 GLU A 202 ? GLU A 215 ? GLU A 184 GLU A 197 1 ? 14 
# 
_struct_conf_type.id          HELX_P 
_struct_conf_type.criteria    ? 
_struct_conf_type.reference   ? 
# 
_struct_sheet.id               A 
_struct_sheet.type             ? 
_struct_sheet.number_strands   8 
_struct_sheet.details          ? 
# 
loop_
_struct_sheet_order.sheet_id 
_struct_sheet_order.range_id_1 
_struct_sheet_order.range_id_2 
_struct_sheet_order.offset 
_struct_sheet_order.sense 
A 1 2 ? anti-parallel 
A 2 3 ? anti-parallel 
A 3 4 ? anti-parallel 
A 4 5 ? anti-parallel 
A 5 6 ? anti-parallel 
A 6 7 ? anti-parallel 
A 7 8 ? parallel      
# 
loop_
_struct_sheet_range.sheet_id 
_struct_sheet_range.id 
_struct_sheet_range.beg_label_comp_id 
_struct_sheet_range.beg_label_asym_id 
_struct_sheet_range.beg_label_seq_id 
_struct_sheet_range.pdbx_beg_PDB_ins_code 
_struct_sheet_range.end_label_comp_id 
_struct_sheet_range.end_label_asym_id 
_struct_sheet_range.end_label_seq_id 
_struct_sheet_range.pdbx_end_PDB_ins_code 
_struct_sheet_range.beg_auth_comp_id 
_struct_sheet_range.beg_auth_asym_id 
_struct_sheet_range.beg_auth_seq_id 
_struct_sheet_range.end_auth_comp_id 
_struct_sheet_range.end_auth_asym_id 
_struct_sheet_range.end_auth_seq_id 
A 1 MET A 19  ? ALA A 24  ? MET A 1   ALA A 6   
A 2 THR A 172 ? SER A 177 ? THR A 154 SER A 159 
A 3 TYR A 163 ? SER A 167 ? TYR A 145 SER A 149 
A 4 ALA A 148 ? LYS A 156 ? ALA A 130 LYS A 138 
A 5 GLY A 186 ? LEU A 193 ? GLY A 168 LEU A 175 
A 6 THR A 91  ? ASP A 96  ? THR A 73  ASP A 78  
A 7 CYS A 80  ? ASP A 86  ? CYS A 62  ASP A 68  
A 8 ASP A 220 ? LEU A 223 ? ASP A 202 LEU A 205 
# 
loop_
_pdbx_struct_sheet_hbond.sheet_id 
_pdbx_struct_sheet_hbond.range_id_1 
_pdbx_struct_sheet_hbond.range_id_2 
_pdbx_struct_sheet_hbond.range_1_label_atom_id 
_pdbx_struct_sheet_hbond.range_1_label_comp_id 
_pdbx_struct_sheet_hbond.range_1_label_asym_id 
_pdbx_struct_sheet_hbond.range_1_label_seq_id 
_pdbx_struct_sheet_hbond.range_1_PDB_ins_code 
_pdbx_struct_sheet_hbond.range_1_auth_atom_id 
_pdbx_struct_sheet_hbond.range_1_auth_comp_id 
_pdbx_struct_sheet_hbond.range_1_auth_asym_id 
_pdbx_struct_sheet_hbond.range_1_auth_seq_id 
_pdbx_struct_sheet_hbond.range_2_label_atom_id 
_pdbx_struct_sheet_hbond.range_2_label_comp_id 
_pdbx_struct_sheet_hbond.range_2_label_asym_id 
_pdbx_struct_sheet_hbond.range_2_label_seq_id 
_pdbx_struct_sheet_hbond.range_2_PDB_ins_code 
_pdbx_struct_sheet_hbond.range_2_auth_atom_id 
_pdbx_struct_sheet_hbond.range_2_auth_comp_id 
_pdbx_struct_sheet_hbond.range_2_auth_asym_id 
_pdbx_struct_sheet_hbond.range_2_auth_seq_id 
A 1 2 N GLU A 21  ? N GLU A 3   O ILE A 175 ? O ILE A 157 
A 2 3 O THR A 176 ? O THR A 158 N VAL A 164 ? N VAL A 146 
A 3 4 O TRP A 165 ? O TRP A 147 N VAL A 153 ? N VAL A 135 
A 4 5 N THR A 152 ? N THR A 134 O THR A 190 ? O THR A 172 
A 5 6 O LEU A 191 ? O LEU A 173 N LEU A 92  ? N LEU A 74  
A 6 7 O GLU A 95  ? O GLU A 77  N ARG A 82  ? N ARG A 64  
A 7 8 N VAL A 83  ? N VAL A 65  O GLU A 222 ? O GLU A 204 
# 
_struct_site.id                   AC1 
_struct_site.pdbx_evidence_code   Software 
_struct_site.pdbx_auth_asym_id    A 
_struct_site.pdbx_auth_comp_id    D1U 
_struct_site.pdbx_auth_seq_id     214 
_struct_site.pdbx_auth_ins_code   ? 
_struct_site.pdbx_num_residues    17 
_struct_site.details              'BINDING SITE FOR RESIDUE D1U A 214' 
# 
loop_
_struct_site_gen.id 
_struct_site_gen.site_id 
_struct_site_gen.pdbx_num_res 
_struct_site_gen.label_comp_id 
_struct_site_gen.label_asym_id 
_struct_site_gen.label_seq_id 
_struct_site_gen.pdbx_auth_ins_code 
_struct_site_gen.auth_comp_id 
_struct_site_gen.auth_asym_id 
_struct_site_gen.auth_seq_id 
_struct_site_gen.label_atom_id 
_struct_site_gen.label_alt_id 
_struct_site_gen.symmetry 
_struct_site_gen.details 
1  AC1 17 ASN A 54  ? ASN A 36  . ? 1_555 ? 
2  AC1 17 ALA A 58  ? ALA A 40  . ? 1_555 ? 
3  AC1 17 LYS A 61  ? LYS A 43  . ? 1_555 ? 
4  AC1 17 ASP A 96  ? ASP A 78  . ? 1_555 ? 
5  AC1 17 MET A 101 ? MET A 83  . ? 1_555 ? 
6  AC1 17 ASN A 109 ? ASN A 91  . ? 1_555 ? 
7  AC1 17 LEU A 110 ? LEU A 92  . ? 1_555 ? 
8  AC1 17 ALA A 114 ? ALA A 96  . ? 1_555 ? 
9  AC1 17 GLY A 138 ? GLY A 120 . ? 1_555 ? 
10 AC1 17 VAL A 139 ? VAL A 121 . ? 1_555 ? 
11 AC1 17 PHE A 141 ? PHE A 123 . ? 1_555 ? 
12 AC1 17 TYR A 142 ? TYR A 124 . ? 1_555 ? 
13 AC1 17 TRP A 165 ? TRP A 147 . ? 1_555 ? 
14 AC1 17 ILE A 189 ? ILE A 171 . ? 1_555 ? 
15 AC1 17 HOH C .   ? HOH A 215 . ? 1_555 ? 
16 AC1 17 HOH C .   ? HOH A 221 . ? 1_555 ? 
17 AC1 17 HOH C .   ? HOH A 222 . ? 1_555 ? 
# 
loop_
_pdbx_validate_torsion.id 
_pdbx_validate_torsion.PDB_model_num 
_pdbx_validate_torsion.auth_comp_id 
_pdbx_validate_torsion.auth_asym_id 
_pdbx_validate_torsion.auth_seq_id 
_pdbx_validate_torsion.PDB_ins_code 
_pdbx_validate_torsion.label_alt_id 
_pdbx_validate_torsion.phi 
_pdbx_validate_torsion.psi 
1 1 TYR A 23  ? ? -36.45  122.96 
2 1 ASN A 25  ? ? -103.25 54.38  
3 1 GLU A 27  ? ? -49.77  -16.19 
4 1 THR A 50  ? ? -139.87 -39.60 
5 1 ASP A 68  ? ? -150.06 88.37  
6 1 LEU A 92  ? ? 59.86   17.37  
7 1 ALA A 151 ? ? 70.12   40.75  
8 1 ASP A 164 ? ? -140.11 40.93  
# 
_pdbx_SG_project.id                    1 
_pdbx_SG_project.project_name          ? 
_pdbx_SG_project.full_name_of_center   'Structural Genomics Consortium' 
_pdbx_SG_project.initial_of_center     SGC 
# 
_pdbx_phasing_MR.entry_id                     3Q5K 
_pdbx_phasing_MR.method_rotation              ? 
_pdbx_phasing_MR.method_translation           ? 
_pdbx_phasing_MR.model_details                'Phaser MODE: MR_AUTO' 
_pdbx_phasing_MR.R_factor                     52.460 
_pdbx_phasing_MR.R_rigid_body                 ? 
_pdbx_phasing_MR.correlation_coeff_Fo_to_Fc   ? 
_pdbx_phasing_MR.correlation_coeff_Io_to_Ic   ? 
_pdbx_phasing_MR.d_res_high_rotation          2.500 
_pdbx_phasing_MR.d_res_low_rotation           28.980 
_pdbx_phasing_MR.d_res_high_translation       2.500 
_pdbx_phasing_MR.d_res_low_translation        28.980 
_pdbx_phasing_MR.packing                      ? 
_pdbx_phasing_MR.reflns_percent_rotation      ? 
_pdbx_phasing_MR.reflns_percent_translation   ? 
_pdbx_phasing_MR.sigma_F_rotation             ? 
_pdbx_phasing_MR.sigma_F_translation          ? 
_pdbx_phasing_MR.sigma_I_rotation             ? 
_pdbx_phasing_MR.sigma_I_translation          ? 
# 
_phasing.method   MR 
# 
loop_
_pdbx_unobs_or_zero_occ_residues.id 
_pdbx_unobs_or_zero_occ_residues.PDB_model_num 
_pdbx_unobs_or_zero_occ_residues.polymer_flag 
_pdbx_unobs_or_zero_occ_residues.occupancy_flag 
_pdbx_unobs_or_zero_occ_residues.auth_asym_id 
_pdbx_unobs_or_zero_occ_residues.auth_comp_id 
_pdbx_unobs_or_zero_occ_residues.auth_seq_id 
_pdbx_unobs_or_zero_occ_residues.PDB_ins_code 
_pdbx_unobs_or_zero_occ_residues.label_asym_id 
_pdbx_unobs_or_zero_occ_residues.label_comp_id 
_pdbx_unobs_or_zero_occ_residues.label_seq_id 
1  1 Y 1 A MET -17 ? A MET 1   
2  1 Y 1 A HIS -16 ? A HIS 2   
3  1 Y 1 A HIS -15 ? A HIS 3   
4  1 Y 1 A HIS -14 ? A HIS 4   
5  1 Y 1 A HIS -13 ? A HIS 5   
6  1 Y 1 A HIS -12 ? A HIS 6   
7  1 Y 1 A HIS -11 ? A HIS 7   
8  1 Y 1 A SER -10 ? A SER 8   
9  1 Y 1 A SER -9  ? A SER 9   
10 1 Y 1 A GLY -8  ? A GLY 10  
11 1 Y 1 A ARG -7  ? A ARG 11  
12 1 Y 1 A GLU -6  ? A GLU 12  
13 1 Y 1 A ASN -5  ? A ASN 13  
14 1 Y 1 A LEU 55  ? A LEU 73  
15 1 Y 1 A GLY 56  ? A GLY 74  
16 1 Y 1 A GLU 57  ? A GLU 75  
17 1 Y 1 A SER 58  ? A SER 76  
18 1 Y 1 A LYS 209 ? A LYS 227 
# 
loop_
_chem_comp_atom.comp_id 
_chem_comp_atom.atom_id 
_chem_comp_atom.type_symbol 
_chem_comp_atom.pdbx_aromatic_flag 
_chem_comp_atom.pdbx_stereo_config 
_chem_comp_atom.pdbx_ordinal 
ALA N    N N N 1   
ALA CA   C N S 2   
ALA C    C N N 3   
ALA O    O N N 4   
ALA CB   C N N 5   
ALA OXT  O N N 6   
ALA H    H N N 7   
ALA H2   H N N 8   
ALA HA   H N N 9   
ALA HB1  H N N 10  
ALA HB2  H N N 11  
ALA HB3  H N N 12  
ALA HXT  H N N 13  
ARG N    N N N 14  
ARG CA   C N S 15  
ARG C    C N N 16  
ARG O    O N N 17  
ARG CB   C N N 18  
ARG CG   C N N 19  
ARG CD   C N N 20  
ARG NE   N N N 21  
ARG CZ   C N N 22  
ARG NH1  N N N 23  
ARG NH2  N N N 24  
ARG OXT  O N N 25  
ARG H    H N N 26  
ARG H2   H N N 27  
ARG HA   H N N 28  
ARG HB2  H N N 29  
ARG HB3  H N N 30  
ARG HG2  H N N 31  
ARG HG3  H N N 32  
ARG HD2  H N N 33  
ARG HD3  H N N 34  
ARG HE   H N N 35  
ARG HH11 H N N 36  
ARG HH12 H N N 37  
ARG HH21 H N N 38  
ARG HH22 H N N 39  
ARG HXT  H N N 40  
ASN N    N N N 41  
ASN CA   C N S 42  
ASN C    C N N 43  
ASN O    O N N 44  
ASN CB   C N N 45  
ASN CG   C N N 46  
ASN OD1  O N N 47  
ASN ND2  N N N 48  
ASN OXT  O N N 49  
ASN H    H N N 50  
ASN H2   H N N 51  
ASN HA   H N N 52  
ASN HB2  H N N 53  
ASN HB3  H N N 54  
ASN HD21 H N N 55  
ASN HD22 H N N 56  
ASN HXT  H N N 57  
ASP N    N N N 58  
ASP CA   C N S 59  
ASP C    C N N 60  
ASP O    O N N 61  
ASP CB   C N N 62  
ASP CG   C N N 63  
ASP OD1  O N N 64  
ASP OD2  O N N 65  
ASP OXT  O N N 66  
ASP H    H N N 67  
ASP H2   H N N 68  
ASP HA   H N N 69  
ASP HB2  H N N 70  
ASP HB3  H N N 71  
ASP HD2  H N N 72  
ASP HXT  H N N 73  
CYS N    N N N 74  
CYS CA   C N R 75  
CYS C    C N N 76  
CYS O    O N N 77  
CYS CB   C N N 78  
CYS SG   S N N 79  
CYS OXT  O N N 80  
CYS H    H N N 81  
CYS H2   H N N 82  
CYS HA   H N N 83  
CYS HB2  H N N 84  
CYS HB3  H N N 85  
CYS HG   H N N 86  
CYS HXT  H N N 87  
D1U CAA  C N N 88  
D1U CAB  C N N 89  
D1U CAC  C N N 90  
D1U NAD  N N N 91  
D1U OAE  O N N 92  
D1U OAF  O N N 93  
D1U FAG  F N N 94  
D1U FAH  F N N 95  
D1U FAI  F N N 96  
D1U CAJ  C Y N 97  
D1U CAK  C Y N 98  
D1U CAL  C Y N 99  
D1U CAM  C N N 100 
D1U CAN  C N N 101 
D1U CAO  C N N 102 
D1U CAP  C N N 103 
D1U NAQ  N Y N 104 
D1U NAR  N N N 105 
D1U SAS  S N N 106 
D1U CAT  C N N 107 
D1U CAU  C N N 108 
D1U CAV  C Y N 109 
D1U CAW  C Y N 110 
D1U CAX  C Y N 111 
D1U CAY  C Y N 112 
D1U CAZ  C Y N 113 
D1U CBA  C Y N 114 
D1U NBB  N Y N 115 
D1U CBC  C N N 116 
D1U CBD  C N N 117 
D1U HAA  H N N 118 
D1U HAAA H N N 119 
D1U HAAB H N N 120 
D1U HAB  H N N 121 
D1U HABA H N N 122 
D1U HABB H N N 123 
D1U HAC  H N N 124 
D1U HACA H N N 125 
D1U HACB H N N 126 
D1U HNAD H N N 127 
D1U HNAA H N N 128 
D1U HAJ  H N N 129 
D1U HAK  H N N 130 
D1U HAL  H N N 131 
D1U HAM  H N N 132 
D1U HAMA H N N 133 
D1U HAN  H N N 134 
D1U HANA H N N 135 
D1U HAO  H N N 136 
D1U HAOA H N N 137 
D1U HAP  H N N 138 
D1U HAPA H N N 139 
D1U HNAR H N N 140 
GLN N    N N N 141 
GLN CA   C N S 142 
GLN C    C N N 143 
GLN O    O N N 144 
GLN CB   C N N 145 
GLN CG   C N N 146 
GLN CD   C N N 147 
GLN OE1  O N N 148 
GLN NE2  N N N 149 
GLN OXT  O N N 150 
GLN H    H N N 151 
GLN H2   H N N 152 
GLN HA   H N N 153 
GLN HB2  H N N 154 
GLN HB3  H N N 155 
GLN HG2  H N N 156 
GLN HG3  H N N 157 
GLN HE21 H N N 158 
GLN HE22 H N N 159 
GLN HXT  H N N 160 
GLU N    N N N 161 
GLU CA   C N S 162 
GLU C    C N N 163 
GLU O    O N N 164 
GLU CB   C N N 165 
GLU CG   C N N 166 
GLU CD   C N N 167 
GLU OE1  O N N 168 
GLU OE2  O N N 169 
GLU OXT  O N N 170 
GLU H    H N N 171 
GLU H2   H N N 172 
GLU HA   H N N 173 
GLU HB2  H N N 174 
GLU HB3  H N N 175 
GLU HG2  H N N 176 
GLU HG3  H N N 177 
GLU HE2  H N N 178 
GLU HXT  H N N 179 
GLY N    N N N 180 
GLY CA   C N N 181 
GLY C    C N N 182 
GLY O    O N N 183 
GLY OXT  O N N 184 
GLY H    H N N 185 
GLY H2   H N N 186 
GLY HA2  H N N 187 
GLY HA3  H N N 188 
GLY HXT  H N N 189 
HIS N    N N N 190 
HIS CA   C N S 191 
HIS C    C N N 192 
HIS O    O N N 193 
HIS CB   C N N 194 
HIS CG   C Y N 195 
HIS ND1  N Y N 196 
HIS CD2  C Y N 197 
HIS CE1  C Y N 198 
HIS NE2  N Y N 199 
HIS OXT  O N N 200 
HIS H    H N N 201 
HIS H2   H N N 202 
HIS HA   H N N 203 
HIS HB2  H N N 204 
HIS HB3  H N N 205 
HIS HD1  H N N 206 
HIS HD2  H N N 207 
HIS HE1  H N N 208 
HIS HE2  H N N 209 
HIS HXT  H N N 210 
HOH O    O N N 211 
HOH H1   H N N 212 
HOH H2   H N N 213 
ILE N    N N N 214 
ILE CA   C N S 215 
ILE C    C N N 216 
ILE O    O N N 217 
ILE CB   C N S 218 
ILE CG1  C N N 219 
ILE CG2  C N N 220 
ILE CD1  C N N 221 
ILE OXT  O N N 222 
ILE H    H N N 223 
ILE H2   H N N 224 
ILE HA   H N N 225 
ILE HB   H N N 226 
ILE HG12 H N N 227 
ILE HG13 H N N 228 
ILE HG21 H N N 229 
ILE HG22 H N N 230 
ILE HG23 H N N 231 
ILE HD11 H N N 232 
ILE HD12 H N N 233 
ILE HD13 H N N 234 
ILE HXT  H N N 235 
LEU N    N N N 236 
LEU CA   C N S 237 
LEU C    C N N 238 
LEU O    O N N 239 
LEU CB   C N N 240 
LEU CG   C N N 241 
LEU CD1  C N N 242 
LEU CD2  C N N 243 
LEU OXT  O N N 244 
LEU H    H N N 245 
LEU H2   H N N 246 
LEU HA   H N N 247 
LEU HB2  H N N 248 
LEU HB3  H N N 249 
LEU HG   H N N 250 
LEU HD11 H N N 251 
LEU HD12 H N N 252 
LEU HD13 H N N 253 
LEU HD21 H N N 254 
LEU HD22 H N N 255 
LEU HD23 H N N 256 
LEU HXT  H N N 257 
LYS N    N N N 258 
LYS CA   C N S 259 
LYS C    C N N 260 
LYS O    O N N 261 
LYS CB   C N N 262 
LYS CG   C N N 263 
LYS CD   C N N 264 
LYS CE   C N N 265 
LYS NZ   N N N 266 
LYS OXT  O N N 267 
LYS H    H N N 268 
LYS H2   H N N 269 
LYS HA   H N N 270 
LYS HB2  H N N 271 
LYS HB3  H N N 272 
LYS HG2  H N N 273 
LYS HG3  H N N 274 
LYS HD2  H N N 275 
LYS HD3  H N N 276 
LYS HE2  H N N 277 
LYS HE3  H N N 278 
LYS HZ1  H N N 279 
LYS HZ2  H N N 280 
LYS HZ3  H N N 281 
LYS HXT  H N N 282 
MET N    N N N 283 
MET CA   C N S 284 
MET C    C N N 285 
MET O    O N N 286 
MET CB   C N N 287 
MET CG   C N N 288 
MET SD   S N N 289 
MET CE   C N N 290 
MET OXT  O N N 291 
MET H    H N N 292 
MET H2   H N N 293 
MET HA   H N N 294 
MET HB2  H N N 295 
MET HB3  H N N 296 
MET HG2  H N N 297 
MET HG3  H N N 298 
MET HE1  H N N 299 
MET HE2  H N N 300 
MET HE3  H N N 301 
MET HXT  H N N 302 
PHE N    N N N 303 
PHE CA   C N S 304 
PHE C    C N N 305 
PHE O    O N N 306 
PHE CB   C N N 307 
PHE CG   C Y N 308 
PHE CD1  C Y N 309 
PHE CD2  C Y N 310 
PHE CE1  C Y N 311 
PHE CE2  C Y N 312 
PHE CZ   C Y N 313 
PHE OXT  O N N 314 
PHE H    H N N 315 
PHE H2   H N N 316 
PHE HA   H N N 317 
PHE HB2  H N N 318 
PHE HB3  H N N 319 
PHE HD1  H N N 320 
PHE HD2  H N N 321 
PHE HE1  H N N 322 
PHE HE2  H N N 323 
PHE HZ   H N N 324 
PHE HXT  H N N 325 
PRO N    N N N 326 
PRO CA   C N S 327 
PRO C    C N N 328 
PRO O    O N N 329 
PRO CB   C N N 330 
PRO CG   C N N 331 
PRO CD   C N N 332 
PRO OXT  O N N 333 
PRO H    H N N 334 
PRO HA   H N N 335 
PRO HB2  H N N 336 
PRO HB3  H N N 337 
PRO HG2  H N N 338 
PRO HG3  H N N 339 
PRO HD2  H N N 340 
PRO HD3  H N N 341 
PRO HXT  H N N 342 
SER N    N N N 343 
SER CA   C N S 344 
SER C    C N N 345 
SER O    O N N 346 
SER CB   C N N 347 
SER OG   O N N 348 
SER OXT  O N N 349 
SER H    H N N 350 
SER H2   H N N 351 
SER HA   H N N 352 
SER HB2  H N N 353 
SER HB3  H N N 354 
SER HG   H N N 355 
SER HXT  H N N 356 
THR N    N N N 357 
THR CA   C N S 358 
THR C    C N N 359 
THR O    O N N 360 
THR CB   C N R 361 
THR OG1  O N N 362 
THR CG2  C N N 363 
THR OXT  O N N 364 
THR H    H N N 365 
THR H2   H N N 366 
THR HA   H N N 367 
THR HB   H N N 368 
THR HG1  H N N 369 
THR HG21 H N N 370 
THR HG22 H N N 371 
THR HG23 H N N 372 
THR HXT  H N N 373 
TRP N    N N N 374 
TRP CA   C N S 375 
TRP C    C N N 376 
TRP O    O N N 377 
TRP CB   C N N 378 
TRP CG   C Y N 379 
TRP CD1  C Y N 380 
TRP CD2  C Y N 381 
TRP NE1  N Y N 382 
TRP CE2  C Y N 383 
TRP CE3  C Y N 384 
TRP CZ2  C Y N 385 
TRP CZ3  C Y N 386 
TRP CH2  C Y N 387 
TRP OXT  O N N 388 
TRP H    H N N 389 
TRP H2   H N N 390 
TRP HA   H N N 391 
TRP HB2  H N N 392 
TRP HB3  H N N 393 
TRP HD1  H N N 394 
TRP HE1  H N N 395 
TRP HE3  H N N 396 
TRP HZ2  H N N 397 
TRP HZ3  H N N 398 
TRP HH2  H N N 399 
TRP HXT  H N N 400 
TYR N    N N N 401 
TYR CA   C N S 402 
TYR C    C N N 403 
TYR O    O N N 404 
TYR CB   C N N 405 
TYR CG   C Y N 406 
TYR CD1  C Y N 407 
TYR CD2  C Y N 408 
TYR CE1  C Y N 409 
TYR CE2  C Y N 410 
TYR CZ   C Y N 411 
TYR OH   O N N 412 
TYR OXT  O N N 413 
TYR H    H N N 414 
TYR H2   H N N 415 
TYR HA   H N N 416 
TYR HB2  H N N 417 
TYR HB3  H N N 418 
TYR HD1  H N N 419 
TYR HD2  H N N 420 
TYR HE1  H N N 421 
TYR HE2  H N N 422 
TYR HH   H N N 423 
TYR HXT  H N N 424 
VAL N    N N N 425 
VAL CA   C N S 426 
VAL C    C N N 427 
VAL O    O N N 428 
VAL CB   C N N 429 
VAL CG1  C N N 430 
VAL CG2  C N N 431 
VAL OXT  O N N 432 
VAL H    H N N 433 
VAL H2   H N N 434 
VAL HA   H N N 435 
VAL HB   H N N 436 
VAL HG11 H N N 437 
VAL HG12 H N N 438 
VAL HG13 H N N 439 
VAL HG21 H N N 440 
VAL HG22 H N N 441 
VAL HG23 H N N 442 
VAL HXT  H N N 443 
# 
loop_
_chem_comp_bond.comp_id 
_chem_comp_bond.atom_id_1 
_chem_comp_bond.atom_id_2 
_chem_comp_bond.value_order 
_chem_comp_bond.pdbx_aromatic_flag 
_chem_comp_bond.pdbx_stereo_config 
_chem_comp_bond.pdbx_ordinal 
ALA N   CA   sing N N 1   
ALA N   H    sing N N 2   
ALA N   H2   sing N N 3   
ALA CA  C    sing N N 4   
ALA CA  CB   sing N N 5   
ALA CA  HA   sing N N 6   
ALA C   O    doub N N 7   
ALA C   OXT  sing N N 8   
ALA CB  HB1  sing N N 9   
ALA CB  HB2  sing N N 10  
ALA CB  HB3  sing N N 11  
ALA OXT HXT  sing N N 12  
ARG N   CA   sing N N 13  
ARG N   H    sing N N 14  
ARG N   H2   sing N N 15  
ARG CA  C    sing N N 16  
ARG CA  CB   sing N N 17  
ARG CA  HA   sing N N 18  
ARG C   O    doub N N 19  
ARG C   OXT  sing N N 20  
ARG CB  CG   sing N N 21  
ARG CB  HB2  sing N N 22  
ARG CB  HB3  sing N N 23  
ARG CG  CD   sing N N 24  
ARG CG  HG2  sing N N 25  
ARG CG  HG3  sing N N 26  
ARG CD  NE   sing N N 27  
ARG CD  HD2  sing N N 28  
ARG CD  HD3  sing N N 29  
ARG NE  CZ   sing N N 30  
ARG NE  HE   sing N N 31  
ARG CZ  NH1  sing N N 32  
ARG CZ  NH2  doub N N 33  
ARG NH1 HH11 sing N N 34  
ARG NH1 HH12 sing N N 35  
ARG NH2 HH21 sing N N 36  
ARG NH2 HH22 sing N N 37  
ARG OXT HXT  sing N N 38  
ASN N   CA   sing N N 39  
ASN N   H    sing N N 40  
ASN N   H2   sing N N 41  
ASN CA  C    sing N N 42  
ASN CA  CB   sing N N 43  
ASN CA  HA   sing N N 44  
ASN C   O    doub N N 45  
ASN C   OXT  sing N N 46  
ASN CB  CG   sing N N 47  
ASN CB  HB2  sing N N 48  
ASN CB  HB3  sing N N 49  
ASN CG  OD1  doub N N 50  
ASN CG  ND2  sing N N 51  
ASN ND2 HD21 sing N N 52  
ASN ND2 HD22 sing N N 53  
ASN OXT HXT  sing N N 54  
ASP N   CA   sing N N 55  
ASP N   H    sing N N 56  
ASP N   H2   sing N N 57  
ASP CA  C    sing N N 58  
ASP CA  CB   sing N N 59  
ASP CA  HA   sing N N 60  
ASP C   O    doub N N 61  
ASP C   OXT  sing N N 62  
ASP CB  CG   sing N N 63  
ASP CB  HB2  sing N N 64  
ASP CB  HB3  sing N N 65  
ASP CG  OD1  doub N N 66  
ASP CG  OD2  sing N N 67  
ASP OD2 HD2  sing N N 68  
ASP OXT HXT  sing N N 69  
CYS N   CA   sing N N 70  
CYS N   H    sing N N 71  
CYS N   H2   sing N N 72  
CYS CA  C    sing N N 73  
CYS CA  CB   sing N N 74  
CYS CA  HA   sing N N 75  
CYS C   O    doub N N 76  
CYS C   OXT  sing N N 77  
CYS CB  SG   sing N N 78  
CYS CB  HB2  sing N N 79  
CYS CB  HB3  sing N N 80  
CYS SG  HG   sing N N 81  
CYS OXT HXT  sing N N 82  
D1U CAA SAS  sing N N 83  
D1U CAA HAA  sing N N 84  
D1U CAA HAAA sing N N 85  
D1U CAA HAAB sing N N 86  
D1U CBC CAB  sing N N 87  
D1U CAB HAB  sing N N 88  
D1U CAB HABA sing N N 89  
D1U CAB HABB sing N N 90  
D1U CBC CAC  sing N N 91  
D1U CAC HAC  sing N N 92  
D1U CAC HACA sing N N 93  
D1U CAC HACB sing N N 94  
D1U NAD CAT  sing N N 95  
D1U NAD HNAD sing N N 96  
D1U NAD HNAA sing N N 97  
D1U CAT OAE  doub N N 98  
D1U CAU OAF  doub N N 99  
D1U CBD FAG  sing N N 100 
D1U FAH CBD  sing N N 101 
D1U FAI CBD  sing N N 102 
D1U CAK CAJ  doub Y N 103 
D1U CAJ CAV  sing Y N 104 
D1U CAJ HAJ  sing N N 105 
D1U CAX CAK  sing Y N 106 
D1U CAK HAK  sing N N 107 
D1U CAW CAL  sing Y N 108 
D1U CAL CAV  doub Y N 109 
D1U CAL HAL  sing N N 110 
D1U NAR CAM  sing N N 111 
D1U CAN CAM  sing N N 112 
D1U CAM HAM  sing N N 113 
D1U CAM HAMA sing N N 114 
D1U SAS CAN  sing N N 115 
D1U CAN HAN  sing N N 116 
D1U CAN HANA sing N N 117 
D1U CAU CAO  sing N N 118 
D1U CBC CAO  sing N N 119 
D1U CAO HAO  sing N N 120 
D1U CAO HAOA sing N N 121 
D1U CAY CAP  sing N N 122 
D1U CAP CBC  sing N N 123 
D1U CAP HAP  sing N N 124 
D1U CAP HAPA sing N N 125 
D1U NAQ NBB  sing Y N 126 
D1U NAQ CAZ  doub Y N 127 
D1U NAR CAW  sing N N 128 
D1U NAR HNAR sing N N 129 
D1U CAT CAX  sing N N 130 
D1U CBA CAU  sing N N 131 
D1U CAV NBB  sing Y N 132 
D1U CAX CAW  doub Y N 133 
D1U NBB CAY  sing Y N 134 
D1U CAY CBA  doub Y N 135 
D1U CBD CAZ  sing N N 136 
D1U CAZ CBA  sing Y N 137 
GLN N   CA   sing N N 138 
GLN N   H    sing N N 139 
GLN N   H2   sing N N 140 
GLN CA  C    sing N N 141 
GLN CA  CB   sing N N 142 
GLN CA  HA   sing N N 143 
GLN C   O    doub N N 144 
GLN C   OXT  sing N N 145 
GLN CB  CG   sing N N 146 
GLN CB  HB2  sing N N 147 
GLN CB  HB3  sing N N 148 
GLN CG  CD   sing N N 149 
GLN CG  HG2  sing N N 150 
GLN CG  HG3  sing N N 151 
GLN CD  OE1  doub N N 152 
GLN CD  NE2  sing N N 153 
GLN NE2 HE21 sing N N 154 
GLN NE2 HE22 sing N N 155 
GLN OXT HXT  sing N N 156 
GLU N   CA   sing N N 157 
GLU N   H    sing N N 158 
GLU N   H2   sing N N 159 
GLU CA  C    sing N N 160 
GLU CA  CB   sing N N 161 
GLU CA  HA   sing N N 162 
GLU C   O    doub N N 163 
GLU C   OXT  sing N N 164 
GLU CB  CG   sing N N 165 
GLU CB  HB2  sing N N 166 
GLU CB  HB3  sing N N 167 
GLU CG  CD   sing N N 168 
GLU CG  HG2  sing N N 169 
GLU CG  HG3  sing N N 170 
GLU CD  OE1  doub N N 171 
GLU CD  OE2  sing N N 172 
GLU OE2 HE2  sing N N 173 
GLU OXT HXT  sing N N 174 
GLY N   CA   sing N N 175 
GLY N   H    sing N N 176 
GLY N   H2   sing N N 177 
GLY CA  C    sing N N 178 
GLY CA  HA2  sing N N 179 
GLY CA  HA3  sing N N 180 
GLY C   O    doub N N 181 
GLY C   OXT  sing N N 182 
GLY OXT HXT  sing N N 183 
HIS N   CA   sing N N 184 
HIS N   H    sing N N 185 
HIS N   H2   sing N N 186 
HIS CA  C    sing N N 187 
HIS CA  CB   sing N N 188 
HIS CA  HA   sing N N 189 
HIS C   O    doub N N 190 
HIS C   OXT  sing N N 191 
HIS CB  CG   sing N N 192 
HIS CB  HB2  sing N N 193 
HIS CB  HB3  sing N N 194 
HIS CG  ND1  sing Y N 195 
HIS CG  CD2  doub Y N 196 
HIS ND1 CE1  doub Y N 197 
HIS ND1 HD1  sing N N 198 
HIS CD2 NE2  sing Y N 199 
HIS CD2 HD2  sing N N 200 
HIS CE1 NE2  sing Y N 201 
HIS CE1 HE1  sing N N 202 
HIS NE2 HE2  sing N N 203 
HIS OXT HXT  sing N N 204 
HOH O   H1   sing N N 205 
HOH O   H2   sing N N 206 
ILE N   CA   sing N N 207 
ILE N   H    sing N N 208 
ILE N   H2   sing N N 209 
ILE CA  C    sing N N 210 
ILE CA  CB   sing N N 211 
ILE CA  HA   sing N N 212 
ILE C   O    doub N N 213 
ILE C   OXT  sing N N 214 
ILE CB  CG1  sing N N 215 
ILE CB  CG2  sing N N 216 
ILE CB  HB   sing N N 217 
ILE CG1 CD1  sing N N 218 
ILE CG1 HG12 sing N N 219 
ILE CG1 HG13 sing N N 220 
ILE CG2 HG21 sing N N 221 
ILE CG2 HG22 sing N N 222 
ILE CG2 HG23 sing N N 223 
ILE CD1 HD11 sing N N 224 
ILE CD1 HD12 sing N N 225 
ILE CD1 HD13 sing N N 226 
ILE OXT HXT  sing N N 227 
LEU N   CA   sing N N 228 
LEU N   H    sing N N 229 
LEU N   H2   sing N N 230 
LEU CA  C    sing N N 231 
LEU CA  CB   sing N N 232 
LEU CA  HA   sing N N 233 
LEU C   O    doub N N 234 
LEU C   OXT  sing N N 235 
LEU CB  CG   sing N N 236 
LEU CB  HB2  sing N N 237 
LEU CB  HB3  sing N N 238 
LEU CG  CD1  sing N N 239 
LEU CG  CD2  sing N N 240 
LEU CG  HG   sing N N 241 
LEU CD1 HD11 sing N N 242 
LEU CD1 HD12 sing N N 243 
LEU CD1 HD13 sing N N 244 
LEU CD2 HD21 sing N N 245 
LEU CD2 HD22 sing N N 246 
LEU CD2 HD23 sing N N 247 
LEU OXT HXT  sing N N 248 
LYS N   CA   sing N N 249 
LYS N   H    sing N N 250 
LYS N   H2   sing N N 251 
LYS CA  C    sing N N 252 
LYS CA  CB   sing N N 253 
LYS CA  HA   sing N N 254 
LYS C   O    doub N N 255 
LYS C   OXT  sing N N 256 
LYS CB  CG   sing N N 257 
LYS CB  HB2  sing N N 258 
LYS CB  HB3  sing N N 259 
LYS CG  CD   sing N N 260 
LYS CG  HG2  sing N N 261 
LYS CG  HG3  sing N N 262 
LYS CD  CE   sing N N 263 
LYS CD  HD2  sing N N 264 
LYS CD  HD3  sing N N 265 
LYS CE  NZ   sing N N 266 
LYS CE  HE2  sing N N 267 
LYS CE  HE3  sing N N 268 
LYS NZ  HZ1  sing N N 269 
LYS NZ  HZ2  sing N N 270 
LYS NZ  HZ3  sing N N 271 
LYS OXT HXT  sing N N 272 
MET N   CA   sing N N 273 
MET N   H    sing N N 274 
MET N   H2   sing N N 275 
MET CA  C    sing N N 276 
MET CA  CB   sing N N 277 
MET CA  HA   sing N N 278 
MET C   O    doub N N 279 
MET C   OXT  sing N N 280 
MET CB  CG   sing N N 281 
MET CB  HB2  sing N N 282 
MET CB  HB3  sing N N 283 
MET CG  SD   sing N N 284 
MET CG  HG2  sing N N 285 
MET CG  HG3  sing N N 286 
MET SD  CE   sing N N 287 
MET CE  HE1  sing N N 288 
MET CE  HE2  sing N N 289 
MET CE  HE3  sing N N 290 
MET OXT HXT  sing N N 291 
PHE N   CA   sing N N 292 
PHE N   H    sing N N 293 
PHE N   H2   sing N N 294 
PHE CA  C    sing N N 295 
PHE CA  CB   sing N N 296 
PHE CA  HA   sing N N 297 
PHE C   O    doub N N 298 
PHE C   OXT  sing N N 299 
PHE CB  CG   sing N N 300 
PHE CB  HB2  sing N N 301 
PHE CB  HB3  sing N N 302 
PHE CG  CD1  doub Y N 303 
PHE CG  CD2  sing Y N 304 
PHE CD1 CE1  sing Y N 305 
PHE CD1 HD1  sing N N 306 
PHE CD2 CE2  doub Y N 307 
PHE CD2 HD2  sing N N 308 
PHE CE1 CZ   doub Y N 309 
PHE CE1 HE1  sing N N 310 
PHE CE2 CZ   sing Y N 311 
PHE CE2 HE2  sing N N 312 
PHE CZ  HZ   sing N N 313 
PHE OXT HXT  sing N N 314 
PRO N   CA   sing N N 315 
PRO N   CD   sing N N 316 
PRO N   H    sing N N 317 
PRO CA  C    sing N N 318 
PRO CA  CB   sing N N 319 
PRO CA  HA   sing N N 320 
PRO C   O    doub N N 321 
PRO C   OXT  sing N N 322 
PRO CB  CG   sing N N 323 
PRO CB  HB2  sing N N 324 
PRO CB  HB3  sing N N 325 
PRO CG  CD   sing N N 326 
PRO CG  HG2  sing N N 327 
PRO CG  HG3  sing N N 328 
PRO CD  HD2  sing N N 329 
PRO CD  HD3  sing N N 330 
PRO OXT HXT  sing N N 331 
SER N   CA   sing N N 332 
SER N   H    sing N N 333 
SER N   H2   sing N N 334 
SER CA  C    sing N N 335 
SER CA  CB   sing N N 336 
SER CA  HA   sing N N 337 
SER C   O    doub N N 338 
SER C   OXT  sing N N 339 
SER CB  OG   sing N N 340 
SER CB  HB2  sing N N 341 
SER CB  HB3  sing N N 342 
SER OG  HG   sing N N 343 
SER OXT HXT  sing N N 344 
THR N   CA   sing N N 345 
THR N   H    sing N N 346 
THR N   H2   sing N N 347 
THR CA  C    sing N N 348 
THR CA  CB   sing N N 349 
THR CA  HA   sing N N 350 
THR C   O    doub N N 351 
THR C   OXT  sing N N 352 
THR CB  OG1  sing N N 353 
THR CB  CG2  sing N N 354 
THR CB  HB   sing N N 355 
THR OG1 HG1  sing N N 356 
THR CG2 HG21 sing N N 357 
THR CG2 HG22 sing N N 358 
THR CG2 HG23 sing N N 359 
THR OXT HXT  sing N N 360 
TRP N   CA   sing N N 361 
TRP N   H    sing N N 362 
TRP N   H2   sing N N 363 
TRP CA  C    sing N N 364 
TRP CA  CB   sing N N 365 
TRP CA  HA   sing N N 366 
TRP C   O    doub N N 367 
TRP C   OXT  sing N N 368 
TRP CB  CG   sing N N 369 
TRP CB  HB2  sing N N 370 
TRP CB  HB3  sing N N 371 
TRP CG  CD1  doub Y N 372 
TRP CG  CD2  sing Y N 373 
TRP CD1 NE1  sing Y N 374 
TRP CD1 HD1  sing N N 375 
TRP CD2 CE2  doub Y N 376 
TRP CD2 CE3  sing Y N 377 
TRP NE1 CE2  sing Y N 378 
TRP NE1 HE1  sing N N 379 
TRP CE2 CZ2  sing Y N 380 
TRP CE3 CZ3  doub Y N 381 
TRP CE3 HE3  sing N N 382 
TRP CZ2 CH2  doub Y N 383 
TRP CZ2 HZ2  sing N N 384 
TRP CZ3 CH2  sing Y N 385 
TRP CZ3 HZ3  sing N N 386 
TRP CH2 HH2  sing N N 387 
TRP OXT HXT  sing N N 388 
TYR N   CA   sing N N 389 
TYR N   H    sing N N 390 
TYR N   H2   sing N N 391 
TYR CA  C    sing N N 392 
TYR CA  CB   sing N N 393 
TYR CA  HA   sing N N 394 
TYR C   O    doub N N 395 
TYR C   OXT  sing N N 396 
TYR CB  CG   sing N N 397 
TYR CB  HB2  sing N N 398 
TYR CB  HB3  sing N N 399 
TYR CG  CD1  doub Y N 400 
TYR CG  CD2  sing Y N 401 
TYR CD1 CE1  sing Y N 402 
TYR CD1 HD1  sing N N 403 
TYR CD2 CE2  doub Y N 404 
TYR CD2 HD2  sing N N 405 
TYR CE1 CZ   doub Y N 406 
TYR CE1 HE1  sing N N 407 
TYR CE2 CZ   sing Y N 408 
TYR CE2 HE2  sing N N 409 
TYR CZ  OH   sing N N 410 
TYR OH  HH   sing N N 411 
TYR OXT HXT  sing N N 412 
VAL N   CA   sing N N 413 
VAL N   H    sing N N 414 
VAL N   H2   sing N N 415 
VAL CA  C    sing N N 416 
VAL CA  CB   sing N N 417 
VAL CA  HA   sing N N 418 
VAL C   O    doub N N 419 
VAL C   OXT  sing N N 420 
VAL CB  CG1  sing N N 421 
VAL CB  CG2  sing N N 422 
VAL CB  HB   sing N N 423 
VAL CG1 HG11 sing N N 424 
VAL CG1 HG12 sing N N 425 
VAL CG1 HG13 sing N N 426 
VAL CG2 HG21 sing N N 427 
VAL CG2 HG22 sing N N 428 
VAL CG2 HG23 sing N N 429 
VAL OXT HXT  sing N N 430 
# 
_atom_sites.entry_id                    3Q5K 
_atom_sites.fract_transf_matrix[1][1]   -0.00959804 
_atom_sites.fract_transf_matrix[1][2]   0.00498819 
_atom_sites.fract_transf_matrix[1][3]   0.01146422 
_atom_sites.fract_transf_matrix[2][1]   -0.00918841 
_atom_sites.fract_transf_matrix[2][2]   0.01259193 
_atom_sites.fract_transf_matrix[2][3]   -0.00233607 
_atom_sites.fract_transf_matrix[3][1]   -0.00339499 
_atom_sites.fract_transf_matrix[3][2]   -0.00278023 
_atom_sites.fract_transf_matrix[3][3]   -0.00163264 
_atom_sites.fract_transf_vector[1]      -0.309140 
_atom_sites.fract_transf_vector[2]      -0.142229 
_atom_sites.fract_transf_vector[3]      0.062429 
# 
loop_
_atom_type.symbol 
C 
F 
N 
O 
S 
# 
loop_
_atom_site.group_PDB 
_atom_site.id 
_atom_site.type_symbol 
_atom_site.label_atom_id 
_atom_site.label_alt_id 
_atom_site.label_comp_id 
_atom_site.label_asym_id 
_atom_site.label_entity_id 
_atom_site.label_seq_id 
_atom_site.pdbx_PDB_ins_code 
_atom_site.Cartn_x 
_atom_site.Cartn_y 
_atom_site.Cartn_z 
_atom_site.occupancy 
_atom_site.B_iso_or_equiv 
_atom_site.pdbx_formal_charge 
_atom_site.auth_seq_id 
_atom_site.auth_comp_id 
_atom_site.auth_asym_id 
_atom_site.auth_atom_id 
_atom_site.pdbx_PDB_model_num 
ATOM   1    N N   . LEU A 1 14  ? -22.186 -22.599 6.680   1.00 103.05 ? -4  LEU A N   1 
ATOM   2    C CA  . LEU A 1 14  ? -21.420 -23.744 7.188   1.00 103.23 ? -4  LEU A CA  1 
ATOM   3    C C   . LEU A 1 14  ? -20.403 -24.265 6.156   1.00 104.92 ? -4  LEU A C   1 
ATOM   4    O O   . LEU A 1 14  ? -19.238 -24.482 6.510   1.00 104.70 ? -4  LEU A O   1 
ATOM   5    C CB  . LEU A 1 14  ? -22.352 -24.897 7.644   1.00 103.71 ? -4  LEU A CB  1 
ATOM   6    C CG  . LEU A 1 14  ? -23.106 -24.734 8.971   1.00 109.00 ? -4  LEU A CG  1 
ATOM   7    C CD1 . LEU A 1 14  ? -24.359 -25.590 8.987   1.00 109.09 ? -4  LEU A CD1 1 
ATOM   8    C CD2 . LEU A 1 14  ? -22.219 -25.085 10.169  1.00 112.60 ? -4  LEU A CD2 1 
ATOM   9    N N   . TYR A 1 15  ? -20.855 -24.486 4.890   1.00 98.16  ? -3  TYR A N   1 
ATOM   10   C CA  . TYR A 1 15  ? -20.008 -24.972 3.797   1.00 96.36  ? -3  TYR A CA  1 
ATOM   11   C C   . TYR A 1 15  ? -19.386 -23.831 2.946   1.00 92.25  ? -3  TYR A C   1 
ATOM   12   O O   . TYR A 1 15  ? -18.734 -24.086 1.927   1.00 89.82  ? -3  TYR A O   1 
ATOM   13   C CB  A TYR A 1 15  ? -20.772 -26.000 2.943   1.00 99.04  ? -3  TYR A CB  1 
ATOM   14   C CG  A TYR A 1 15  ? -20.734 -27.408 3.506   1.00 102.96 ? -3  TYR A CG  1 
ATOM   15   C CD1 A TYR A 1 15  ? -21.836 -27.947 4.166   1.00 105.36 ? -3  TYR A CD1 1 
ATOM   16   C CD2 A TYR A 1 15  ? -19.598 -28.203 3.374   1.00 104.15 ? -3  TYR A CD2 1 
ATOM   17   C CE1 A TYR A 1 15  ? -21.805 -29.239 4.693   1.00 106.53 ? -3  TYR A CE1 1 
ATOM   18   C CE2 A TYR A 1 15  ? -19.554 -29.494 3.900   1.00 105.43 ? -3  TYR A CE2 1 
ATOM   19   C CZ  A TYR A 1 15  ? -20.659 -30.010 4.558   1.00 114.30 ? -3  TYR A CZ  1 
ATOM   20   O OH  A TYR A 1 15  ? -20.617 -31.288 5.069   1.00 116.46 ? -3  TYR A OH  1 
ATOM   21   N N   . PHE A 1 16  ? -19.558 -22.582 3.418   1.00 85.45  ? -2  PHE A N   1 
ATOM   22   C CA  . PHE A 1 16  ? -19.072 -21.324 2.833   1.00 84.08  ? -2  PHE A CA  1 
ATOM   23   C C   . PHE A 1 16  ? -17.545 -21.185 2.841   1.00 83.47  ? -2  PHE A C   1 
ATOM   24   O O   . PHE A 1 16  ? -16.922 -21.298 3.895   1.00 83.51  ? -2  PHE A O   1 
ATOM   25   C CB  . PHE A 1 16  ? -19.727 -20.144 3.566   1.00 86.00  ? -2  PHE A CB  1 
ATOM   26   C CG  . PHE A 1 16  ? -19.389 -18.756 3.080   1.00 87.57  ? -2  PHE A CG  1 
ATOM   27   C CD1 . PHE A 1 16  ? -19.895 -18.282 1.876   1.00 90.49  ? -2  PHE A CD1 1 
ATOM   28   C CD2 . PHE A 1 16  ? -18.643 -17.889 3.870   1.00 89.77  ? -2  PHE A CD2 1 
ATOM   29   C CE1 . PHE A 1 16  ? -19.618 -16.983 1.447   1.00 91.57  ? -2  PHE A CE1 1 
ATOM   30   C CE2 . PHE A 1 16  ? -18.376 -16.586 3.446   1.00 92.49  ? -2  PHE A CE2 1 
ATOM   31   C CZ  . PHE A 1 16  ? -18.880 -16.137 2.245   1.00 90.65  ? -2  PHE A CZ  1 
ATOM   32   N N   . GLN A 1 17  ? -16.957 -20.934 1.662   1.00 76.70  ? -1  GLN A N   1 
ATOM   33   C CA  . GLN A 1 17  ? -15.512 -20.770 1.459   1.00 75.09  ? -1  GLN A CA  1 
ATOM   34   C C   . GLN A 1 17  ? -15.108 -19.275 1.466   1.00 78.33  ? -1  GLN A C   1 
ATOM   35   O O   . GLN A 1 17  ? -14.007 -18.936 1.892   1.00 78.37  ? -1  GLN A O   1 
ATOM   36   C CB  . GLN A 1 17  ? -15.072 -21.412 0.133   1.00 76.05  ? -1  GLN A CB  1 
ATOM   37   C CG  . GLN A 1 17  ? -15.550 -22.840 -0.084  1.00 84.86  ? -1  GLN A CG  1 
ATOM   38   C CD  . GLN A 1 17  ? -14.555 -23.861 0.386   1.00 100.73 ? -1  GLN A CD  1 
ATOM   39   O OE1 . GLN A 1 17  ? -13.711 -24.333 -0.383  1.00 94.75  ? -1  GLN A OE1 1 
ATOM   40   N NE2 . GLN A 1 17  ? -14.658 -24.253 1.650   1.00 95.73  ? -1  GLN A NE2 1 
ATOM   41   N N   . GLY A 1 18  ? -15.988 -18.408 0.978   1.00 73.79  ? 0   GLY A N   1 
ATOM   42   C CA  . GLY A 1 18  ? -15.735 -16.979 0.932   1.00 73.00  ? 0   GLY A CA  1 
ATOM   43   C C   . GLY A 1 18  ? -16.528 -16.245 -0.123  1.00 75.65  ? 0   GLY A C   1 
ATOM   44   O O   . GLY A 1 18  ? -17.314 -16.851 -0.853  1.00 74.81  ? 0   GLY A O   1 
ATOM   45   N N   . MET A 1 19  ? -16.349 -14.920 -0.186  1.00 72.20  ? 1   MET A N   1 
ATOM   46   C CA  . MET A 1 19  ? -17.024 -14.084 -1.174  1.00 71.75  ? 1   MET A CA  1 
ATOM   47   C C   . MET A 1 19  ? -16.143 -13.003 -1.766  1.00 70.08  ? 1   MET A C   1 
ATOM   48   O O   . MET A 1 19  ? -15.171 -12.602 -1.156  1.00 69.42  ? 1   MET A O   1 
ATOM   49   C CB  . MET A 1 19  ? -18.372 -13.545 -0.673  1.00 74.88  ? 1   MET A CB  1 
ATOM   50   C CG  . MET A 1 19  ? -18.282 -12.344 0.200   1.00 80.67  ? 1   MET A CG  1 
ATOM   51   S SD  . MET A 1 19  ? -19.894 -11.525 0.188   1.00 87.74  ? 1   MET A SD  1 
ATOM   52   C CE  . MET A 1 19  ? -19.691 -10.400 1.591   1.00 84.21  ? 1   MET A CE  1 
ATOM   53   N N   . THR A 1 20  ? -16.488 -12.554 -2.962  1.00 63.42  ? 2   THR A N   1 
ATOM   54   C CA  . THR A 1 20  ? -15.782 -11.543 -3.710  1.00 61.42  ? 2   THR A CA  1 
ATOM   55   C C   . THR A 1 20  ? -16.817 -10.593 -4.242  1.00 64.74  ? 2   THR A C   1 
ATOM   56   O O   . THR A 1 20  ? -17.742 -11.021 -4.938  1.00 64.70  ? 2   THR A O   1 
ATOM   57   C CB  . THR A 1 20  ? -14.957 -12.191 -4.836  1.00 61.96  ? 2   THR A CB  1 
ATOM   58   O OG1 . THR A 1 20  ? -13.998 -13.078 -4.266  1.00 57.55  ? 2   THR A OG1 1 
ATOM   59   C CG2 . THR A 1 20  ? -14.233 -11.173 -5.710  1.00 58.00  ? 2   THR A CG2 1 
ATOM   60   N N   . GLU A 1 21  ? -16.668 -9.306  -3.911  1.00 59.73  ? 3   GLU A N   1 
ATOM   61   C CA  . GLU A 1 21  ? -17.518 -8.241  -4.417  1.00 59.43  ? 3   GLU A CA  1 
ATOM   62   C C   . GLU A 1 21  ? -16.680 -7.470  -5.441  1.00 62.87  ? 3   GLU A C   1 
ATOM   63   O O   . GLU A 1 21  ? -15.478 -7.343  -5.241  1.00 65.21  ? 3   GLU A O   1 
ATOM   64   C CB  . GLU A 1 21  ? -17.959 -7.332  -3.277  1.00 61.00  ? 3   GLU A CB  1 
ATOM   65   C CG  . GLU A 1 21  ? -19.015 -7.955  -2.394  1.00 70.83  ? 3   GLU A CG  1 
ATOM   66   C CD  . GLU A 1 21  ? -18.946 -7.481  -0.962  1.00 97.46  ? 3   GLU A CD  1 
ATOM   67   O OE1 . GLU A 1 21  ? -17.988 -7.873  -0.257  1.00 94.15  ? 3   GLU A OE1 1 
ATOM   68   O OE2 . GLU A 1 21  ? -19.853 -6.722  -0.545  1.00 95.92  ? 3   GLU A OE2 1 
ATOM   69   N N   . THR A 1 22  ? -17.283 -7.015  -6.546  1.00 56.49  ? 4   THR A N   1 
ATOM   70   C CA  . THR A 1 22  ? -16.583 -6.302  -7.609  1.00 56.05  ? 4   THR A CA  1 
ATOM   71   C C   . THR A 1 22  ? -17.184 -4.927  -7.748  1.00 60.92  ? 4   THR A C   1 
ATOM   72   O O   . THR A 1 22  ? -18.416 -4.787  -7.874  1.00 58.61  ? 4   THR A O   1 
ATOM   73   C CB  . THR A 1 22  ? -16.612 -7.083  -8.957  1.00 63.94  ? 4   THR A CB  1 
ATOM   74   O OG1 . THR A 1 22  ? -15.945 -8.337  -8.810  1.00 65.71  ? 4   THR A OG1 1 
ATOM   75   C CG2 . THR A 1 22  ? -15.951 -6.309  -10.119 1.00 57.78  ? 4   THR A CG2 1 
ATOM   76   N N   . PHE A 1 23  ? -16.291 -3.900  -7.715  1.00 57.75  ? 5   PHE A N   1 
ATOM   77   C CA  . PHE A 1 23  ? -16.683 -2.504  -7.851  1.00 56.53  ? 5   PHE A CA  1 
ATOM   78   C C   . PHE A 1 23  ? -15.927 -1.856  -8.957  1.00 62.13  ? 5   PHE A C   1 
ATOM   79   O O   . PHE A 1 23  ? -14.786 -2.230  -9.238  1.00 62.01  ? 5   PHE A O   1 
ATOM   80   C CB  . PHE A 1 23  ? -16.429 -1.727  -6.564  1.00 56.82  ? 5   PHE A CB  1 
ATOM   81   C CG  . PHE A 1 23  ? -17.027 -2.324  -5.318  1.00 56.86  ? 5   PHE A CG  1 
ATOM   82   C CD1 . PHE A 1 23  ? -16.364 -3.333  -4.622  1.00 58.58  ? 5   PHE A CD1 1 
ATOM   83   C CD2 . PHE A 1 23  ? -18.238 -1.861  -4.820  1.00 56.98  ? 5   PHE A CD2 1 
ATOM   84   C CE1 . PHE A 1 23  ? -16.910 -3.876  -3.463  1.00 58.77  ? 5   PHE A CE1 1 
ATOM   85   C CE2 . PHE A 1 23  ? -18.786 -2.403  -3.657  1.00 59.52  ? 5   PHE A CE2 1 
ATOM   86   C CZ  . PHE A 1 23  ? -18.115 -3.405  -2.978  1.00 57.65  ? 5   PHE A CZ  1 
ATOM   87   N N   . ALA A 1 24  ? -16.563 -0.867  -9.586  1.00 59.55  ? 6   ALA A N   1 
ATOM   88   C CA  . ALA A 1 24  ? -15.933 -0.034  -10.597 1.00 59.82  ? 6   ALA A CA  1 
ATOM   89   C C   . ALA A 1 24  ? -15.305 1.184   -9.849  1.00 60.87  ? 6   ALA A C   1 
ATOM   90   O O   . ALA A 1 24  ? -15.909 1.693   -8.901  1.00 60.50  ? 6   ALA A O   1 
ATOM   91   C CB  . ALA A 1 24  ? -16.979 0.447   -11.586 1.00 60.87  ? 6   ALA A CB  1 
ATOM   92   N N   . PHE A 1 25  ? -14.084 1.599   -10.222 1.00 55.46  ? 7   PHE A N   1 
ATOM   93   C CA  . PHE A 1 25  ? -13.442 2.774   -9.608  1.00 54.43  ? 7   PHE A CA  1 
ATOM   94   C C   . PHE A 1 25  ? -14.208 4.048   -10.045 1.00 62.16  ? 7   PHE A C   1 
ATOM   95   O O   . PHE A 1 25  ? -14.805 4.042   -11.126 1.00 60.81  ? 7   PHE A O   1 
ATOM   96   C CB  . PHE A 1 25  ? -11.975 2.908   -10.070 1.00 54.37  ? 7   PHE A CB  1 
ATOM   97   C CG  . PHE A 1 25  ? -10.964 1.989   -9.429  1.00 54.92  ? 7   PHE A CG  1 
ATOM   98   C CD1 . PHE A 1 25  ? -10.409 0.933   -10.143 1.00 56.95  ? 7   PHE A CD1 1 
ATOM   99   C CD2 . PHE A 1 25  ? -10.500 2.228   -8.142  1.00 55.45  ? 7   PHE A CD2 1 
ATOM   100  C CE1 . PHE A 1 25  ? -9.480  0.079   -9.548  1.00 57.38  ? 7   PHE A CE1 1 
ATOM   101  C CE2 . PHE A 1 25  ? -9.539  1.400   -7.567  1.00 58.30  ? 7   PHE A CE2 1 
ATOM   102  C CZ  . PHE A 1 25  ? -9.043  0.321   -8.266  1.00 56.02  ? 7   PHE A CZ  1 
ATOM   103  N N   . GLN A 1 26  ? -14.112 5.165   -9.263  1.00 62.86  ? 8   GLN A N   1 
ATOM   104  C CA  . GLN A 1 26  ? -14.694 6.464   -9.674  1.00 63.69  ? 8   GLN A CA  1 
ATOM   105  C C   . GLN A 1 26  ? -13.901 6.895   -10.917 1.00 68.30  ? 8   GLN A C   1 
ATOM   106  O O   . GLN A 1 26  ? -12.801 6.366   -11.149 1.00 66.68  ? 8   GLN A O   1 
ATOM   107  C CB  . GLN A 1 26  ? -14.571 7.514   -8.553  1.00 65.34  ? 8   GLN A CB  1 
ATOM   108  N N   . ALA A 1 27  ? -14.455 7.784   -11.751 1.00 67.61  ? 9   ALA A N   1 
ATOM   109  C CA  . ALA A 1 27  ? -13.756 8.168   -12.995 1.00 68.29  ? 9   ALA A CA  1 
ATOM   110  C C   . ALA A 1 27  ? -12.353 8.729   -12.775 1.00 72.34  ? 9   ALA A C   1 
ATOM   111  O O   . ALA A 1 27  ? -11.413 8.323   -13.474 1.00 72.30  ? 9   ALA A O   1 
ATOM   112  C CB  . ALA A 1 27  ? -14.597 9.130   -13.826 1.00 69.08  ? 9   ALA A CB  1 
ATOM   113  N N   . GLU A 1 28  ? -12.198 9.602   -11.758 1.00 68.04  ? 10  GLU A N   1 
ATOM   114  C CA  . GLU A 1 28  ? -10.918 10.245  -11.446 1.00 67.68  ? 10  GLU A CA  1 
ATOM   115  C C   . GLU A 1 28  ? -9.827  9.219   -11.124 1.00 70.46  ? 10  GLU A C   1 
ATOM   116  O O   . GLU A 1 28  ? -8.778  9.217   -11.787 1.00 69.31  ? 10  GLU A O   1 
ATOM   117  C CB  . GLU A 1 28  ? -11.064 11.269  -10.306 1.00 69.39  ? 10  GLU A CB  1 
ATOM   118  C CG  . GLU A 1 28  ? -12.063 12.389  -10.574 1.00 85.15  ? 10  GLU A CG  1 
ATOM   119  C CD  . GLU A 1 28  ? -13.533 12.118  -10.293 1.00 117.00 ? 10  GLU A CD  1 
ATOM   120  O OE1 . GLU A 1 28  ? -14.369 12.844  -10.879 1.00 121.53 ? 10  GLU A OE1 1 
ATOM   121  O OE2 . GLU A 1 28  ? -13.856 11.211  -9.486  1.00 106.55 ? 10  GLU A OE2 1 
ATOM   122  N N   . ILE A 1 29  ? -10.103 8.306   -10.142 1.00 65.35  ? 11  ILE A N   1 
ATOM   123  C CA  . ILE A 1 29  ? -9.159  7.271   -9.698  1.00 63.12  ? 11  ILE A CA  1 
ATOM   124  C C   . ILE A 1 29  ? -8.762  6.397   -10.872 1.00 64.97  ? 11  ILE A C   1 
ATOM   125  O O   . ILE A 1 29  ? -7.595  6.023   -10.990 1.00 63.51  ? 11  ILE A O   1 
ATOM   126  C CB  . ILE A 1 29  ? -9.708  6.454   -8.505  1.00 65.25  ? 11  ILE A CB  1 
ATOM   127  C CG1 . ILE A 1 29  ? -10.113 7.394   -7.352  1.00 65.60  ? 11  ILE A CG1 1 
ATOM   128  C CG2 . ILE A 1 29  ? -8.694  5.380   -8.039  1.00 63.53  ? 11  ILE A CG2 1 
ATOM   129  C CD1 . ILE A 1 29  ? -11.061 6.797   -6.286  1.00 75.02  ? 11  ILE A CD1 1 
ATOM   130  N N   . ASN A 1 30  ? -9.723  6.124   -11.765 1.00 61.05  ? 12  ASN A N   1 
ATOM   131  C CA  . ASN A 1 30  ? -9.470  5.330   -12.944 1.00 60.90  ? 12  ASN A CA  1 
ATOM   132  C C   . ASN A 1 30  ? -8.455  6.016   -13.851 1.00 65.59  ? 12  ASN A C   1 
ATOM   133  O O   . ASN A 1 30  ? -7.515  5.349   -14.292 1.00 66.37  ? 12  ASN A O   1 
ATOM   134  C CB  . ASN A 1 30  ? -10.770 4.978   -13.666 1.00 64.43  ? 12  ASN A CB  1 
ATOM   135  C CG  . ASN A 1 30  ? -10.603 3.980   -14.786 1.00 85.81  ? 12  ASN A CG  1 
ATOM   136  O OD1 . ASN A 1 30  ? -9.624  3.220   -14.861 1.00 81.73  ? 12  ASN A OD1 1 
ATOM   137  N ND2 . ASN A 1 30  ? -11.568 3.953   -15.680 1.00 80.91  ? 12  ASN A ND2 1 
ATOM   138  N N   . GLN A 1 31  ? -8.577  7.352   -14.054 1.00 62.41  ? 13  GLN A N   1 
ATOM   139  C CA  . GLN A 1 31  ? -7.616  8.124   -14.855 1.00 62.58  ? 13  GLN A CA  1 
ATOM   140  C C   . GLN A 1 31  ? -6.209  8.152   -14.221 1.00 65.21  ? 13  GLN A C   1 
ATOM   141  O O   . GLN A 1 31  ? -5.200  8.032   -14.943 1.00 65.87  ? 13  GLN A O   1 
ATOM   142  C CB  . GLN A 1 31  ? -8.123  9.545   -15.087 1.00 64.92  ? 13  GLN A CB  1 
ATOM   143  C CG  . GLN A 1 31  ? -7.422  10.256  -16.256 1.00 88.65  ? 13  GLN A CG  1 
ATOM   144  C CD  . GLN A 1 31  ? -7.729  11.737  -16.342 1.00 108.61 ? 13  GLN A CD  1 
ATOM   145  O OE1 . GLN A 1 31  ? -8.674  12.260  -15.723 1.00 104.79 ? 13  GLN A OE1 1 
ATOM   146  N NE2 . GLN A 1 31  ? -6.942  12.447  -17.139 1.00 98.17  ? 13  GLN A NE2 1 
ATOM   147  N N   . LEU A 1 32  ? -6.149  8.283   -12.877 1.00 58.45  ? 14  LEU A N   1 
ATOM   148  C CA  . LEU A 1 32  ? -4.898  8.279   -12.110 1.00 57.90  ? 14  LEU A CA  1 
ATOM   149  C C   . LEU A 1 32  ? -4.150  6.966   -12.313 1.00 60.37  ? 14  LEU A C   1 
ATOM   150  O O   . LEU A 1 32  ? -2.931  6.968   -12.533 1.00 60.23  ? 14  LEU A O   1 
ATOM   151  C CB  . LEU A 1 32  ? -5.198  8.443   -10.604 1.00 58.33  ? 14  LEU A CB  1 
ATOM   152  C CG  . LEU A 1 32  ? -3.997  8.612   -9.652  1.00 63.94  ? 14  LEU A CG  1 
ATOM   153  C CD1 . LEU A 1 32  ? -3.271  9.919   -9.909  1.00 63.99  ? 14  LEU A CD1 1 
ATOM   154  C CD2 . LEU A 1 32  ? -4.438  8.549   -8.195  1.00 67.15  ? 14  LEU A CD2 1 
ATOM   155  N N   . MET A 1 33  ? -4.893  5.849   -12.224 1.00 55.54  ? 15  MET A N   1 
ATOM   156  C CA  . MET A 1 33  ? -4.358  4.497   -12.358 1.00 54.85  ? 15  MET A CA  1 
ATOM   157  C C   . MET A 1 33  ? -3.797  4.248   -13.723 1.00 61.38  ? 15  MET A C   1 
ATOM   158  O O   . MET A 1 33  ? -2.687  3.736   -13.809 1.00 60.48  ? 15  MET A O   1 
ATOM   159  C CB  . MET A 1 33  ? -5.414  3.460   -11.993 1.00 56.09  ? 15  MET A CB  1 
ATOM   160  C CG  . MET A 1 33  ? -5.771  3.546   -10.531 1.00 57.97  ? 15  MET A CG  1 
ATOM   161  S SD  . MET A 1 33  ? -6.898  2.277   -10.061 1.00 59.30  ? 15  MET A SD  1 
ATOM   162  C CE  . MET A 1 33  ? -5.726  0.893   -9.811  1.00 54.26  ? 15  MET A CE  1 
ATOM   163  N N   . SER A 1 34  ? -4.521  4.683   -14.783 1.00 61.19  ? 16  SER A N   1 
ATOM   164  C CA  . SER A 1 34  ? -4.097  4.555   -16.192 1.00 62.45  ? 16  SER A CA  1 
ATOM   165  C C   . SER A 1 34  ? -2.869  5.416   -16.432 1.00 67.19  ? 16  SER A C   1 
ATOM   166  O O   . SER A 1 34  ? -1.913  4.947   -17.054 1.00 68.39  ? 16  SER A O   1 
ATOM   167  C CB  . SER A 1 34  ? -5.230  4.925   -17.150 1.00 65.85  ? 16  SER A CB  1 
ATOM   168  N N   . LEU A 1 35  ? -2.850  6.636   -15.856 1.00 63.14  ? 17  LEU A N   1 
ATOM   169  C CA  . LEU A 1 35  ? -1.687  7.523   -15.928 1.00 62.49  ? 17  LEU A CA  1 
ATOM   170  C C   . LEU A 1 35  ? -0.448  6.871   -15.275 1.00 64.10  ? 17  LEU A C   1 
ATOM   171  O O   . LEU A 1 35  ? 0.590   6.770   -15.922 1.00 63.17  ? 17  LEU A O   1 
ATOM   172  C CB  . LEU A 1 35  ? -1.975  8.888   -15.277 1.00 62.95  ? 17  LEU A CB  1 
ATOM   173  C CG  . LEU A 1 35  ? -0.731  9.785   -15.051 1.00 70.22  ? 17  LEU A CG  1 
ATOM   174  C CD1 . LEU A 1 35  ? -0.232  10.404  -16.363 1.00 71.80  ? 17  LEU A CD1 1 
ATOM   175  C CD2 . LEU A 1 35  ? -1.001  10.851  -14.034 1.00 74.23  ? 17  LEU A CD2 1 
ATOM   176  N N   . ILE A 1 36  ? -0.565  6.432   -14.005 1.00 59.26  ? 18  ILE A N   1 
ATOM   177  C CA  . ILE A 1 36  ? 0.549   5.837   -13.264 1.00 58.49  ? 18  ILE A CA  1 
ATOM   178  C C   . ILE A 1 36  ? 1.091   4.558   -13.929 1.00 61.51  ? 18  ILE A C   1 
ATOM   179  O O   . ILE A 1 36  ? 2.292   4.452   -14.156 1.00 59.68  ? 18  ILE A O   1 
ATOM   180  C CB  . ILE A 1 36  ? 0.192   5.652   -11.745 1.00 60.79  ? 18  ILE A CB  1 
ATOM   181  C CG1 . ILE A 1 36  ? 0.105   7.013   -11.032 1.00 61.36  ? 18  ILE A CG1 1 
ATOM   182  C CG2 . ILE A 1 36  ? 1.193   4.748   -11.026 1.00 60.00  ? 18  ILE A CG2 1 
ATOM   183  C CD1 . ILE A 1 36  ? -0.624  6.998   -9.740  1.00 67.90  ? 18  ILE A CD1 1 
ATOM   184  N N   . ILE A 1 37  ? 0.209   3.597   -14.220 1.00 60.36  ? 19  ILE A N   1 
ATOM   185  C CA  . ILE A 1 37  ? 0.591   2.302   -14.769 1.00 61.81  ? 19  ILE A CA  1 
ATOM   186  C C   . ILE A 1 37  ? 1.273   2.376   -16.152 1.00 67.59  ? 19  ILE A C   1 
ATOM   187  O O   . ILE A 1 37  ? 2.079   1.501   -16.495 1.00 66.59  ? 19  ILE A O   1 
ATOM   188  C CB  . ILE A 1 37  ? -0.572  1.276   -14.663 1.00 64.90  ? 19  ILE A CB  1 
ATOM   189  C CG1 . ILE A 1 37  ? -0.032  -0.181  -14.551 1.00 65.42  ? 19  ILE A CG1 1 
ATOM   190  C CG2 . ILE A 1 37  ? -1.626  1.473   -15.754 1.00 64.47  ? 19  ILE A CG2 1 
ATOM   191  C CD1 . ILE A 1 37  ? -1.018  -1.230  -13.997 1.00 72.18  ? 19  ILE A CD1 1 
ATOM   192  N N   . ASN A 1 38  ? 1.014   3.478   -16.882 1.00 64.83  ? 20  ASN A N   1 
ATOM   193  C CA  . ASN A 1 38  ? 1.554   3.753   -18.204 1.00 64.20  ? 20  ASN A CA  1 
ATOM   194  C C   . ASN A 1 38  ? 2.655   4.798   -18.283 1.00 70.30  ? 20  ASN A C   1 
ATOM   195  O O   . ASN A 1 38  ? 3.331   4.836   -19.303 1.00 72.54  ? 20  ASN A O   1 
ATOM   196  C CB  . ASN A 1 38  ? 0.418   4.069   -19.163 1.00 63.47  ? 20  ASN A CB  1 
ATOM   197  C CG  . ASN A 1 38  ? -0.412  2.855   -19.468 1.00 75.97  ? 20  ASN A CG  1 
ATOM   198  O OD1 . ASN A 1 38  ? 0.097   1.845   -19.965 1.00 81.50  ? 20  ASN A OD1 1 
ATOM   199  N ND2 . ASN A 1 38  ? -1.699  2.907   -19.155 1.00 58.76  ? 20  ASN A ND2 1 
ATOM   200  N N   . THR A 1 39  ? 2.875   5.621   -17.240 1.00 67.29  ? 21  THR A N   1 
ATOM   201  C CA  . THR A 1 39  ? 3.923   6.656   -17.272 1.00 67.64  ? 21  THR A CA  1 
ATOM   202  C C   . THR A 1 39  ? 5.357   6.123   -17.440 1.00 74.48  ? 21  THR A C   1 
ATOM   203  O O   . THR A 1 39  ? 5.672   5.010   -17.014 1.00 73.44  ? 21  THR A O   1 
ATOM   204  C CB  . THR A 1 39  ? 3.808   7.644   -16.097 1.00 68.72  ? 21  THR A CB  1 
ATOM   205  O OG1 . THR A 1 39  ? 4.564   8.823   -16.407 1.00 71.97  ? 21  THR A OG1 1 
ATOM   206  C CG2 . THR A 1 39  ? 4.312   7.061   -14.789 1.00 58.94  ? 21  THR A CG2 1 
ATOM   207  N N   . PHE A 1 40  ? 6.219   6.954   -18.039 1.00 73.66  ? 22  PHE A N   1 
ATOM   208  C CA  . PHE A 1 40  ? 7.623   6.625   -18.244 1.00 74.41  ? 22  PHE A CA  1 
ATOM   209  C C   . PHE A 1 40  ? 8.522   7.265   -17.191 1.00 77.67  ? 22  PHE A C   1 
ATOM   210  O O   . PHE A 1 40  ? 9.748   7.139   -17.289 1.00 77.33  ? 22  PHE A O   1 
ATOM   211  C CB  . PHE A 1 40  ? 8.073   6.930   -19.690 1.00 76.83  ? 22  PHE A CB  1 
ATOM   212  C CG  . PHE A 1 40  ? 7.954   5.720   -20.584 1.00 78.93  ? 22  PHE A CG  1 
ATOM   213  C CD1 . PHE A 1 40  ? 9.060   4.918   -20.846 1.00 82.14  ? 22  PHE A CD1 1 
ATOM   214  C CD2 . PHE A 1 40  ? 6.718   5.328   -21.094 1.00 81.54  ? 22  PHE A CD2 1 
ATOM   215  C CE1 . PHE A 1 40  ? 8.940   3.767   -21.630 1.00 83.29  ? 22  PHE A CE1 1 
ATOM   216  C CE2 . PHE A 1 40  ? 6.600   4.179   -21.879 1.00 84.32  ? 22  PHE A CE2 1 
ATOM   217  C CZ  . PHE A 1 40  ? 7.713   3.409   -22.149 1.00 82.21  ? 22  PHE A CZ  1 
ATOM   218  N N   . TYR A 1 41  ? 7.901   7.904   -16.151 1.00 72.77  ? 23  TYR A N   1 
ATOM   219  C CA  . TYR A 1 41  ? 8.555   8.533   -14.992 1.00 71.69  ? 23  TYR A CA  1 
ATOM   220  C C   . TYR A 1 41  ? 9.767   7.695   -14.598 1.00 74.81  ? 23  TYR A C   1 
ATOM   221  O O   . TYR A 1 41  ? 9.645   6.483   -14.432 1.00 75.09  ? 23  TYR A O   1 
ATOM   222  C CB  . TYR A 1 41  ? 7.554   8.676   -13.816 1.00 72.61  ? 23  TYR A CB  1 
ATOM   223  C CG  . TYR A 1 41  ? 8.064   9.507   -12.656 1.00 73.72  ? 23  TYR A CG  1 
ATOM   224  C CD1 . TYR A 1 41  ? 8.158   10.893  -12.752 1.00 75.40  ? 23  TYR A CD1 1 
ATOM   225  C CD2 . TYR A 1 41  ? 8.449   8.910   -11.461 1.00 74.22  ? 23  TYR A CD2 1 
ATOM   226  C CE1 . TYR A 1 41  ? 8.652   11.659  -11.700 1.00 75.11  ? 23  TYR A CE1 1 
ATOM   227  C CE2 . TYR A 1 41  ? 8.923   9.668   -10.395 1.00 75.00  ? 23  TYR A CE2 1 
ATOM   228  C CZ  . TYR A 1 41  ? 9.039   11.041  -10.524 1.00 82.11  ? 23  TYR A CZ  1 
ATOM   229  O OH  . TYR A 1 41  ? 9.526   11.789  -9.482  1.00 84.90  ? 23  TYR A OH  1 
ATOM   230  N N   . SER A 1 42  ? 10.942  8.323   -14.580 1.00 70.26  ? 24  SER A N   1 
ATOM   231  C CA  . SER A 1 42  ? 12.240  7.682   -14.363 1.00 69.69  ? 24  SER A CA  1 
ATOM   232  C C   . SER A 1 42  ? 12.560  7.294   -12.916 1.00 73.32  ? 24  SER A C   1 
ATOM   233  O O   . SER A 1 42  ? 13.412  6.416   -12.696 1.00 72.09  ? 24  SER A O   1 
ATOM   234  C CB  . SER A 1 42  ? 13.348  8.579   -14.901 1.00 70.94  ? 24  SER A CB  1 
ATOM   235  N N   . ASN A 1 43  ? 11.932  7.992   -11.939 1.00 68.90  ? 25  ASN A N   1 
ATOM   236  C CA  . ASN A 1 43  ? 12.179  7.820   -10.501 1.00 67.93  ? 25  ASN A CA  1 
ATOM   237  C C   . ASN A 1 43  ? 11.044  7.004   -9.820  1.00 69.82  ? 25  ASN A C   1 
ATOM   238  O O   . ASN A 1 43  ? 10.440  7.443   -8.835  1.00 69.07  ? 25  ASN A O   1 
ATOM   239  C CB  . ASN A 1 43  ? 12.411  9.213   -9.882  1.00 65.96  ? 25  ASN A CB  1 
ATOM   240  C CG  . ASN A 1 43  ? 12.956  9.237   -8.485  1.00 76.73  ? 25  ASN A CG  1 
ATOM   241  O OD1 . ASN A 1 43  ? 13.946  8.571   -8.156  1.00 70.12  ? 25  ASN A OD1 1 
ATOM   242  N ND2 . ASN A 1 43  ? 12.383  10.107  -7.662  1.00 63.54  ? 25  ASN A ND2 1 
ATOM   243  N N   . LYS A 1 44  ? 10.769  5.798   -10.367 1.00 65.06  ? 26  LYS A N   1 
ATOM   244  C CA  . LYS A 1 44  ? 9.714   4.885   -9.913  1.00 63.83  ? 26  LYS A CA  1 
ATOM   245  C C   . LYS A 1 44  ? 9.869   4.457   -8.467  1.00 66.44  ? 26  LYS A C   1 
ATOM   246  O O   . LYS A 1 44  ? 8.866   4.268   -7.785  1.00 66.08  ? 26  LYS A O   1 
ATOM   247  C CB  . LYS A 1 44  ? 9.590   3.675   -10.832 1.00 65.60  ? 26  LYS A CB  1 
ATOM   248  C CG  . LYS A 1 44  ? 9.014   4.026   -12.188 1.00 73.50  ? 26  LYS A CG  1 
ATOM   249  C CD  . LYS A 1 44  ? 8.920   2.816   -13.133 1.00 77.34  ? 26  LYS A CD  1 
ATOM   250  C CE  . LYS A 1 44  ? 8.632   3.220   -14.563 1.00 72.37  ? 26  LYS A CE  1 
ATOM   251  N NZ  . LYS A 1 44  ? 7.367   3.985   -14.699 1.00 77.13  ? 26  LYS A NZ  1 
ATOM   252  N N   . GLU A 1 45  ? 11.114  4.412   -7.975  1.00 61.43  ? 27  GLU A N   1 
ATOM   253  C CA  . GLU A 1 45  ? 11.466  4.067   -6.605  1.00 61.15  ? 27  GLU A CA  1 
ATOM   254  C C   . GLU A 1 45  ? 10.676  4.827   -5.504  1.00 64.03  ? 27  GLU A C   1 
ATOM   255  O O   . GLU A 1 45  ? 10.683  4.386   -4.357  1.00 64.22  ? 27  GLU A O   1 
ATOM   256  C CB  . GLU A 1 45  ? 12.981  4.187   -6.403  1.00 63.01  ? 27  GLU A CB  1 
ATOM   257  C CG  . GLU A 1 45  ? 13.522  5.610   -6.505  1.00 78.14  ? 27  GLU A CG  1 
ATOM   258  C CD  . GLU A 1 45  ? 15.022  5.766   -6.334  1.00 103.31 ? 27  GLU A CD  1 
ATOM   259  O OE1 . GLU A 1 45  ? 15.771  5.470   -7.295  1.00 106.19 ? 27  GLU A OE1 1 
ATOM   260  O OE2 . GLU A 1 45  ? 15.445  6.243   -5.256  1.00 88.89  ? 27  GLU A OE2 1 
ATOM   261  N N   . ILE A 1 46  ? 9.997   5.949   -5.852  1.00 58.99  ? 28  ILE A N   1 
ATOM   262  C CA  . ILE A 1 46  ? 9.186   6.754   -4.925  1.00 58.51  ? 28  ILE A CA  1 
ATOM   263  C C   . ILE A 1 46  ? 8.037   5.945   -4.309  1.00 63.58  ? 28  ILE A C   1 
ATOM   264  O O   . ILE A 1 46  ? 7.503   6.332   -3.254  1.00 64.62  ? 28  ILE A O   1 
ATOM   265  C CB  . ILE A 1 46  ? 8.639   8.072   -5.546  1.00 60.81  ? 28  ILE A CB  1 
ATOM   266  C CG1 . ILE A 1 46  ? 7.728   7.820   -6.776  1.00 59.78  ? 28  ILE A CG1 1 
ATOM   267  C CG2 . ILE A 1 46  ? 9.753   9.060   -5.818  1.00 61.45  ? 28  ILE A CG2 1 
ATOM   268  C CD1 . ILE A 1 46  ? 6.774   8.943   -7.179  1.00 62.93  ? 28  ILE A CD1 1 
ATOM   269  N N   . PHE A 1 47  ? 7.650   4.845   -4.982  1.00 57.02  ? 29  PHE A N   1 
ATOM   270  C CA  . PHE A 1 47  ? 6.567   3.969   -4.548  1.00 55.92  ? 29  PHE A CA  1 
ATOM   271  C C   . PHE A 1 47  ? 6.847   3.464   -3.122  1.00 61.06  ? 29  PHE A C   1 
ATOM   272  O O   . PHE A 1 47  ? 5.929   3.475   -2.296  1.00 61.46  ? 29  PHE A O   1 
ATOM   273  C CB  . PHE A 1 47  ? 6.342   2.798   -5.556  1.00 56.16  ? 29  PHE A CB  1 
ATOM   274  C CG  . PHE A 1 47  ? 7.278   1.631   -5.363  1.00 55.98  ? 29  PHE A CG  1 
ATOM   275  C CD1 . PHE A 1 47  ? 6.939   0.579   -4.516  1.00 58.34  ? 29  PHE A CD1 1 
ATOM   276  C CD2 . PHE A 1 47  ? 8.551   1.647   -5.910  1.00 56.99  ? 29  PHE A CD2 1 
ATOM   277  C CE1 . PHE A 1 47  ? 7.844   -0.457  -4.259  1.00 58.82  ? 29  PHE A CE1 1 
ATOM   278  C CE2 . PHE A 1 47  ? 9.449   0.600   -5.667  1.00 60.01  ? 29  PHE A CE2 1 
ATOM   279  C CZ  . PHE A 1 47  ? 9.090   -0.446  -4.843  1.00 57.81  ? 29  PHE A CZ  1 
ATOM   280  N N   . LEU A 1 48  ? 8.121   3.069   -2.832  1.00 56.56  ? 30  LEU A N   1 
ATOM   281  C CA  . LEU A 1 48  ? 8.517   2.556   -1.523  1.00 56.05  ? 30  LEU A CA  1 
ATOM   282  C C   . LEU A 1 48  ? 8.301   3.582   -0.431  1.00 61.81  ? 30  LEU A C   1 
ATOM   283  O O   . LEU A 1 48  ? 7.644   3.281   0.569   1.00 62.85  ? 30  LEU A O   1 
ATOM   284  C CB  . LEU A 1 48  ? 9.950   2.037   -1.510  1.00 55.65  ? 30  LEU A CB  1 
ATOM   285  C CG  . LEU A 1 48  ? 10.255  1.009   -0.406  1.00 60.63  ? 30  LEU A CG  1 
ATOM   286  C CD1 . LEU A 1 48  ? 9.292   -0.208  -0.482  1.00 60.90  ? 30  LEU A CD1 1 
ATOM   287  C CD2 . LEU A 1 48  ? 11.689  0.525   -0.495  1.00 61.77  ? 30  LEU A CD2 1 
ATOM   288  N N   . ARG A 1 49  ? 8.789   4.812   -0.658  1.00 57.65  ? 31  ARG A N   1 
ATOM   289  C CA  . ARG A 1 49  ? 8.626   5.928   0.255   1.00 56.95  ? 31  ARG A CA  1 
ATOM   290  C C   . ARG A 1 49  ? 7.140   6.127   0.545   1.00 61.63  ? 31  ARG A C   1 
ATOM   291  O O   . ARG A 1 49  ? 6.759   6.278   1.709   1.00 61.02  ? 31  ARG A O   1 
ATOM   292  C CB  . ARG A 1 49  ? 9.218   7.209   -0.365  1.00 55.85  ? 31  ARG A CB  1 
ATOM   293  C CG  . ARG A 1 49  ? 9.354   8.378   0.612   1.00 54.23  ? 31  ARG A CG  1 
ATOM   294  C CD  . ARG A 1 49  ? 8.231   9.370   0.500   1.00 60.14  ? 31  ARG A CD  1 
ATOM   295  N NE  . ARG A 1 49  ? 8.048   10.073  1.766   1.00 71.95  ? 31  ARG A NE  1 
ATOM   296  C CZ  . ARG A 1 49  ? 7.070   10.942  2.005   1.00 88.01  ? 31  ARG A CZ  1 
ATOM   297  N NH1 . ARG A 1 49  ? 6.176   11.220  1.064   1.00 68.69  ? 31  ARG A NH1 1 
ATOM   298  N NH2 . ARG A 1 49  ? 6.977   11.538  3.187   1.00 77.73  ? 31  ARG A NH2 1 
ATOM   299  N N   . GLU A 1 50  ? 6.311   6.122   -0.521  1.00 57.77  ? 32  GLU A N   1 
ATOM   300  C CA  . GLU A 1 50  ? 4.875   6.333   -0.407  1.00 56.96  ? 32  GLU A CA  1 
ATOM   301  C C   . GLU A 1 50  ? 4.146   5.275   0.416   1.00 59.27  ? 32  GLU A C   1 
ATOM   302  O O   . GLU A 1 50  ? 3.265   5.635   1.194   1.00 56.88  ? 32  GLU A O   1 
ATOM   303  C CB  . GLU A 1 50  ? 4.226   6.555   -1.769  1.00 57.90  ? 32  GLU A CB  1 
ATOM   304  C CG  . GLU A 1 50  ? 4.650   7.842   -2.466  1.00 66.07  ? 32  GLU A CG  1 
ATOM   305  C CD  . GLU A 1 50  ? 4.543   9.141   -1.688  1.00 83.08  ? 32  GLU A CD  1 
ATOM   306  O OE1 . GLU A 1 50  ? 3.552   9.318   -0.940  1.00 65.35  ? 32  GLU A OE1 1 
ATOM   307  O OE2 . GLU A 1 50  ? 5.443   9.999   -1.854  1.00 75.66  ? 32  GLU A OE2 1 
ATOM   308  N N   . LEU A 1 51  ? 4.538   3.989   0.269   1.00 56.19  ? 33  LEU A N   1 
ATOM   309  C CA  . LEU A 1 51  ? 3.929   2.878   0.997   1.00 55.68  ? 33  LEU A CA  1 
ATOM   310  C C   . LEU A 1 51  ? 4.391   2.892   2.449   1.00 60.17  ? 33  LEU A C   1 
ATOM   311  O O   . LEU A 1 51  ? 3.545   2.802   3.350   1.00 59.02  ? 33  LEU A O   1 
ATOM   312  C CB  . LEU A 1 51  ? 4.177   1.524   0.332   1.00 55.38  ? 33  LEU A CB  1 
ATOM   313  C CG  . LEU A 1 51  ? 3.581   1.275   -1.070  1.00 59.01  ? 33  LEU A CG  1 
ATOM   314  C CD1 . LEU A 1 51  ? 4.066   -0.043  -1.617  1.00 58.00  ? 33  LEU A CD1 1 
ATOM   315  C CD2 . LEU A 1 51  ? 2.074   1.301   -1.077  1.00 61.80  ? 33  LEU A CD2 1 
ATOM   316  N N   . ILE A 1 52  ? 5.721   3.077   2.683   1.00 56.27  ? 34  ILE A N   1 
ATOM   317  C CA  . ILE A 1 52  ? 6.270   3.248   4.040   1.00 54.73  ? 34  ILE A CA  1 
ATOM   318  C C   . ILE A 1 52  ? 5.598   4.495   4.701   1.00 55.45  ? 34  ILE A C   1 
ATOM   319  O O   . ILE A 1 52  ? 5.210   4.437   5.865   1.00 53.86  ? 34  ILE A O   1 
ATOM   320  C CB  . ILE A 1 52  ? 7.802   3.319   4.025   1.00 57.40  ? 34  ILE A CB  1 
ATOM   321  C CG1 . ILE A 1 52  ? 8.396   1.942   3.709   1.00 56.94  ? 34  ILE A CG1 1 
ATOM   322  C CG2 . ILE A 1 52  ? 8.370   3.873   5.351   1.00 59.07  ? 34  ILE A CG2 1 
ATOM   323  C CD1 . ILE A 1 52  ? 9.876   1.962   3.569   1.00 55.63  ? 34  ILE A CD1 1 
ATOM   324  N N   . SER A 1 53  ? 5.370   5.566   3.929   1.00 51.44  ? 35  SER A N   1 
ATOM   325  C CA  . SER A 1 53  ? 4.710   6.755   4.467   1.00 50.93  ? 35  SER A CA  1 
ATOM   326  C C   . SER A 1 53  ? 3.318   6.415   4.917   1.00 56.60  ? 35  SER A C   1 
ATOM   327  O O   . SER A 1 53  ? 2.971   6.735   6.040   1.00 57.87  ? 35  SER A O   1 
ATOM   328  C CB  . SER A 1 53  ? 4.717   7.911   3.475   1.00 53.37  ? 35  SER A CB  1 
ATOM   329  O OG  . SER A 1 53  ? 3.910   8.978   3.943   1.00 62.01  ? 35  SER A OG  1 
ATOM   330  N N   . ASN A 1 54  ? 2.550   5.677   4.085   1.00 53.45  ? 36  ASN A N   1 
ATOM   331  C CA  . ASN A 1 54  ? 1.201   5.225   4.407   1.00 51.11  ? 36  ASN A CA  1 
ATOM   332  C C   . ASN A 1 54  ? 1.159   4.357   5.679   1.00 52.93  ? 36  ASN A C   1 
ATOM   333  O O   . ASN A 1 54  ? 0.296   4.580   6.529   1.00 51.46  ? 36  ASN A O   1 
ATOM   334  C CB  . ASN A 1 54  ? 0.580   4.533   3.208   1.00 49.05  ? 36  ASN A CB  1 
ATOM   335  C CG  . ASN A 1 54  ? -0.140  5.505   2.299   1.00 66.54  ? 36  ASN A CG  1 
ATOM   336  O OD1 . ASN A 1 54  ? -0.327  6.666   2.629   1.00 68.59  ? 36  ASN A OD1 1 
ATOM   337  N ND2 . ASN A 1 54  ? -0.590  5.062   1.146   1.00 54.68  ? 36  ASN A ND2 1 
ATOM   338  N N   . ALA A 1 55  ? 2.107   3.398   5.791   1.00 48.82  ? 37  ALA A N   1 
ATOM   339  C CA  . ALA A 1 55  ? 2.323   2.463   6.882   1.00 50.14  ? 37  ALA A CA  1 
ATOM   340  C C   . ALA A 1 55  ? 2.565   3.241   8.198   1.00 59.71  ? 37  ALA A C   1 
ATOM   341  O O   . ALA A 1 55  ? 1.891   2.953   9.199   1.00 58.31  ? 37  ALA A O   1 
ATOM   342  C CB  . ALA A 1 55  ? 3.514   1.554   6.570   1.00 50.55  ? 37  ALA A CB  1 
ATOM   343  N N   . SER A 1 56  ? 3.475   4.267   8.154   1.00 57.90  ? 38  SER A N   1 
ATOM   344  C CA  . SER A 1 56  ? 3.794   5.175   9.263   1.00 57.48  ? 38  SER A CA  1 
ATOM   345  C C   . SER A 1 56  ? 2.553   5.926   9.746   1.00 60.31  ? 38  SER A C   1 
ATOM   346  O O   . SER A 1 56  ? 2.315   5.974   10.951  1.00 59.81  ? 38  SER A O   1 
ATOM   347  C CB  . SER A 1 56  ? 4.880   6.169   8.861   1.00 61.89  ? 38  SER A CB  1 
ATOM   348  O OG  . SER A 1 56  ? 5.067   7.172   9.852   1.00 76.01  ? 38  SER A OG  1 
ATOM   349  N N   . ASP A 1 57  ? 1.749   6.472   8.827   1.00 57.90  ? 39  ASP A N   1 
ATOM   350  C CA  . ASP A 1 57  ? 0.516   7.183   9.197   1.00 60.32  ? 39  ASP A CA  1 
ATOM   351  C C   . ASP A 1 57  ? -0.495  6.259   9.897   1.00 69.67  ? 39  ASP A C   1 
ATOM   352  O O   . ASP A 1 57  ? -1.275  6.735   10.725  1.00 70.78  ? 39  ASP A O   1 
ATOM   353  C CB  . ASP A 1 57  ? -0.150  7.797   7.966   1.00 62.09  ? 39  ASP A CB  1 
ATOM   354  C CG  . ASP A 1 57  ? 0.651   8.869   7.263   1.00 82.51  ? 39  ASP A CG  1 
ATOM   355  O OD1 . ASP A 1 57  ? 1.831   9.078   7.634   1.00 85.12  ? 39  ASP A OD1 1 
ATOM   356  O OD2 . ASP A 1 57  ? 0.089   9.529   6.364   1.00 94.75  ? 39  ASP A OD2 1 
ATOM   357  N N   . ALA A 1 58  ? -0.482  4.948   9.552   1.00 66.71  ? 40  ALA A N   1 
ATOM   358  C CA  . ALA A 1 58  ? -1.380  3.961   10.147  1.00 67.13  ? 40  ALA A CA  1 
ATOM   359  C C   . ALA A 1 58  ? -0.907  3.616   11.546  1.00 68.70  ? 40  ALA A C   1 
ATOM   360  O O   . ALA A 1 58  ? -1.733  3.356   12.420  1.00 68.68  ? 40  ALA A O   1 
ATOM   361  C CB  . ALA A 1 58  ? -1.451  2.712   9.283   1.00 68.18  ? 40  ALA A CB  1 
ATOM   362  N N   . CYS A 1 59  ? 0.418   3.608   11.755  1.00 63.06  ? 41  CYS A N   1 
ATOM   363  C CA  . CYS A 1 59  ? 1.004   3.389   13.070  1.00 62.36  ? 41  CYS A CA  1 
ATOM   364  C C   . CYS A 1 59  ? 0.740   4.650   13.934  1.00 68.51  ? 41  CYS A C   1 
ATOM   365  O O   . CYS A 1 59  ? 0.345   4.504   15.085  1.00 68.23  ? 41  CYS A O   1 
ATOM   366  C CB  . CYS A 1 59  ? 2.484   3.074   12.963  1.00 61.69  ? 41  CYS A CB  1 
ATOM   367  S SG  . CYS A 1 59  ? 2.846   1.486   12.182  1.00 65.51  ? 41  CYS A SG  1 
ATOM   368  N N   . ASP A 1 60  ? 0.827   5.867   13.343  1.00 65.75  ? 42  ASP A N   1 
ATOM   369  C CA  . ASP A 1 60  ? 0.516   7.104   14.066  1.00 66.68  ? 42  ASP A CA  1 
ATOM   370  C C   . ASP A 1 60  ? -0.929  7.097   14.545  1.00 73.55  ? 42  ASP A C   1 
ATOM   371  O O   . ASP A 1 60  ? -1.184  7.512   15.669  1.00 74.76  ? 42  ASP A O   1 
ATOM   372  C CB  . ASP A 1 60  ? 0.766   8.368   13.210  1.00 68.44  ? 42  ASP A CB  1 
ATOM   373  C CG  . ASP A 1 60  ? 2.214   8.714   12.874  1.00 72.48  ? 42  ASP A CG  1 
ATOM   374  O OD1 . ASP A 1 60  ? 3.124   8.060   13.419  1.00 70.18  ? 42  ASP A OD1 1 
ATOM   375  O OD2 . ASP A 1 60  ? 2.430   9.613   12.027  1.00 77.42  ? 42  ASP A OD2 1 
ATOM   376  N N   . LYS A 1 61  ? -1.870  6.643   13.696  1.00 71.41  ? 43  LYS A N   1 
ATOM   377  C CA  . LYS A 1 61  ? -3.310  6.592   14.000  1.00 70.55  ? 43  LYS A CA  1 
ATOM   378  C C   . LYS A 1 61  ? -3.610  5.690   15.192  1.00 74.88  ? 43  LYS A C   1 
ATOM   379  O O   . LYS A 1 61  ? -4.410  6.061   16.043  1.00 74.58  ? 43  LYS A O   1 
ATOM   380  C CB  . LYS A 1 61  ? -4.135  6.180   12.767  1.00 71.96  ? 43  LYS A CB  1 
ATOM   381  C CG  . LYS A 1 61  ? -4.330  7.320   11.775  1.00 84.84  ? 43  LYS A CG  1 
ATOM   382  C CD  . LYS A 1 61  ? -5.489  7.089   10.815  1.00 91.20  ? 43  LYS A CD  1 
ATOM   383  N N   . ILE A 1 62  ? -2.959  4.523   15.269  1.00 72.17  ? 44  ILE A N   1 
ATOM   384  C CA  . ILE A 1 62  ? -3.165  3.609   16.375  1.00 72.61  ? 44  ILE A CA  1 
ATOM   385  C C   . ILE A 1 62  ? -2.477  4.137   17.646  1.00 81.09  ? 44  ILE A C   1 
ATOM   386  O O   . ILE A 1 62  ? -3.019  3.971   18.737  1.00 82.64  ? 44  ILE A O   1 
ATOM   387  C CB  . ILE A 1 62  ? -2.878  2.135   15.993  1.00 75.25  ? 44  ILE A CB  1 
ATOM   388  C CG1 . ILE A 1 62  ? -3.838  1.149   16.704  1.00 76.54  ? 44  ILE A CG1 1 
ATOM   389  C CG2 . ILE A 1 62  ? -1.406  1.755   16.039  1.00 74.79  ? 44  ILE A CG2 1 
ATOM   390  C CD1 . ILE A 1 62  ? -3.230  0.196   17.788  1.00 91.19  ? 44  ILE A CD1 1 
ATOM   391  N N   . ARG A 1 63  ? -1.347  4.864   17.483  1.00 78.03  ? 45  ARG A N   1 
ATOM   392  C CA  . ARG A 1 63  ? -0.588  5.492   18.560  1.00 77.82  ? 45  ARG A CA  1 
ATOM   393  C C   . ARG A 1 63  ? -1.413  6.617   19.189  1.00 83.49  ? 45  ARG A C   1 
ATOM   394  O O   . ARG A 1 63  ? -1.660  6.577   20.400  1.00 83.87  ? 45  ARG A O   1 
ATOM   395  C CB  . ARG A 1 63  ? 0.756   6.010   18.035  1.00 76.39  ? 45  ARG A CB  1 
ATOM   396  C CG  . ARG A 1 63  ? 1.702   6.499   19.110  1.00 82.84  ? 45  ARG A CG  1 
ATOM   397  C CD  . ARG A 1 63  ? 3.110   6.669   18.584  1.00 86.44  ? 45  ARG A CD  1 
ATOM   398  N NE  . ARG A 1 63  ? 3.919   5.471   18.811  1.00 97.93  ? 45  ARG A NE  1 
ATOM   399  C CZ  . ARG A 1 63  ? 5.221   5.390   18.559  1.00 114.84 ? 45  ARG A CZ  1 
ATOM   400  N NH1 . ARG A 1 63  ? 5.883   4.265   18.807  1.00 92.45  ? 45  ARG A NH1 1 
ATOM   401  N NH2 . ARG A 1 63  ? 5.873   6.430   18.049  1.00 109.73 ? 45  ARG A NH2 1 
ATOM   402  N N   . TYR A 1 64  ? -1.877  7.583   18.361  1.00 80.28  ? 46  TYR A N   1 
ATOM   403  C CA  . TYR A 1 64  ? -2.709  8.712   18.782  1.00 80.59  ? 46  TYR A CA  1 
ATOM   404  C C   . TYR A 1 64  ? -3.988  8.221   19.444  1.00 87.20  ? 46  TYR A C   1 
ATOM   405  O O   . TYR A 1 64  ? -4.514  8.894   20.325  1.00 86.89  ? 46  TYR A O   1 
ATOM   406  C CB  . TYR A 1 64  ? -3.029  9.627   17.592  1.00 81.87  ? 46  TYR A CB  1 
ATOM   407  N N   . GLN A 1 65  ? -4.466  7.022   19.046  1.00 86.80  ? 47  GLN A N   1 
ATOM   408  C CA  . GLN A 1 65  ? -5.649  6.383   19.623  1.00 87.43  ? 47  GLN A CA  1 
ATOM   409  C C   . GLN A 1 65  ? -5.303  5.846   21.013  1.00 93.23  ? 47  GLN A C   1 
ATOM   410  O O   . GLN A 1 65  ? -6.058  6.080   21.953  1.00 91.74  ? 47  GLN A O   1 
ATOM   411  C CB  . GLN A 1 65  ? -6.174  5.259   18.715  1.00 88.56  ? 47  GLN A CB  1 
ATOM   412  N N   . SER A 1 66  ? -4.129  5.182   21.145  1.00 92.69  ? 48  SER A N   1 
ATOM   413  C CA  . SER A 1 66  ? -3.615  4.615   22.402  1.00 94.08  ? 48  SER A CA  1 
ATOM   414  C C   . SER A 1 66  ? -3.424  5.679   23.515  1.00 100.93 ? 48  SER A C   1 
ATOM   415  O O   . SER A 1 66  ? -3.321  5.321   24.690  1.00 100.29 ? 48  SER A O   1 
ATOM   416  C CB  . SER A 1 66  ? -2.327  3.834   22.155  1.00 97.49  ? 48  SER A CB  1 
ATOM   417  N N   . LEU A 1 67  ? -3.434  6.981   23.137  1.00 99.55  ? 49  LEU A N   1 
ATOM   418  C CA  . LEU A 1 67  ? -3.346  8.136   24.035  1.00 100.27 ? 49  LEU A CA  1 
ATOM   419  C C   . LEU A 1 67  ? -4.724  8.480   24.646  1.00 106.84 ? 49  LEU A C   1 
ATOM   420  O O   . LEU A 1 67  ? -4.897  9.564   25.217  1.00 105.95 ? 49  LEU A O   1 
ATOM   421  C CB  . LEU A 1 67  ? -2.776  9.371   23.297  1.00 100.12 ? 49  LEU A CB  1 
ATOM   422  C CG  . LEU A 1 67  ? -1.324  9.320   22.811  1.00 104.36 ? 49  LEU A CG  1 
ATOM   423  C CD1 . LEU A 1 67  ? -0.961  10.612  22.102  1.00 104.37 ? 49  LEU A CD1 1 
ATOM   424  C CD2 . LEU A 1 67  ? -0.349  9.056   23.959  1.00 106.24 ? 49  LEU A CD2 1 
ATOM   425  N N   . THR A 1 68  ? -5.700  7.560   24.511  1.00 105.92 ? 50  THR A N   1 
ATOM   426  C CA  . THR A 1 68  ? -7.062  7.688   25.039  1.00 106.92 ? 50  THR A CA  1 
ATOM   427  C C   . THR A 1 68  ? -7.516  6.339   25.599  1.00 113.86 ? 50  THR A C   1 
ATOM   428  O O   . THR A 1 68  ? -8.158  6.304   26.650  1.00 113.94 ? 50  THR A O   1 
ATOM   429  C CB  . THR A 1 68  ? -8.012  8.277   23.976  1.00 114.29 ? 50  THR A CB  1 
ATOM   430  O OG1 . THR A 1 68  ? -7.454  9.492   23.472  1.00 112.42 ? 50  THR A OG1 1 
ATOM   431  C CG2 . THR A 1 68  ? -9.410  8.559   24.524  1.00 113.32 ? 50  THR A CG2 1 
ATOM   432  N N   . ASP A 1 69  ? -7.168  5.239   24.906  1.00 112.87 ? 51  ASP A N   1 
ATOM   433  C CA  . ASP A 1 69  ? -7.511  3.882   25.318  1.00 114.35 ? 51  ASP A CA  1 
ATOM   434  C C   . ASP A 1 69  ? -6.294  2.944   25.280  1.00 122.05 ? 51  ASP A C   1 
ATOM   435  O O   . ASP A 1 69  ? -5.752  2.705   24.201  1.00 122.47 ? 51  ASP A O   1 
ATOM   436  C CB  . ASP A 1 69  ? -8.679  3.319   24.487  1.00 116.36 ? 51  ASP A CB  1 
ATOM   437  C CG  . ASP A 1 69  ? -9.151  1.948   24.940  1.00 128.28 ? 51  ASP A CG  1 
ATOM   438  O OD1 . ASP A 1 69  ? -9.494  1.799   26.138  1.00 128.82 ? 51  ASP A OD1 1 
ATOM   439  O OD2 . ASP A 1 69  ? -9.200  1.032   24.098  1.00 135.22 ? 51  ASP A OD2 1 
ATOM   440  N N   . PRO A 1 70  ? -5.870  2.375   26.434  1.00 120.66 ? 52  PRO A N   1 
ATOM   441  C CA  . PRO A 1 70  ? -4.702  1.475   26.428  1.00 121.38 ? 52  PRO A CA  1 
ATOM   442  C C   . PRO A 1 70  ? -4.907  0.107   25.767  1.00 128.11 ? 52  PRO A C   1 
ATOM   443  O O   . PRO A 1 70  ? -3.915  -0.568  25.476  1.00 128.27 ? 52  PRO A O   1 
ATOM   444  C CB  . PRO A 1 70  ? -4.368  1.328   27.913  1.00 123.03 ? 52  PRO A CB  1 
ATOM   445  C CG  . PRO A 1 70  ? -5.653  1.545   28.609  1.00 127.16 ? 52  PRO A CG  1 
ATOM   446  C CD  . PRO A 1 70  ? -6.398  2.562   27.803  1.00 122.52 ? 52  PRO A CD  1 
ATOM   447  N N   . SER A 1 71  ? -6.174  -0.303  25.533  1.00 125.98 ? 53  SER A N   1 
ATOM   448  C CA  . SER A 1 71  ? -6.523  -1.596  24.927  1.00 126.21 ? 53  SER A CA  1 
ATOM   449  C C   . SER A 1 71  ? -6.025  -1.802  23.476  1.00 130.83 ? 53  SER A C   1 
ATOM   450  O O   . SER A 1 71  ? -5.977  -2.947  23.011  1.00 130.83 ? 53  SER A O   1 
ATOM   451  C CB  . SER A 1 71  ? -8.022  -1.859  25.039  1.00 129.84 ? 53  SER A CB  1 
ATOM   452  N N   . VAL A 1 72  ? -5.640  -0.706  22.778  1.00 126.91 ? 54  VAL A N   1 
ATOM   453  C CA  . VAL A 1 72  ? -5.123  -0.750  21.407  1.00 139.48 ? 54  VAL A CA  1 
ATOM   454  C C   . VAL A 1 72  ? -3.713  -0.169  21.353  1.00 157.82 ? 54  VAL A C   1 
ATOM   455  O O   . VAL A 1 72  ? -2.740  -0.886  21.584  1.00 115.99 ? 54  VAL A O   1 
ATOM   456  C CB  . VAL A 1 72  ? -6.067  -0.036  20.421  1.00 143.13 ? 54  VAL A CB  1 
ATOM   457  N N   . PRO A 1 77  ? 1.441   -4.111  20.051  1.00 104.04 ? 59  PRO A N   1 
ATOM   458  C CA  . PRO A 1 77  ? 2.491   -3.885  21.072  1.00 103.42 ? 59  PRO A CA  1 
ATOM   459  C C   . PRO A 1 77  ? 3.597   -2.918  20.593  1.00 103.75 ? 59  PRO A C   1 
ATOM   460  O O   . PRO A 1 77  ? 3.484   -1.709  20.827  1.00 103.02 ? 59  PRO A O   1 
ATOM   461  C CB  . PRO A 1 77  ? 2.989   -5.308  21.423  1.00 105.53 ? 59  PRO A CB  1 
ATOM   462  C CG  . PRO A 1 77  ? 2.065   -6.271  20.693  1.00 110.35 ? 59  PRO A CG  1 
ATOM   463  C CD  . PRO A 1 77  ? 1.423   -5.504  19.565  1.00 105.85 ? 59  PRO A CD  1 
ATOM   464  N N   . ARG A 1 78  ? 4.655   -3.436  19.921  1.00 97.20  ? 60  ARG A N   1 
ATOM   465  C CA  . ARG A 1 78  ? 5.733   -2.621  19.352  1.00 94.95  ? 60  ARG A CA  1 
ATOM   466  C C   . ARG A 1 78  ? 5.390   -2.401  17.874  1.00 93.50  ? 60  ARG A C   1 
ATOM   467  O O   . ARG A 1 78  ? 5.421   -3.352  17.081  1.00 92.96  ? 60  ARG A O   1 
ATOM   468  C CB  . ARG A 1 78  ? 7.107   -3.303  19.500  1.00 94.24  ? 60  ARG A CB  1 
ATOM   469  N N   . LEU A 1 79  ? 5.015   -1.153  17.524  1.00 84.79  ? 61  LEU A N   1 
ATOM   470  C CA  . LEU A 1 79  ? 4.645   -0.755  16.168  1.00 81.35  ? 61  LEU A CA  1 
ATOM   471  C C   . LEU A 1 79  ? 5.854   -0.763  15.236  1.00 81.68  ? 61  LEU A C   1 
ATOM   472  O O   . LEU A 1 79  ? 6.854   -0.121  15.531  1.00 81.01  ? 61  LEU A O   1 
ATOM   473  C CB  . LEU A 1 79  ? 3.970   0.630   16.166  1.00 80.29  ? 61  LEU A CB  1 
ATOM   474  C CG  . LEU A 1 79  ? 2.724   0.791   17.027  1.00 84.08  ? 61  LEU A CG  1 
ATOM   475  C CD1 . LEU A 1 79  ? 2.198   2.211   16.963  1.00 83.97  ? 61  LEU A CD1 1 
ATOM   476  C CD2 . LEU A 1 79  ? 1.638   -0.197  16.638  1.00 86.53  ? 61  LEU A CD2 1 
ATOM   477  N N   . CYS A 1 80  ? 5.775   -1.514  14.133  1.00 77.47  ? 62  CYS A N   1 
ATOM   478  C CA  . CYS A 1 80  ? 6.845   -1.576  13.141  1.00 77.67  ? 62  CYS A CA  1 
ATOM   479  C C   . CYS A 1 80  ? 6.341   -1.717  11.688  1.00 76.20  ? 62  CYS A C   1 
ATOM   480  O O   . CYS A 1 80  ? 5.148   -1.922  11.448  1.00 75.72  ? 62  CYS A O   1 
ATOM   481  C CB  . CYS A 1 80  ? 7.874   -2.643  13.493  1.00 79.48  ? 62  CYS A CB  1 
ATOM   482  S SG  . CYS A 1 80  ? 7.275   -4.334  13.296  1.00 84.55  ? 62  CYS A SG  1 
ATOM   483  N N   . ILE A 1 81  ? 7.267   -1.560  10.728  1.00 68.32  ? 63  ILE A N   1 
ATOM   484  C CA  . ILE A 1 81  ? 7.013   -1.618  9.292   1.00 65.94  ? 63  ILE A CA  1 
ATOM   485  C C   . ILE A 1 81  ? 7.939   -2.661  8.704   1.00 70.93  ? 63  ILE A C   1 
ATOM   486  O O   . ILE A 1 81  ? 9.139   -2.645  8.969   1.00 70.86  ? 63  ILE A O   1 
ATOM   487  C CB  . ILE A 1 81  ? 7.148   -0.216  8.623   1.00 66.80  ? 63  ILE A CB  1 
ATOM   488  C CG1 . ILE A 1 81  ? 6.121   0.777   9.229   1.00 65.96  ? 63  ILE A CG1 1 
ATOM   489  C CG2 . ILE A 1 81  ? 6.994   -0.304  7.094   1.00 65.92  ? 63  ILE A CG2 1 
ATOM   490  C CD1 . ILE A 1 81  ? 6.417   2.300   9.100   1.00 67.22  ? 63  ILE A CD1 1 
ATOM   491  N N   . ARG A 1 82  ? 7.383   -3.595  7.941   1.00 67.74  ? 64  ARG A N   1 
ATOM   492  C CA  . ARG A 1 82  ? 8.185   -4.655  7.363   1.00 67.29  ? 64  ARG A CA  1 
ATOM   493  C C   . ARG A 1 82  ? 8.144   -4.604  5.850   1.00 70.03  ? 64  ARG A C   1 
ATOM   494  O O   . ARG A 1 82  ? 7.098   -4.315  5.263   1.00 69.42  ? 64  ARG A O   1 
ATOM   495  C CB  . ARG A 1 82  ? 7.739   -6.010  7.914   1.00 67.32  ? 64  ARG A CB  1 
ATOM   496  C CG  . ARG A 1 82  ? 8.879   -7.003  8.099   1.00 81.67  ? 64  ARG A CG  1 
ATOM   497  C CD  . ARG A 1 82  ? 8.413   -8.235  8.860   1.00 92.78  ? 64  ARG A CD  1 
ATOM   498  N N   . VAL A 1 83  ? 9.303   -4.833  5.228   1.00 66.20  ? 65  VAL A N   1 
ATOM   499  C CA  . VAL A 1 83  ? 9.491   -4.846  3.769   1.00 65.61  ? 65  VAL A CA  1 
ATOM   500  C C   . VAL A 1 83  ? 9.920   -6.260  3.432   1.00 70.90  ? 65  VAL A C   1 
ATOM   501  O O   . VAL A 1 83  ? 10.974  -6.715  3.898   1.00 69.65  ? 65  VAL A O   1 
ATOM   502  C CB  . VAL A 1 83  ? 10.503  -3.771  3.266   1.00 68.20  ? 65  VAL A CB  1 
ATOM   503  C CG1 . VAL A 1 83  ? 10.791  -3.931  1.773   1.00 67.96  ? 65  VAL A CG1 1 
ATOM   504  C CG2 . VAL A 1 83  ? 10.009  -2.357  3.573   1.00 67.46  ? 65  VAL A CG2 1 
ATOM   505  N N   . VAL A 1 84  ? 9.064   -6.979  2.685   1.00 68.99  ? 66  VAL A N   1 
ATOM   506  C CA  . VAL A 1 84  ? 9.295   -8.385  2.351   1.00 69.45  ? 66  VAL A CA  1 
ATOM   507  C C   . VAL A 1 84  ? 9.375   -8.692  0.844   1.00 73.47  ? 66  VAL A C   1 
ATOM   508  O O   . VAL A 1 84  ? 8.345   -8.897  0.197   1.00 72.18  ? 66  VAL A O   1 
ATOM   509  C CB  . VAL A 1 84  ? 8.323   -9.363  3.107   1.00 73.89  ? 66  VAL A CB  1 
ATOM   510  C CG1 . VAL A 1 84  ? 8.705   -10.824 2.873   1.00 73.10  ? 66  VAL A CG1 1 
ATOM   511  C CG2 . VAL A 1 84  ? 8.259   -9.064  4.607   1.00 74.11  ? 66  VAL A CG2 1 
ATOM   512  N N   . PRO A 1 85  ? 10.585  -8.839  0.280   1.00 72.55  ? 67  PRO A N   1 
ATOM   513  C CA  . PRO A 1 85  ? 10.674  -9.296  -1.118  1.00 73.89  ? 67  PRO A CA  1 
ATOM   514  C C   . PRO A 1 85  ? 10.440  -10.819 -1.201  1.00 82.16  ? 67  PRO A C   1 
ATOM   515  O O   . PRO A 1 85  ? 10.568  -11.528 -0.194  1.00 81.81  ? 67  PRO A O   1 
ATOM   516  C CB  . PRO A 1 85  ? 12.092  -8.903  -1.537  1.00 75.28  ? 67  PRO A CB  1 
ATOM   517  C CG  . PRO A 1 85  ? 12.876  -8.900  -0.269  1.00 79.00  ? 67  PRO A CG  1 
ATOM   518  C CD  . PRO A 1 85  ? 11.924  -8.669  0.885   1.00 74.43  ? 67  PRO A CD  1 
ATOM   519  N N   . ASP A 1 86  ? 10.062  -11.314 -2.393  1.00 81.65  ? 68  ASP A N   1 
ATOM   520  C CA  . ASP A 1 86  ? 9.796   -12.734 -2.663  1.00 82.51  ? 68  ASP A CA  1 
ATOM   521  C C   . ASP A 1 86  ? 10.133  -13.017 -4.135  1.00 88.48  ? 68  ASP A C   1 
ATOM   522  O O   . ASP A 1 86  ? 9.259   -12.912 -5.002  1.00 88.06  ? 68  ASP A O   1 
ATOM   523  C CB  . ASP A 1 86  ? 8.323   -13.087 -2.323  1.00 84.58  ? 68  ASP A CB  1 
ATOM   524  C CG  . ASP A 1 86  ? 7.853   -14.517 -2.587  1.00 98.57  ? 68  ASP A CG  1 
ATOM   525  O OD1 . ASP A 1 86  ? 8.715   -15.401 -2.840  1.00 100.02 ? 68  ASP A OD1 1 
ATOM   526  O OD2 . ASP A 1 86  ? 6.630   -14.762 -2.499  1.00 104.76 ? 68  ASP A OD2 1 
ATOM   527  N N   . LYS A 1 87  ? 11.410  -13.368 -4.408  1.00 86.96  ? 69  LYS A N   1 
ATOM   528  C CA  . LYS A 1 87  ? 11.907  -13.654 -5.762  1.00 87.44  ? 69  LYS A CA  1 
ATOM   529  C C   . LYS A 1 87  ? 11.165  -14.798 -6.458  1.00 92.75  ? 69  LYS A C   1 
ATOM   530  O O   . LYS A 1 87  ? 11.055  -14.782 -7.687  1.00 92.89  ? 69  LYS A O   1 
ATOM   531  C CB  . LYS A 1 87  ? 13.427  -13.862 -5.772  1.00 89.88  ? 69  LYS A CB  1 
ATOM   532  N N   . GLU A 1 88  ? 10.599  -15.744 -5.668  1.00 89.67  ? 70  GLU A N   1 
ATOM   533  C CA  . GLU A 1 88  ? 9.817   -16.884 -6.168  1.00 89.58  ? 70  GLU A CA  1 
ATOM   534  C C   . GLU A 1 88  ? 8.513   -16.434 -6.814  1.00 91.75  ? 70  GLU A C   1 
ATOM   535  O O   . GLU A 1 88  ? 8.242   -16.806 -7.958  1.00 92.06  ? 70  GLU A O   1 
ATOM   536  C CB  . GLU A 1 88  ? 9.536   -17.904 -5.049  1.00 91.28  ? 70  GLU A CB  1 
ATOM   537  N N   . ASN A 1 89  ? 7.708   -15.631 -6.096  1.00 86.09  ? 71  ASN A N   1 
ATOM   538  C CA  . ASN A 1 89  ? 6.437   -15.140 -6.632  1.00 84.57  ? 71  ASN A CA  1 
ATOM   539  C C   . ASN A 1 89  ? 6.573   -13.810 -7.397  1.00 84.94  ? 71  ASN A C   1 
ATOM   540  O O   . ASN A 1 89  ? 5.592   -13.340 -7.980  1.00 84.41  ? 71  ASN A O   1 
ATOM   541  C CB  . ASN A 1 89  ? 5.369   -15.066 -5.529  1.00 85.79  ? 71  ASN A CB  1 
ATOM   542  C CG  . ASN A 1 89  ? 5.048   -16.401 -4.868  1.00 107.32 ? 71  ASN A CG  1 
ATOM   543  O OD1 . ASN A 1 89  ? 5.274   -17.484 -5.421  1.00 99.02  ? 71  ASN A OD1 1 
ATOM   544  N ND2 . ASN A 1 89  ? 4.476   -16.355 -3.674  1.00 99.43  ? 71  ASN A ND2 1 
ATOM   545  N N   . LYS A 1 90  ? 7.802   -13.244 -7.445  1.00 79.16  ? 72  LYS A N   1 
ATOM   546  C CA  . LYS A 1 90  ? 8.128   -11.952 -8.062  1.00 77.57  ? 72  LYS A CA  1 
ATOM   547  C C   . LYS A 1 90  ? 7.234   -10.830 -7.451  1.00 78.48  ? 72  LYS A C   1 
ATOM   548  O O   . LYS A 1 90  ? 6.610   -10.033 -8.171  1.00 77.07  ? 72  LYS A O   1 
ATOM   549  C CB  . LYS A 1 90  ? 8.077   -12.028 -9.603  1.00 79.59  ? 72  LYS A CB  1 
ATOM   550  N N   . THR A 1 91  ? 7.134   -10.829 -6.100  1.00 73.69  ? 73  THR A N   1 
ATOM   551  C CA  . THR A 1 91  ? 6.310   -9.861  -5.361  1.00 72.93  ? 73  THR A CA  1 
ATOM   552  C C   . THR A 1 91  ? 7.071   -9.122  -4.286  1.00 74.68  ? 73  THR A C   1 
ATOM   553  O O   . THR A 1 91  ? 7.998   -9.676  -3.689  1.00 74.07  ? 73  THR A O   1 
ATOM   554  C CB  . THR A 1 91  ? 5.048   -10.487 -4.719  1.00 76.76  ? 73  THR A CB  1 
ATOM   555  O OG1 . THR A 1 91  ? 5.405   -11.326 -3.620  1.00 79.43  ? 73  THR A OG1 1 
ATOM   556  C CG2 . THR A 1 91  ? 4.161   -11.193 -5.701  1.00 71.78  ? 73  THR A CG2 1 
ATOM   557  N N   . LEU A 1 92  ? 6.623   -7.887  -3.989  1.00 69.38  ? 74  LEU A N   1 
ATOM   558  C CA  . LEU A 1 92  ? 7.189   -7.084  -2.899  1.00 67.48  ? 74  LEU A CA  1 
ATOM   559  C C   . LEU A 1 92  ? 6.067   -6.683  -1.964  1.00 67.60  ? 74  LEU A C   1 
ATOM   560  O O   . LEU A 1 92  ? 5.044   -6.176  -2.410  1.00 66.93  ? 74  LEU A O   1 
ATOM   561  C CB  . LEU A 1 92  ? 7.972   -5.866  -3.417  1.00 67.15  ? 74  LEU A CB  1 
ATOM   562  C CG  . LEU A 1 92  ? 8.690   -5.017  -2.353  1.00 70.90  ? 74  LEU A CG  1 
ATOM   563  C CD1 . LEU A 1 92  ? 9.988   -5.677  -1.870  1.00 69.73  ? 74  LEU A CD1 1 
ATOM   564  C CD2 . LEU A 1 92  ? 8.942   -3.619  -2.864  1.00 73.06  ? 74  LEU A CD2 1 
ATOM   565  N N   . THR A 1 93  ? 6.257   -6.914  -0.672  1.00 63.40  ? 75  THR A N   1 
ATOM   566  C CA  . THR A 1 93  ? 5.242   -6.639  0.344   1.00 62.39  ? 75  THR A CA  1 
ATOM   567  C C   . THR A 1 93  ? 5.688   -5.578  1.346   1.00 64.97  ? 75  THR A C   1 
ATOM   568  O O   . THR A 1 93  ? 6.832   -5.602  1.783   1.00 64.60  ? 75  THR A O   1 
ATOM   569  C CB  . THR A 1 93  ? 4.861   -7.960  1.065   1.00 70.87  ? 75  THR A CB  1 
ATOM   570  O OG1 . THR A 1 93  ? 4.563   -8.987  0.103   1.00 73.24  ? 75  THR A OG1 1 
ATOM   571  C CG2 . THR A 1 93  ? 3.695   -7.797  2.017   1.00 65.84  ? 75  THR A CG2 1 
ATOM   572  N N   . VAL A 1 94  ? 4.778   -4.646  1.696   1.00 60.03  ? 76  VAL A N   1 
ATOM   573  C CA  . VAL A 1 94  ? 4.983   -3.643  2.724   1.00 59.48  ? 76  VAL A CA  1 
ATOM   574  C C   . VAL A 1 94  ? 3.914   -3.944  3.793   1.00 63.22  ? 76  VAL A C   1 
ATOM   575  O O   . VAL A 1 94  ? 2.716   -3.740  3.568   1.00 60.68  ? 76  VAL A O   1 
ATOM   576  C CB  . VAL A 1 94  ? 5.002   -2.145  2.259   1.00 63.21  ? 76  VAL A CB  1 
ATOM   577  C CG1 . VAL A 1 94  ? 5.355   -1.216  3.426   1.00 62.01  ? 76  VAL A CG1 1 
ATOM   578  C CG2 . VAL A 1 94  ? 5.997   -1.931  1.126   1.00 63.16  ? 76  VAL A CG2 1 
ATOM   579  N N   . GLU A 1 95  ? 4.368   -4.493  4.926   1.00 62.06  ? 77  GLU A N   1 
ATOM   580  C CA  . GLU A 1 95  ? 3.522   -4.881  6.059   1.00 62.85  ? 77  GLU A CA  1 
ATOM   581  C C   . GLU A 1 95  ? 3.679   -3.931  7.223   1.00 64.22  ? 77  GLU A C   1 
ATOM   582  O O   . GLU A 1 95  ? 4.800   -3.596  7.616   1.00 62.36  ? 77  GLU A O   1 
ATOM   583  C CB  . GLU A 1 95  ? 3.898   -6.286  6.584   1.00 64.96  ? 77  GLU A CB  1 
ATOM   584  C CG  . GLU A 1 95  ? 3.621   -7.464  5.669   1.00 81.70  ? 77  GLU A CG  1 
ATOM   585  C CD  . GLU A 1 95  ? 4.105   -8.805  6.199   1.00 109.27 ? 77  GLU A CD  1 
ATOM   586  O OE1 . GLU A 1 95  ? 5.224   -8.863  6.761   1.00 94.93  ? 77  GLU A OE1 1 
ATOM   587  O OE2 . GLU A 1 95  ? 3.373   -9.806  6.023   1.00 110.36 ? 77  GLU A OE2 1 
ATOM   588  N N   . ASP A 1 96  ? 2.554   -3.574  7.833   1.00 60.44  ? 78  ASP A N   1 
ATOM   589  C CA  . ASP A 1 96  ? 2.542   -2.772  9.041   1.00 59.78  ? 78  ASP A CA  1 
ATOM   590  C C   . ASP A 1 96  ? 1.509   -3.363  10.024  1.00 65.65  ? 78  ASP A C   1 
ATOM   591  O O   . ASP A 1 96  ? 0.597   -4.090  9.602   1.00 64.60  ? 78  ASP A O   1 
ATOM   592  C CB  . ASP A 1 96  ? 2.263   -1.294  8.736   1.00 60.04  ? 78  ASP A CB  1 
ATOM   593  C CG  . ASP A 1 96  ? 0.831   -0.972  8.364   1.00 66.91  ? 78  ASP A CG  1 
ATOM   594  O OD1 . ASP A 1 96  ? -0.065  -1.095  9.254   1.00 66.25  ? 78  ASP A OD1 1 
ATOM   595  O OD2 . ASP A 1 96  ? 0.604   -0.500  7.209   1.00 69.82  ? 78  ASP A OD2 1 
ATOM   596  N N   . ASN A 1 97  ? 1.627   -3.003  11.323  1.00 62.16  ? 79  ASN A N   1 
ATOM   597  C CA  . ASN A 1 97  ? 0.679   -3.412  12.354  1.00 61.49  ? 79  ASN A CA  1 
ATOM   598  C C   . ASN A 1 97  ? -0.016  -2.183  12.924  1.00 65.72  ? 79  ASN A C   1 
ATOM   599  O O   . ASN A 1 97  ? -0.263  -2.113  14.121  1.00 66.88  ? 79  ASN A O   1 
ATOM   600  C CB  . ASN A 1 97  ? 1.349   -4.275  13.435  1.00 62.84  ? 79  ASN A CB  1 
ATOM   601  C CG  . ASN A 1 97  ? 2.462   -3.612  14.217  1.00 90.81  ? 79  ASN A CG  1 
ATOM   602  O OD1 . ASN A 1 97  ? 3.353   -2.959  13.667  1.00 88.53  ? 79  ASN A OD1 1 
ATOM   603  N ND2 . ASN A 1 97  ? 2.452   -3.809  15.522  1.00 85.02  ? 79  ASN A ND2 1 
ATOM   604  N N   . GLY A 1 98  ? -0.343  -1.231  12.051  1.00 61.36  ? 80  GLY A N   1 
ATOM   605  C CA  . GLY A 1 98  ? -1.022  0.013   12.404  1.00 59.90  ? 80  GLY A CA  1 
ATOM   606  C C   . GLY A 1 98  ? -2.498  -0.172  12.654  1.00 62.03  ? 80  GLY A C   1 
ATOM   607  O O   . GLY A 1 98  ? -2.920  -1.269  13.002  1.00 60.86  ? 80  GLY A O   1 
ATOM   608  N N   . ILE A 1 99  ? -3.304  0.893   12.450  1.00 58.96  ? 81  ILE A N   1 
ATOM   609  C CA  . ILE A 1 99  ? -4.746  0.889   12.697  1.00 58.75  ? 81  ILE A CA  1 
ATOM   610  C C   . ILE A 1 99  ? -5.571  -0.087  11.857  1.00 66.53  ? 81  ILE A C   1 
ATOM   611  O O   . ILE A 1 99  ? -6.649  -0.512  12.300  1.00 67.46  ? 81  ILE A O   1 
ATOM   612  C CB  . ILE A 1 99  ? -5.359  2.327   12.715  1.00 61.43  ? 81  ILE A CB  1 
ATOM   613  C CG1 . ILE A 1 99  ? -6.733  2.344   13.480  1.00 61.94  ? 81  ILE A CG1 1 
ATOM   614  C CG2 . ILE A 1 99  ? -5.460  2.941   11.295  1.00 58.74  ? 81  ILE A CG2 1 
ATOM   615  C CD1 . ILE A 1 99  ? -7.281  3.731   13.881  1.00 71.50  ? 81  ILE A CD1 1 
ATOM   616  N N   . GLY A 1 100 ? -5.102  -0.400  10.648  1.00 63.43  ? 82  GLY A N   1 
ATOM   617  C CA  . GLY A 1 100 ? -5.843  -1.264  9.734   1.00 62.18  ? 82  GLY A CA  1 
ATOM   618  C C   . GLY A 1 100 ? -7.035  -0.537  9.138   1.00 63.79  ? 82  GLY A C   1 
ATOM   619  O O   . GLY A 1 100 ? -7.392  0.564   9.581   1.00 62.85  ? 82  GLY A O   1 
ATOM   620  N N   . MET A 1 101 ? -7.665  -1.150  8.132   1.00 59.68  ? 83  MET A N   1 
ATOM   621  C CA  . MET A 1 101 ? -8.825  -0.577  7.451   1.00 58.63  ? 83  MET A CA  1 
ATOM   622  C C   . MET A 1 101 ? -10.035 -1.496  7.546   1.00 64.87  ? 83  MET A C   1 
ATOM   623  O O   . MET A 1 101 ? -9.916  -2.706  7.313   1.00 66.01  ? 83  MET A O   1 
ATOM   624  C CB  . MET A 1 101 ? -8.506  -0.290  5.965   1.00 59.69  ? 83  MET A CB  1 
ATOM   625  C CG  . MET A 1 101 ? -7.690  0.975   5.731   1.00 60.94  ? 83  MET A CG  1 
ATOM   626  S SD  . MET A 1 101 ? -6.906  1.067   4.085   1.00 62.22  ? 83  MET A SD  1 
ATOM   627  C CE  . MET A 1 101 ? -5.544  -0.130  4.300   1.00 57.68  ? 83  MET A CE  1 
ATOM   628  N N   . THR A 1 102 ? -11.210 -0.918  7.863   1.00 61.80  ? 84  THR A N   1 
ATOM   629  C CA  . THR A 1 102 ? -12.473 -1.670  7.924   1.00 62.08  ? 84  THR A CA  1 
ATOM   630  C C   . THR A 1 102 ? -12.923 -1.892  6.472   1.00 68.29  ? 84  THR A C   1 
ATOM   631  O O   . THR A 1 102 ? -12.321 -1.303  5.561   1.00 68.79  ? 84  THR A O   1 
ATOM   632  C CB  . THR A 1 102 ? -13.569 -0.862  8.682   1.00 64.61  ? 84  THR A CB  1 
ATOM   633  O OG1 . THR A 1 102 ? -14.017 0.253   7.888   1.00 60.72  ? 84  THR A OG1 1 
ATOM   634  C CG2 . THR A 1 102 ? -13.146 -0.427  10.078  1.00 59.65  ? 84  THR A CG2 1 
ATOM   635  N N   . LYS A 1 103 ? -13.999 -2.687  6.256   1.00 64.44  ? 85  LYS A N   1 
ATOM   636  C CA  . LYS A 1 103 ? -14.566 -2.909  4.923   1.00 64.16  ? 85  LYS A CA  1 
ATOM   637  C C   . LYS A 1 103 ? -15.003 -1.574  4.291   1.00 69.83  ? 85  LYS A C   1 
ATOM   638  O O   . LYS A 1 103 ? -14.699 -1.358  3.117   1.00 69.92  ? 85  LYS A O   1 
ATOM   639  C CB  . LYS A 1 103 ? -15.747 -3.913  4.952   1.00 65.08  ? 85  LYS A CB  1 
ATOM   640  C CG  . LYS A 1 103 ? -16.211 -4.366  3.565   1.00 76.80  ? 85  LYS A CG  1 
ATOM   641  C CD  . LYS A 1 103 ? -17.459 -5.251  3.586   1.00 82.81  ? 85  LYS A CD  1 
ATOM   642  C CE  A LYS A 1 103 ? -17.921 -5.591  2.190   0.50 81.56  ? 85  LYS A CE  1 
ATOM   643  N NZ  A LYS A 1 103 ? -19.157 -6.413  2.193   0.50 86.55  ? 85  LYS A NZ  1 
ATOM   644  N N   . ALA A 1 104 ? -15.691 -0.683  5.053   1.00 67.42  ? 86  ALA A N   1 
ATOM   645  C CA  . ALA A 1 104 ? -16.135 0.612   4.511   1.00 68.99  ? 86  ALA A CA  1 
ATOM   646  C C   . ALA A 1 104 ? -14.937 1.457   4.016   1.00 76.90  ? 86  ALA A C   1 
ATOM   647  O O   . ALA A 1 104 ? -15.030 2.110   2.963   1.00 77.74  ? 86  ALA A O   1 
ATOM   648  C CB  . ALA A 1 104 ? -16.940 1.379   5.539   1.00 69.59  ? 86  ALA A CB  1 
ATOM   649  N N   . ASP A 1 105 ? -13.797 1.385   4.740   1.00 72.43  ? 87  ASP A N   1 
ATOM   650  C CA  . ASP A 1 105 ? -12.578 2.073   4.325   1.00 72.03  ? 87  ASP A CA  1 
ATOM   651  C C   . ASP A 1 105 ? -12.138 1.547   2.927   1.00 75.10  ? 87  ASP A C   1 
ATOM   652  O O   . ASP A 1 105 ? -12.007 2.335   1.989   1.00 75.00  ? 87  ASP A O   1 
ATOM   653  C CB  . ASP A 1 105 ? -11.459 1.879   5.374   1.00 73.55  ? 87  ASP A CB  1 
ATOM   654  C CG  . ASP A 1 105 ? -11.717 2.465   6.755   1.00 78.25  ? 87  ASP A CG  1 
ATOM   655  O OD1 . ASP A 1 105 ? -11.098 1.979   7.733   1.00 77.89  ? 87  ASP A OD1 1 
ATOM   656  O OD2 . ASP A 1 105 ? -12.489 3.442   6.853   1.00 81.20  ? 87  ASP A OD2 1 
ATOM   657  N N   . LEU A 1 106 ? -12.009 0.219   2.784   1.00 70.03  ? 88  LEU A N   1 
ATOM   658  C CA  . LEU A 1 106 ? -11.586 -0.445  1.549   1.00 69.72  ? 88  LEU A CA  1 
ATOM   659  C C   . LEU A 1 106 ? -12.541 -0.304  0.355   1.00 79.60  ? 88  LEU A C   1 
ATOM   660  O O   . LEU A 1 106 ? -12.074 -0.066  -0.766  1.00 80.35  ? 88  LEU A O   1 
ATOM   661  C CB  . LEU A 1 106 ? -11.297 -1.929  1.792   1.00 68.46  ? 88  LEU A CB  1 
ATOM   662  C CG  . LEU A 1 106 ? -10.251 -2.292  2.827   1.00 71.81  ? 88  LEU A CG  1 
ATOM   663  C CD1 . LEU A 1 106 ? -10.234 -3.788  3.040   1.00 71.30  ? 88  LEU A CD1 1 
ATOM   664  C CD2 . LEU A 1 106 ? -8.861  -1.814  2.423   1.00 72.63  ? 88  LEU A CD2 1 
ATOM   665  N N   . VAL A 1 107 ? -13.861 -0.514  0.586   1.00 79.14  ? 89  VAL A N   1 
ATOM   666  C CA  . VAL A 1 107 ? -14.921 -0.490  -0.429  1.00 80.04  ? 89  VAL A CA  1 
ATOM   667  C C   . VAL A 1 107 ? -15.161 0.898   -1.065  1.00 86.87  ? 89  VAL A C   1 
ATOM   668  O O   . VAL A 1 107 ? -15.605 0.977   -2.221  1.00 86.03  ? 89  VAL A O   1 
ATOM   669  C CB  . VAL A 1 107 ? -16.238 -1.110  0.111   1.00 83.17  ? 89  VAL A CB  1 
ATOM   670  N N   . ASN A 1 108 ? -14.888 1.978   -0.299  1.00 85.32  ? 90  ASN A N   1 
ATOM   671  C CA  . ASN A 1 108 ? -15.081 3.377   -0.705  1.00 85.80  ? 90  ASN A CA  1 
ATOM   672  C C   . ASN A 1 108 ? -13.790 4.054   -1.173  1.00 90.05  ? 90  ASN A C   1 
ATOM   673  O O   . ASN A 1 108 ? -13.841 5.168   -1.726  1.00 89.96  ? 90  ASN A O   1 
ATOM   674  C CB  . ASN A 1 108 ? -15.715 4.165   0.446   1.00 87.87  ? 90  ASN A CB  1 
ATOM   675  C CG  . ASN A 1 108 ? -17.186 3.853   0.621   1.00 117.22 ? 90  ASN A CG  1 
ATOM   676  O OD1 . ASN A 1 108 ? -18.063 4.565   0.111   1.00 117.61 ? 90  ASN A OD1 1 
ATOM   677  N ND2 . ASN A 1 108 ? -17.491 2.762   1.311   1.00 103.20 ? 90  ASN A ND2 1 
ATOM   678  N N   . ASN A 1 109 ? -12.643 3.352   -0.990  1.00 85.66  ? 91  ASN A N   1 
ATOM   679  C CA  . ASN A 1 109 ? -11.281 3.808   -1.282  1.00 85.25  ? 91  ASN A CA  1 
ATOM   680  C C   . ASN A 1 109 ? -11.041 5.079   -0.450  1.00 89.95  ? 91  ASN A C   1 
ATOM   681  O O   . ASN A 1 109 ? -10.746 6.151   -0.977  1.00 88.67  ? 91  ASN A O   1 
ATOM   682  C CB  . ASN A 1 109 ? -11.041 4.001   -2.792  1.00 80.69  ? 91  ASN A CB  1 
ATOM   683  C CG  . ASN A 1 109 ? -11.113 2.733   -3.593  1.00 82.06  ? 91  ASN A CG  1 
ATOM   684  O OD1 . ASN A 1 109 ? -10.313 1.797   -3.442  1.00 69.27  ? 91  ASN A OD1 1 
ATOM   685  N ND2 . ASN A 1 109 ? -12.040 2.710   -4.520  1.00 77.46  ? 91  ASN A ND2 1 
ATOM   686  N N   . LEU A 1 110 ? -11.291 4.943   0.863   1.00 87.90  ? 92  LEU A N   1 
ATOM   687  C CA  . LEU A 1 110 ? -11.218 5.984   1.883   1.00 88.63  ? 92  LEU A CA  1 
ATOM   688  C C   . LEU A 1 110 ? -12.171 7.173   1.626   1.00 96.80  ? 92  LEU A C   1 
ATOM   689  O O   . LEU A 1 110 ? -12.018 8.243   2.214   1.00 96.99  ? 92  LEU A O   1 
ATOM   690  C CB  . LEU A 1 110 ? -9.767  6.407   2.197   1.00 88.18  ? 92  LEU A CB  1 
ATOM   691  C CG  . LEU A 1 110 ? -8.781  5.283   2.504   1.00 92.21  ? 92  LEU A CG  1 
ATOM   692  C CD1 . LEU A 1 110 ? -7.402  5.835   2.684   1.00 92.94  ? 92  LEU A CD1 1 
ATOM   693  C CD2 . LEU A 1 110 ? -9.184  4.490   3.745   1.00 92.20  ? 92  LEU A CD2 1 
ATOM   694  N N   . GLY A 1 111 ? -13.153 6.941   0.759   1.00 96.39  ? 93  GLY A N   1 
ATOM   695  C CA  . GLY A 1 111 ? -14.216 7.875   0.396   1.00 98.22  ? 93  GLY A CA  1 
ATOM   696  C C   . GLY A 1 111 ? -13.830 9.137   -0.344  1.00 105.75 ? 93  GLY A C   1 
ATOM   697  O O   . GLY A 1 111 ? -13.287 9.081   -1.452  1.00 105.68 ? 93  GLY A O   1 
ATOM   698  N N   . THR A 1 112 ? -14.171 10.292  0.264   1.00 104.63 ? 94  THR A N   1 
ATOM   699  C CA  . THR A 1 112 ? -13.908 11.634  -0.261  1.00 105.20 ? 94  THR A CA  1 
ATOM   700  C C   . THR A 1 112 ? -12.404 11.937  -0.333  1.00 110.66 ? 94  THR A C   1 
ATOM   701  O O   . THR A 1 112 ? -12.007 12.823  -1.094  1.00 111.42 ? 94  THR A O   1 
ATOM   702  C CB  . THR A 1 112 ? -14.683 12.683  0.549   1.00 111.98 ? 94  THR A CB  1 
ATOM   703  N N   . ILE A 1 113 ? -11.573 11.192  0.445   1.00 106.65 ? 95  ILE A N   1 
ATOM   704  C CA  . ILE A 1 113 ? -10.111 11.319  0.502   1.00 105.80 ? 95  ILE A CA  1 
ATOM   705  C C   . ILE A 1 113 ? -9.448  11.069  -0.857  1.00 107.87 ? 95  ILE A C   1 
ATOM   706  O O   . ILE A 1 113 ? -8.731  11.943  -1.347  1.00 107.79 ? 95  ILE A O   1 
ATOM   707  C CB  . ILE A 1 113 ? -9.507  10.424  1.613   1.00 108.71 ? 95  ILE A CB  1 
ATOM   708  N N   . ALA A 1 114 ? -9.713  9.900   -1.475  1.00 102.47 ? 96  ALA A N   1 
ATOM   709  C CA  . ALA A 1 114 ? -9.132  9.550   -2.771  1.00 101.61 ? 96  ALA A CA  1 
ATOM   710  C C   . ALA A 1 114 ? -9.666  10.392  -3.921  1.00 103.11 ? 96  ALA A C   1 
ATOM   711  O O   . ALA A 1 114 ? -8.872  10.828  -4.747  1.00 103.31 ? 96  ALA A O   1 
ATOM   712  C CB  . ALA A 1 114 ? -9.315  8.070   -3.067  1.00 102.32 ? 96  ALA A CB  1 
ATOM   713  N N   . ARG A 1 115 ? -10.995 10.617  -3.976  1.00 97.03  ? 97  ARG A N   1 
ATOM   714  C CA  . ARG A 1 115 ? -11.669 11.386  -5.028  1.00 95.19  ? 97  ARG A CA  1 
ATOM   715  C C   . ARG A 1 115 ? -11.136 12.823  -5.139  1.00 93.63  ? 97  ARG A C   1 
ATOM   716  O O   . ARG A 1 115 ? -10.600 13.189  -6.189  1.00 92.68  ? 97  ARG A O   1 
ATOM   717  C CB  . ARG A 1 115 ? -13.194 11.354  -4.832  1.00 96.30  ? 97  ARG A CB  1 
ATOM   718  N N   . SER A 1 116 ? -11.223 13.608  -4.048  1.00 86.83  ? 98  SER A N   1 
ATOM   719  C CA  . SER A 1 116 ? -10.724 14.984  -3.999  1.00 85.39  ? 98  SER A CA  1 
ATOM   720  C C   . SER A 1 116 ? -9.196  15.039  -4.235  1.00 87.02  ? 98  SER A C   1 
ATOM   721  O O   . SER A 1 116 ? -8.719  15.900  -4.980  1.00 86.00  ? 98  SER A O   1 
ATOM   722  C CB  . SER A 1 116 ? -11.085 15.633  -2.668  1.00 88.31  ? 98  SER A CB  1 
ATOM   723  N N   . GLY A 1 117 ? -8.469  14.088  -3.638  1.00 81.59  ? 99  GLY A N   1 
ATOM   724  C CA  . GLY A 1 117 ? -7.020  13.959  -3.744  1.00 80.50  ? 99  GLY A CA  1 
ATOM   725  C C   . GLY A 1 117 ? -6.521  13.777  -5.163  1.00 82.55  ? 99  GLY A C   1 
ATOM   726  O O   . GLY A 1 117 ? -5.603  14.486  -5.598  1.00 82.25  ? 99  GLY A O   1 
ATOM   727  N N   . THR A 1 118 ? -7.145  12.841  -5.897  1.00 76.98  ? 100 THR A N   1 
ATOM   728  C CA  . THR A 1 118 ? -6.833  12.521  -7.296  1.00 76.15  ? 100 THR A CA  1 
ATOM   729  C C   . THR A 1 118 ? -7.070  13.735  -8.198  1.00 77.71  ? 100 THR A C   1 
ATOM   730  O O   . THR A 1 118 ? -6.199  14.078  -8.999  1.00 77.29  ? 100 THR A O   1 
ATOM   731  C CB  . THR A 1 118 ? -7.638  11.287  -7.761  1.00 85.49  ? 100 THR A CB  1 
ATOM   732  O OG1 . THR A 1 118 ? -7.361  10.183  -6.901  1.00 86.19  ? 100 THR A OG1 1 
ATOM   733  C CG2 . THR A 1 118 ? -7.330  10.892  -9.182  1.00 84.70  ? 100 THR A CG2 1 
ATOM   734  N N   . LYS A 1 119 ? -8.249  14.373  -8.074  1.00 73.22  ? 101 LYS A N   1 
ATOM   735  C CA  . LYS A 1 119 ? -8.612  15.545  -8.869  1.00 72.57  ? 101 LYS A CA  1 
ATOM   736  C C   . LYS A 1 119 ? -7.566  16.629  -8.659  1.00 74.83  ? 101 LYS A C   1 
ATOM   737  O O   . LYS A 1 119 ? -6.981  17.101  -9.641  1.00 74.62  ? 101 LYS A O   1 
ATOM   738  C CB  . LYS A 1 119 ? -10.036 16.028  -8.533  1.00 75.16  ? 101 LYS A CB  1 
ATOM   739  N N   . ALA A 1 120 ? -7.238  16.919  -7.373  1.00 69.42  ? 102 ALA A N   1 
ATOM   740  C CA  . ALA A 1 120 ? -6.222  17.895  -6.974  1.00 67.78  ? 102 ALA A CA  1 
ATOM   741  C C   . ALA A 1 120 ? -4.819  17.515  -7.411  1.00 70.30  ? 102 ALA A C   1 
ATOM   742  O O   . ALA A 1 120 ? -4.053  18.407  -7.777  1.00 71.76  ? 102 ALA A O   1 
ATOM   743  C CB  . ALA A 1 120 ? -6.250  18.108  -5.473  1.00 68.19  ? 102 ALA A CB  1 
ATOM   744  N N   . PHE A 1 121 ? -4.462  16.215  -7.379  1.00 64.19  ? 103 PHE A N   1 
ATOM   745  C CA  . PHE A 1 121 ? -3.120  15.808  -7.815  1.00 62.52  ? 103 PHE A CA  1 
ATOM   746  C C   . PHE A 1 121 ? -2.935  15.981  -9.317  1.00 68.25  ? 103 PHE A C   1 
ATOM   747  O O   . PHE A 1 121 ? -1.949  16.573  -9.725  1.00 67.15  ? 103 PHE A O   1 
ATOM   748  C CB  . PHE A 1 121 ? -2.730  14.400  -7.343  1.00 62.57  ? 103 PHE A CB  1 
ATOM   749  C CG  . PHE A 1 121 ? -1.418  13.886  -7.901  1.00 62.06  ? 103 PHE A CG  1 
ATOM   750  C CD1 . PHE A 1 121 ? -0.222  14.540  -7.632  1.00 62.45  ? 103 PHE A CD1 1 
ATOM   751  C CD2 . PHE A 1 121 ? -1.377  12.726  -8.671  1.00 62.34  ? 103 PHE A CD2 1 
ATOM   752  C CE1 . PHE A 1 121 ? 0.987   14.062  -8.152  1.00 63.18  ? 103 PHE A CE1 1 
ATOM   753  C CE2 . PHE A 1 121 ? -0.163  12.239  -9.170  1.00 64.18  ? 103 PHE A CE2 1 
ATOM   754  C CZ  . PHE A 1 121 ? 1.010   12.913  -8.914  1.00 61.67  ? 103 PHE A CZ  1 
ATOM   755  N N   . MET A 1 122 ? -3.908  15.531  -10.126 1.00 68.41  ? 104 MET A N   1 
ATOM   756  C CA  . MET A 1 122 ? -3.858  15.668  -11.587 1.00 70.03  ? 104 MET A CA  1 
ATOM   757  C C   . MET A 1 122 ? -3.863  17.144  -12.015 1.00 76.28  ? 104 MET A C   1 
ATOM   758  O O   . MET A 1 122 ? -3.183  17.502  -12.979 1.00 76.19  ? 104 MET A O   1 
ATOM   759  C CB  . MET A 1 122 ? -4.967  14.852  -12.267 1.00 72.44  ? 104 MET A CB  1 
ATOM   760  C CG  . MET A 1 122 ? -4.859  13.364  -11.988 1.00 76.36  ? 104 MET A CG  1 
ATOM   761  S SD  . MET A 1 122 ? -6.095  12.344  -12.833 1.00 81.36  ? 104 MET A SD  1 
ATOM   762  C CE  . MET A 1 122 ? -7.636  13.024  -12.144 1.00 78.05  ? 104 MET A CE  1 
ATOM   763  N N   . GLU A 1 123 ? -4.550  18.001  -11.232 1.00 74.11  ? 105 GLU A N   1 
ATOM   764  C CA  . GLU A 1 123 ? -4.596  19.453  -11.421 1.00 74.66  ? 105 GLU A CA  1 
ATOM   765  C C   . GLU A 1 123 ? -3.237  20.058  -11.077 1.00 78.85  ? 105 GLU A C   1 
ATOM   766  O O   . GLU A 1 123 ? -2.869  21.074  -11.660 1.00 80.51  ? 105 GLU A O   1 
ATOM   767  C CB  . GLU A 1 123 ? -5.687  20.092  -10.547 1.00 76.19  ? 105 GLU A CB  1 
ATOM   768  N N   . ALA A 1 124 ? -2.487  19.440  -10.147 1.00 73.17  ? 106 ALA A N   1 
ATOM   769  C CA  . ALA A 1 124 ? -1.154  19.921  -9.782  1.00 71.84  ? 106 ALA A CA  1 
ATOM   770  C C   . ALA A 1 124 ? -0.126  19.593  -10.859 1.00 76.52  ? 106 ALA A C   1 
ATOM   771  O O   . ALA A 1 124 ? 0.724   20.436  -11.158 1.00 76.99  ? 106 ALA A O   1 
ATOM   772  C CB  . ALA A 1 124 ? -0.721  19.326  -8.459  1.00 72.23  ? 106 ALA A CB  1 
ATOM   773  N N   . LEU A 1 125 ? -0.193  18.365  -11.434 1.00 72.97  ? 107 LEU A N   1 
ATOM   774  C CA  . LEU A 1 125 ? 0.733   17.892  -12.482 1.00 72.31  ? 107 LEU A CA  1 
ATOM   775  C C   . LEU A 1 125 ? 0.587   18.735  -13.735 1.00 75.63  ? 107 LEU A C   1 
ATOM   776  O O   . LEU A 1 125 ? 1.583   19.015  -14.402 1.00 73.83  ? 107 LEU A O   1 
ATOM   777  C CB  . LEU A 1 125 ? 0.446   16.436  -12.866 1.00 71.77  ? 107 LEU A CB  1 
ATOM   778  C CG  . LEU A 1 125 ? 0.759   15.341  -11.887 1.00 74.99  ? 107 LEU A CG  1 
ATOM   779  C CD1 . LEU A 1 125 ? 0.034   14.085  -12.301 1.00 75.36  ? 107 LEU A CD1 1 
ATOM   780  C CD2 . LEU A 1 125 ? 2.243   15.071  -11.824 1.00 73.81  ? 107 LEU A CD2 1 
ATOM   781  N N   . GLU A 1 126 ? -0.670  19.105  -14.059 1.00 74.08  ? 108 GLU A N   1 
ATOM   782  C CA  . GLU A 1 126 ? -1.011  19.918  -15.217 1.00 75.27  ? 108 GLU A CA  1 
ATOM   783  C C   . GLU A 1 126 ? -0.302  21.269  -15.104 1.00 82.17  ? 108 GLU A C   1 
ATOM   784  O O   . GLU A 1 126 ? 0.379   21.687  -16.050 1.00 83.75  ? 108 GLU A O   1 
ATOM   785  C CB  . GLU A 1 126 ? -2.539  20.090  -15.344 1.00 76.46  ? 108 GLU A CB  1 
ATOM   786  N N   . ALA A 1 127 ? -0.367  21.878  -13.903 1.00 77.40  ? 109 ALA A N   1 
ATOM   787  C CA  . ALA A 1 127 ? 0.215   23.177  -13.584 1.00 76.31  ? 109 ALA A CA  1 
ATOM   788  C C   . ALA A 1 127 ? 1.743   23.222  -13.334 1.00 76.43  ? 109 ALA A C   1 
ATOM   789  O O   . ALA A 1 127 ? 2.265   24.279  -12.961 1.00 77.98  ? 109 ALA A O   1 
ATOM   790  C CB  . ALA A 1 127 ? -0.549  23.812  -12.423 1.00 77.38  ? 109 ALA A CB  1 
ATOM   791  N N   . GLY A 1 128 ? 2.450   22.112  -13.536 1.00 67.87  ? 110 GLY A N   1 
ATOM   792  C CA  . GLY A 1 128 ? 3.903   22.100  -13.363 1.00 65.08  ? 110 GLY A CA  1 
ATOM   793  C C   . GLY A 1 128 ? 4.487   21.121  -12.374 1.00 66.28  ? 110 GLY A C   1 
ATOM   794  O O   . GLY A 1 128 ? 5.714   20.985  -12.300 1.00 65.23  ? 110 GLY A O   1 
ATOM   795  N N   . GLY A 1 129 ? 3.615   20.441  -11.630 1.00 63.13  ? 111 GLY A N   1 
ATOM   796  C CA  . GLY A 1 129 ? 3.979   19.474  -10.597 1.00 62.89  ? 111 GLY A CA  1 
ATOM   797  C C   . GLY A 1 129 ? 4.762   18.263  -11.058 1.00 65.96  ? 111 GLY A C   1 
ATOM   798  O O   . GLY A 1 129 ? 4.952   18.066  -12.260 1.00 68.02  ? 111 GLY A O   1 
ATOM   799  N N   . ASP A 1 130 ? 5.233   17.458  -10.105 1.00 60.54  ? 112 ASP A N   1 
ATOM   800  C CA  . ASP A 1 130 ? 5.983   16.215  -10.342 1.00 60.16  ? 112 ASP A CA  1 
ATOM   801  C C   . ASP A 1 130 ? 5.221   15.021  -9.765  1.00 64.05  ? 112 ASP A C   1 
ATOM   802  O O   . ASP A 1 130 ? 4.516   15.166  -8.762  1.00 63.49  ? 112 ASP A O   1 
ATOM   803  C CB  . ASP A 1 130 ? 7.369   16.277  -9.679  1.00 61.60  ? 112 ASP A CB  1 
ATOM   804  C CG  . ASP A 1 130 ? 8.376   15.294  -10.264 1.00 78.71  ? 112 ASP A CG  1 
ATOM   805  O OD1 . ASP A 1 130 ? 8.883   15.555  -11.383 1.00 83.38  ? 112 ASP A OD1 1 
ATOM   806  O OD2 . ASP A 1 130 ? 8.721   14.309  -9.572  1.00 79.67  ? 112 ASP A OD2 1 
ATOM   807  N N   . MET A 1 131 ? 5.409   13.831  -10.357 1.00 60.27  ? 113 MET A N   1 
ATOM   808  C CA  . MET A 1 131 ? 4.784   12.577  -9.921  1.00 59.19  ? 113 MET A CA  1 
ATOM   809  C C   . MET A 1 131 ? 5.101   12.321  -8.443  1.00 60.39  ? 113 MET A C   1 
ATOM   810  O O   . MET A 1 131 ? 4.263   11.783  -7.722  1.00 58.84  ? 113 MET A O   1 
ATOM   811  C CB  . MET A 1 131 ? 5.301   11.422  -10.793 1.00 61.70  ? 113 MET A CB  1 
ATOM   812  C CG  . MET A 1 131 ? 4.727   10.045  -10.482 1.00 65.53  ? 113 MET A CG  1 
ATOM   813  S SD  . MET A 1 131 ? 2.942   9.926   -10.678 1.00 70.35  ? 113 MET A SD  1 
ATOM   814  C CE  . MET A 1 131 ? 2.761   10.461  -12.422 1.00 66.82  ? 113 MET A CE  1 
ATOM   815  N N   . SER A 1 132 ? 6.284   12.767  -7.992  1.00 55.96  ? 114 SER A N   1 
ATOM   816  C CA  . SER A 1 132 ? 6.744   12.626  -6.610  1.00 55.32  ? 114 SER A CA  1 
ATOM   817  C C   . SER A 1 132 ? 5.891   13.348  -5.563  1.00 57.77  ? 114 SER A C   1 
ATOM   818  O O   . SER A 1 132 ? 5.982   12.992  -4.383  1.00 56.46  ? 114 SER A O   1 
ATOM   819  C CB  . SER A 1 132 ? 8.186   13.065  -6.491  1.00 56.70  ? 114 SER A CB  1 
ATOM   820  O OG  . SER A 1 132 ? 8.317   14.418  -6.880  1.00 65.12  ? 114 SER A OG  1 
ATOM   821  N N   . MET A 1 133 ? 5.064   14.330  -5.997  1.00 53.55  ? 115 MET A N   1 
ATOM   822  C CA  . MET A 1 133 ? 4.154   15.123  -5.164  1.00 55.21  ? 115 MET A CA  1 
ATOM   823  C C   . MET A 1 133 ? 2.878   14.361  -4.749  1.00 60.12  ? 115 MET A C   1 
ATOM   824  O O   . MET A 1 133 ? 2.062   14.923  -3.989  1.00 60.00  ? 115 MET A O   1 
ATOM   825  C CB  . MET A 1 133 ? 3.702   16.387  -5.928  1.00 58.66  ? 115 MET A CB  1 
ATOM   826  C CG  . MET A 1 133 ? 4.784   17.448  -6.081  1.00 64.08  ? 115 MET A CG  1 
ATOM   827  S SD  . MET A 1 133 ? 4.074   18.929  -6.857  1.00 69.51  ? 115 MET A SD  1 
ATOM   828  C CE  . MET A 1 133 ? 5.472   19.663  -7.369  1.00 67.24  ? 115 MET A CE  1 
ATOM   829  N N   . ILE A 1 134 ? 2.653   13.136  -5.331  1.00 54.55  ? 116 ILE A N   1 
ATOM   830  C CA  . ILE A 1 134 ? 1.482   12.262  -5.100  1.00 52.87  ? 116 ILE A CA  1 
ATOM   831  C C   . ILE A 1 134 ? 0.992   12.244  -3.634  1.00 57.96  ? 116 ILE A C   1 
ATOM   832  O O   . ILE A 1 134 ? -0.167  12.578  -3.381  1.00 57.62  ? 116 ILE A O   1 
ATOM   833  C CB  . ILE A 1 134 ? 1.624   10.856  -5.779  1.00 53.64  ? 116 ILE A CB  1 
ATOM   834  C CG1 . ILE A 1 134 ? 0.282   10.103  -5.816  1.00 52.19  ? 116 ILE A CG1 1 
ATOM   835  C CG2 . ILE A 1 134 ? 2.791   10.013  -5.216  1.00 51.76  ? 116 ILE A CG2 1 
ATOM   836  C CD1 . ILE A 1 134 ? 0.170   9.007   -6.814  1.00 48.44  ? 116 ILE A CD1 1 
ATOM   837  N N   . GLY A 1 135 ? 1.919   11.994  -2.714  1.00 56.22  ? 117 GLY A N   1 
ATOM   838  C CA  . GLY A 1 135 ? 1.705   11.967  -1.267  1.00 57.61  ? 117 GLY A CA  1 
ATOM   839  C C   . GLY A 1 135 ? 1.102   13.200  -0.606  1.00 62.35  ? 117 GLY A C   1 
ATOM   840  O O   . GLY A 1 135 ? 0.414   13.062  0.404   1.00 63.71  ? 117 GLY A O   1 
ATOM   841  N N   . GLN A 1 136 ? 1.324   14.405  -1.173  1.00 56.04  ? 118 GLN A N   1 
ATOM   842  C CA  . GLN A 1 136 ? 0.816   15.677  -0.654  1.00 54.88  ? 118 GLN A CA  1 
ATOM   843  C C   . GLN A 1 136 ? -0.673  15.765  -0.860  1.00 61.76  ? 118 GLN A C   1 
ATOM   844  O O   . GLN A 1 136 ? -1.339  16.657  -0.310  1.00 62.14  ? 118 GLN A O   1 
ATOM   845  C CB  . GLN A 1 136 ? 1.469   16.875  -1.381  1.00 55.35  ? 118 GLN A CB  1 
ATOM   846  C CG  . GLN A 1 136 ? 2.986   16.953  -1.277  1.00 57.36  ? 118 GLN A CG  1 
ATOM   847  C CD  . GLN A 1 136 ? 3.576   18.152  -1.998  1.00 73.43  ? 118 GLN A CD  1 
ATOM   848  O OE1 . GLN A 1 136 ? 2.880   19.021  -2.544  1.00 75.81  ? 118 GLN A OE1 1 
ATOM   849  N NE2 . GLN A 1 136 ? 4.883   18.206  -2.051  1.00 53.84  ? 118 GLN A NE2 1 
ATOM   850  N N   . PHE A 1 137 ? -1.196  14.861  -1.685  1.00 59.33  ? 119 PHE A N   1 
ATOM   851  C CA  . PHE A 1 137 ? -2.603  14.811  -2.033  1.00 58.52  ? 119 PHE A CA  1 
ATOM   852  C C   . PHE A 1 137 ? -3.328  13.657  -1.355  1.00 62.41  ? 119 PHE A C   1 
ATOM   853  O O   . PHE A 1 137 ? -4.541  13.556  -1.483  1.00 63.09  ? 119 PHE A O   1 
ATOM   854  C CB  . PHE A 1 137 ? -2.767  14.865  -3.567  1.00 59.69  ? 119 PHE A CB  1 
ATOM   855  C CG  . PHE A 1 137 ? -2.222  16.170  -4.111  1.00 60.06  ? 119 PHE A CG  1 
ATOM   856  C CD1 . PHE A 1 137 ? -2.999  17.323  -4.105  1.00 62.72  ? 119 PHE A CD1 1 
ATOM   857  C CD2 . PHE A 1 137 ? -0.913  16.258  -4.572  1.00 61.21  ? 119 PHE A CD2 1 
ATOM   858  C CE1 . PHE A 1 137 ? -2.477  18.541  -4.554  1.00 63.66  ? 119 PHE A CE1 1 
ATOM   859  C CE2 . PHE A 1 137 ? -0.393  17.471  -5.028  1.00 63.89  ? 119 PHE A CE2 1 
ATOM   860  C CZ  . PHE A 1 137 ? -1.170  18.610  -4.994  1.00 62.08  ? 119 PHE A CZ  1 
ATOM   861  N N   . GLY A 1 138 ? -2.580  12.852  -0.591  1.00 58.97  ? 120 GLY A N   1 
ATOM   862  C CA  . GLY A 1 138 ? -3.072  11.708  0.173   1.00 58.33  ? 120 GLY A CA  1 
ATOM   863  C C   . GLY A 1 138 ? -3.294  10.435  -0.616  1.00 62.65  ? 120 GLY A C   1 
ATOM   864  O O   . GLY A 1 138 ? -3.790  9.444   -0.064  1.00 62.24  ? 120 GLY A O   1 
ATOM   865  N N   . VAL A 1 139 ? -2.906  10.437  -1.903  1.00 56.83  ? 121 VAL A N   1 
ATOM   866  C CA  . VAL A 1 139 ? -3.143  9.322   -2.807  1.00 54.55  ? 121 VAL A CA  1 
ATOM   867  C C   . VAL A 1 139 ? -1.875  8.607   -3.265  1.00 57.23  ? 121 VAL A C   1 
ATOM   868  O O   . VAL A 1 139 ? -1.860  7.981   -4.322  1.00 57.02  ? 121 VAL A O   1 
ATOM   869  C CB  . VAL A 1 139 ? -4.073  9.747   -3.969  1.00 57.36  ? 121 VAL A CB  1 
ATOM   870  C CG1 . VAL A 1 139 ? -5.449  10.153  -3.442  1.00 57.15  ? 121 VAL A CG1 1 
ATOM   871  C CG2 . VAL A 1 139 ? -3.454  10.865  -4.822  1.00 56.69  ? 121 VAL A CG2 1 
ATOM   872  N N   . GLY A 1 140 ? -0.838  8.694   -2.451  1.00 53.01  ? 122 GLY A N   1 
ATOM   873  C CA  . GLY A 1 140 ? 0.463   8.075   -2.670  1.00 52.18  ? 122 GLY A CA  1 
ATOM   874  C C   . GLY A 1 140 ? 0.424   6.569   -2.788  1.00 57.05  ? 122 GLY A C   1 
ATOM   875  O O   . GLY A 1 140 ? 1.339   5.977   -3.376  1.00 58.32  ? 122 GLY A O   1 
ATOM   876  N N   . PHE A 1 141 ? -0.643  5.928   -2.255  1.00 51.44  ? 123 PHE A N   1 
ATOM   877  C CA  . PHE A 1 141 ? -0.841  4.466   -2.373  1.00 49.63  ? 123 PHE A CA  1 
ATOM   878  C C   . PHE A 1 141 ? -0.765  4.024   -3.869  1.00 51.45  ? 123 PHE A C   1 
ATOM   879  O O   . PHE A 1 141 ? -0.138  3.013   -4.191  1.00 49.99  ? 123 PHE A O   1 
ATOM   880  C CB  . PHE A 1 141 ? -2.187  4.018   -1.732  1.00 49.63  ? 123 PHE A CB  1 
ATOM   881  C CG  . PHE A 1 141 ? -2.705  2.700   -2.265  1.00 49.64  ? 123 PHE A CG  1 
ATOM   882  C CD1 . PHE A 1 141 ? -2.089  1.501   -1.917  1.00 51.12  ? 123 PHE A CD1 1 
ATOM   883  C CD2 . PHE A 1 141 ? -3.749  2.666   -3.187  1.00 51.25  ? 123 PHE A CD2 1 
ATOM   884  C CE1 . PHE A 1 141 ? -2.524  0.290   -2.458  1.00 51.23  ? 123 PHE A CE1 1 
ATOM   885  C CE2 . PHE A 1 141 ? -4.161  1.456   -3.753  1.00 53.65  ? 123 PHE A CE2 1 
ATOM   886  C CZ  . PHE A 1 141 ? -3.560  0.272   -3.367  1.00 51.02  ? 123 PHE A CZ  1 
ATOM   887  N N   . TYR A 1 142 ? -1.400  4.799   -4.753  1.00 47.59  ? 124 TYR A N   1 
ATOM   888  C CA  . TYR A 1 142 ? -1.470  4.502   -6.186  1.00 47.93  ? 124 TYR A CA  1 
ATOM   889  C C   . TYR A 1 142 ? -0.161  4.480   -6.971  1.00 51.20  ? 124 TYR A C   1 
ATOM   890  O O   . TYR A 1 142 ? -0.104  3.911   -8.053  1.00 51.42  ? 124 TYR A O   1 
ATOM   891  C CB  . TYR A 1 142 ? -2.552  5.319   -6.857  1.00 48.99  ? 124 TYR A CB  1 
ATOM   892  C CG  . TYR A 1 142 ? -3.923  4.905   -6.385  1.00 52.21  ? 124 TYR A CG  1 
ATOM   893  C CD1 . TYR A 1 142 ? -4.520  3.735   -6.853  1.00 54.11  ? 124 TYR A CD1 1 
ATOM   894  C CD2 . TYR A 1 142 ? -4.618  5.667   -5.451  1.00 52.96  ? 124 TYR A CD2 1 
ATOM   895  C CE1 . TYR A 1 142 ? -5.791  3.354   -6.428  1.00 53.82  ? 124 TYR A CE1 1 
ATOM   896  C CE2 . TYR A 1 142 ? -5.890  5.297   -5.020  1.00 53.15  ? 124 TYR A CE2 1 
ATOM   897  C CZ  . TYR A 1 142 ? -6.465  4.133   -5.505  1.00 59.19  ? 124 TYR A CZ  1 
ATOM   898  O OH  . TYR A 1 142 ? -7.723  3.781   -5.107  1.00 54.18  ? 124 TYR A OH  1 
ATOM   899  N N   . SER A 1 143 ? 0.884   5.024   -6.393  1.00 48.07  ? 125 SER A N   1 
ATOM   900  C CA  . SER A 1 143 ? 2.219   5.047   -6.952  1.00 48.78  ? 125 SER A CA  1 
ATOM   901  C C   . SER A 1 143 ? 2.759   3.628   -6.998  1.00 53.05  ? 125 SER A C   1 
ATOM   902  O O   . SER A 1 143 ? 3.732   3.382   -7.688  1.00 52.49  ? 125 SER A O   1 
ATOM   903  C CB  . SER A 1 143 ? 3.140   5.952   -6.126  1.00 52.80  ? 125 SER A CB  1 
ATOM   904  O OG  . SER A 1 143 ? 3.499   5.361   -4.884  1.00 58.45  ? 125 SER A OG  1 
ATOM   905  N N   . ALA A 1 144 ? 2.102   2.688   -6.305  1.00 51.07  ? 126 ALA A N   1 
ATOM   906  C CA  . ALA A 1 144 ? 2.497   1.277   -6.322  1.00 51.50  ? 126 ALA A CA  1 
ATOM   907  C C   . ALA A 1 144 ? 2.377   0.737   -7.766  1.00 53.86  ? 126 ALA A C   1 
ATOM   908  O O   . ALA A 1 144 ? 3.121   -0.158  -8.158  1.00 51.39  ? 126 ALA A O   1 
ATOM   909  C CB  . ALA A 1 144 ? 1.602   0.473   -5.391  1.00 52.05  ? 126 ALA A CB  1 
ATOM   910  N N   . TYR A 1 145 ? 1.480   1.330   -8.559  1.00 50.60  ? 127 TYR A N   1 
ATOM   911  C CA  . TYR A 1 145 ? 1.288   0.933   -9.958  1.00 50.41  ? 127 TYR A CA  1 
ATOM   912  C C   . TYR A 1 145 ? 2.417   1.399   -10.896 1.00 55.58  ? 127 TYR A C   1 
ATOM   913  O O   . TYR A 1 145 ? 2.355   1.116   -12.076 1.00 55.81  ? 127 TYR A O   1 
ATOM   914  C CB  . TYR A 1 145 ? -0.102  1.337   -10.458 1.00 50.83  ? 127 TYR A CB  1 
ATOM   915  C CG  . TYR A 1 145 ? -1.194  0.509   -9.825  1.00 52.83  ? 127 TYR A CG  1 
ATOM   916  C CD1 . TYR A 1 145 ? -1.615  -0.686  -10.403 1.00 54.33  ? 127 TYR A CD1 1 
ATOM   917  C CD2 . TYR A 1 145 ? -1.755  0.876   -8.607  1.00 54.54  ? 127 TYR A CD2 1 
ATOM   918  C CE1 . TYR A 1 145 ? -2.592  -1.475  -9.803  1.00 54.89  ? 127 TYR A CE1 1 
ATOM   919  C CE2 . TYR A 1 145 ? -2.703  0.075   -7.978  1.00 56.80  ? 127 TYR A CE2 1 
ATOM   920  C CZ  . TYR A 1 145 ? -3.128  -1.099  -8.582  1.00 61.87  ? 127 TYR A CZ  1 
ATOM   921  O OH  . TYR A 1 145 ? -4.111  -1.850  -7.984  1.00 58.51  ? 127 TYR A OH  1 
ATOM   922  N N   . LEU A 1 146 ? 3.438   2.123   -10.374 1.00 52.50  ? 128 LEU A N   1 
ATOM   923  C CA  . LEU A 1 146 ? 4.581   2.556   -11.169 1.00 52.72  ? 128 LEU A CA  1 
ATOM   924  C C   . LEU A 1 146 ? 5.427   1.311   -11.457 1.00 61.76  ? 128 LEU A C   1 
ATOM   925  O O   . LEU A 1 146 ? 5.915   1.154   -12.571 1.00 63.06  ? 128 LEU A O   1 
ATOM   926  C CB  . LEU A 1 146 ? 5.463   3.601   -10.417 1.00 51.61  ? 128 LEU A CB  1 
ATOM   927  C CG  . LEU A 1 146 ? 4.968   5.057   -10.240 1.00 53.53  ? 128 LEU A CG  1 
ATOM   928  C CD1 . LEU A 1 146 ? 5.940   5.846   -9.400  1.00 53.34  ? 128 LEU A CD1 1 
ATOM   929  C CD2 . LEU A 1 146 ? 4.786   5.770   -11.545 1.00 50.37  ? 128 LEU A CD2 1 
ATOM   930  N N   . VAL A 1 147 ? 5.564   0.420   -10.445 1.00 59.14  ? 129 VAL A N   1 
ATOM   931  C CA  . VAL A 1 147 ? 6.373   -0.811  -10.478 1.00 58.85  ? 129 VAL A CA  1 
ATOM   932  C C   . VAL A 1 147 ? 5.574   -2.130  -10.519 1.00 62.02  ? 129 VAL A C   1 
ATOM   933  O O   . VAL A 1 147 ? 6.170   -3.193  -10.707 1.00 62.50  ? 129 VAL A O   1 
ATOM   934  C CB  . VAL A 1 147 ? 7.397   -0.830  -9.307  1.00 62.25  ? 129 VAL A CB  1 
ATOM   935  C CG1 . VAL A 1 147 ? 8.276   0.421   -9.316  1.00 61.68  ? 129 VAL A CG1 1 
ATOM   936  C CG2 . VAL A 1 147 ? 6.699   -1.005  -7.955  1.00 61.62  ? 129 VAL A CG2 1 
ATOM   937  N N   . ALA A 1 148 ? 4.251   -2.069  -10.314 1.00 58.21  ? 130 ALA A N   1 
ATOM   938  C CA  . ALA A 1 148 ? 3.375   -3.244  -10.241 1.00 57.92  ? 130 ALA A CA  1 
ATOM   939  C C   . ALA A 1 148 ? 2.238   -3.207  -11.231 1.00 62.19  ? 130 ALA A C   1 
ATOM   940  O O   . ALA A 1 148 ? 1.762   -2.126  -11.566 1.00 61.60  ? 130 ALA A O   1 
ATOM   941  C CB  . ALA A 1 148 ? 2.796   -3.371  -8.829  1.00 58.48  ? 130 ALA A CB  1 
ATOM   942  N N   . ASP A 1 149 ? 1.774   -4.387  -11.675 1.00 60.57  ? 131 ASP A N   1 
ATOM   943  C CA  . ASP A 1 149 ? 0.611   -4.455  -12.556 1.00 62.66  ? 131 ASP A CA  1 
ATOM   944  C C   . ASP A 1 149 ? -0.620  -4.985  -11.848 1.00 64.94  ? 131 ASP A C   1 
ATOM   945  O O   . ASP A 1 149 ? -1.697  -4.983  -12.428 1.00 67.66  ? 131 ASP A O   1 
ATOM   946  C CB  . ASP A 1 149 ? 0.863   -5.126  -13.936 1.00 67.15  ? 131 ASP A CB  1 
ATOM   947  C CG  . ASP A 1 149 ? 1.903   -6.228  -13.996 1.00 88.42  ? 131 ASP A CG  1 
ATOM   948  O OD1 . ASP A 1 149 ? 1.777   -7.215  -13.218 1.00 89.70  ? 131 ASP A OD1 1 
ATOM   949  O OD2 . ASP A 1 149 ? 2.799   -6.148  -14.877 1.00 97.30  ? 131 ASP A OD2 1 
ATOM   950  N N   . ARG A 1 150 ? -0.466  -5.383  -10.575 1.00 57.82  ? 132 ARG A N   1 
ATOM   951  C CA  . ARG A 1 150 ? -1.534  -5.857  -9.706  1.00 56.20  ? 132 ARG A CA  1 
ATOM   952  C C   . ARG A 1 150 ? -1.133  -5.600  -8.264  1.00 56.34  ? 132 ARG A C   1 
ATOM   953  O O   . ARG A 1 150 ? 0.016   -5.835  -7.875  1.00 54.96  ? 132 ARG A O   1 
ATOM   954  C CB  . ARG A 1 150 ? -1.802  -7.348  -9.919  1.00 56.88  ? 132 ARG A CB  1 
ATOM   955  C CG  . ARG A 1 150 ? -3.145  -7.833  -9.388  1.00 66.30  ? 132 ARG A CG  1 
ATOM   956  C CD  . ARG A 1 150 ? -3.462  -9.223  -9.914  1.00 75.78  ? 132 ARG A CD  1 
ATOM   957  N NE  . ARG A 1 150 ? -3.390  -10.239 -8.862  1.00 81.88  ? 132 ARG A NE  1 
ATOM   958  C CZ  . ARG A 1 150 ? -2.461  -11.190 -8.787  1.00 88.33  ? 132 ARG A CZ  1 
ATOM   959  N NH1 . ARG A 1 150 ? -2.476  -12.062 -7.784  1.00 68.88  ? 132 ARG A NH1 1 
ATOM   960  N NH2 . ARG A 1 150 ? -1.510  -11.277 -9.713  1.00 69.44  ? 132 ARG A NH2 1 
ATOM   961  N N   . VAL A 1 151 ? -2.069  -5.112  -7.474  1.00 51.18  ? 133 VAL A N   1 
ATOM   962  C CA  . VAL A 1 151 ? -1.768  -4.829  -6.077  1.00 51.88  ? 133 VAL A CA  1 
ATOM   963  C C   . VAL A 1 151 ? -2.843  -5.453  -5.190  1.00 58.58  ? 133 VAL A C   1 
ATOM   964  O O   . VAL A 1 151 ? -4.046  -5.251  -5.411  1.00 58.80  ? 133 VAL A O   1 
ATOM   965  C CB  . VAL A 1 151 ? -1.512  -3.310  -5.784  1.00 54.10  ? 133 VAL A CB  1 
ATOM   966  C CG1 . VAL A 1 151 ? -1.500  -3.002  -4.290  1.00 53.29  ? 133 VAL A CG1 1 
ATOM   967  C CG2 . VAL A 1 151 ? -0.229  -2.822  -6.434  1.00 53.28  ? 133 VAL A CG2 1 
ATOM   968  N N   . THR A 1 152 ? -2.393  -6.210  -4.194  1.00 55.26  ? 134 THR A N   1 
ATOM   969  C CA  . THR A 1 152 ? -3.268  -6.869  -3.237  1.00 55.42  ? 134 THR A CA  1 
ATOM   970  C C   . THR A 1 152 ? -3.081  -6.200  -1.878  1.00 58.61  ? 134 THR A C   1 
ATOM   971  O O   . THR A 1 152 ? -1.956  -6.080  -1.396  1.00 59.56  ? 134 THR A O   1 
ATOM   972  C CB  . THR A 1 152 ? -2.979  -8.363  -3.263  1.00 68.99  ? 134 THR A CB  1 
ATOM   973  O OG1 . THR A 1 152 ? -3.284  -8.848  -4.580  1.00 69.80  ? 134 THR A OG1 1 
ATOM   974  C CG2 . THR A 1 152 ? -3.766  -9.134  -2.214  1.00 69.99  ? 134 THR A CG2 1 
ATOM   975  N N   . VAL A 1 153 ? -4.167  -5.702  -1.305  1.00 53.14  ? 135 VAL A N   1 
ATOM   976  C CA  . VAL A 1 153 ? -4.166  -5.039  -0.003  1.00 52.99  ? 135 VAL A CA  1 
ATOM   977  C C   . VAL A 1 153 ? -5.006  -5.881  0.969   1.00 56.26  ? 135 VAL A C   1 
ATOM   978  O O   . VAL A 1 153 ? -6.218  -5.987  0.798   1.00 53.74  ? 135 VAL A O   1 
ATOM   979  C CB  . VAL A 1 153 ? -4.697  -3.577  -0.110  1.00 57.03  ? 135 VAL A CB  1 
ATOM   980  C CG1 . VAL A 1 153 ? -4.819  -2.928  1.269   1.00 56.20  ? 135 VAL A CG1 1 
ATOM   981  C CG2 . VAL A 1 153 ? -3.820  -2.730  -1.049  1.00 56.69  ? 135 VAL A CG2 1 
ATOM   982  N N   . THR A 1 154 ? -4.352  -6.480  1.962   1.00 55.55  ? 136 THR A N   1 
ATOM   983  C CA  . THR A 1 154 ? -4.984  -7.276  3.024   1.00 56.65  ? 136 THR A CA  1 
ATOM   984  C C   . THR A 1 154 ? -4.932  -6.422  4.306   1.00 60.11  ? 136 THR A C   1 
ATOM   985  O O   . THR A 1 154 ? -3.848  -6.150  4.803   1.00 59.13  ? 136 THR A O   1 
ATOM   986  C CB  . THR A 1 154 ? -4.219  -8.600  3.235   1.00 68.33  ? 136 THR A CB  1 
ATOM   987  O OG1 . THR A 1 154 ? -4.040  -9.270  1.987   1.00 68.24  ? 136 THR A OG1 1 
ATOM   988  C CG2 . THR A 1 154 ? -4.903  -9.504  4.229   1.00 66.89  ? 136 THR A CG2 1 
ATOM   989  N N   . SER A 1 155 ? -6.078  -5.980  4.808   1.00 58.48  ? 137 SER A N   1 
ATOM   990  C CA  . SER A 1 155 ? -6.133  -5.141  6.001   1.00 59.20  ? 137 SER A CA  1 
ATOM   991  C C   . SER A 1 155 ? -7.110  -5.665  7.068   1.00 67.37  ? 137 SER A C   1 
ATOM   992  O O   . SER A 1 155 ? -8.215  -6.129  6.742   1.00 65.79  ? 137 SER A O   1 
ATOM   993  C CB  . SER A 1 155 ? -6.512  -3.707  5.636   1.00 61.62  ? 137 SER A CB  1 
ATOM   994  O OG  . SER A 1 155 ? -6.300  -2.828  6.729   1.00 66.14  ? 137 SER A OG  1 
ATOM   995  N N   . LYS A 1 156 ? -6.709  -5.519  8.349   1.00 66.41  ? 138 LYS A N   1 
ATOM   996  C CA  . LYS A 1 156 ? -7.510  -5.879  9.516   1.00 66.85  ? 138 LYS A CA  1 
ATOM   997  C C   . LYS A 1 156 ? -7.530  -4.733  10.529  1.00 70.66  ? 138 LYS A C   1 
ATOM   998  O O   . LYS A 1 156 ? -6.490  -4.371  11.082  1.00 68.16  ? 138 LYS A O   1 
ATOM   999  C CB  . LYS A 1 156 ? -7.016  -7.211  10.143  1.00 69.78  ? 138 LYS A CB  1 
ATOM   1000 C CG  . LYS A 1 156 ? -7.586  -7.559  11.530  1.00 78.78  ? 138 LYS A CG  1 
ATOM   1001 C CD  . LYS A 1 156 ? -8.908  -8.305  11.473  1.00 86.30  ? 138 LYS A CD  1 
ATOM   1002 C CE  . LYS A 1 156 ? -9.460  -8.608  12.844  1.00 87.04  ? 138 LYS A CE  1 
ATOM   1003 N NZ  . LYS A 1 156 ? -10.122 -7.422  13.453  1.00 83.79  ? 138 LYS A NZ  1 
ATOM   1004 N N   . ASN A 1 157 ? -8.722  -4.152  10.734  1.00 70.23  ? 139 ASN A N   1 
ATOM   1005 C CA  . ASN A 1 157 ? -8.994  -3.101  11.721  1.00 71.34  ? 139 ASN A CA  1 
ATOM   1006 C C   . ASN A 1 157 ? -9.666  -3.774  12.935  1.00 78.34  ? 139 ASN A C   1 
ATOM   1007 O O   . ASN A 1 157 ? -10.419 -4.737  12.752  1.00 78.96  ? 139 ASN A O   1 
ATOM   1008 C CB  . ASN A 1 157 ? -9.930  -2.049  11.144  1.00 70.36  ? 139 ASN A CB  1 
ATOM   1009 C CG  . ASN A 1 157 ? -10.127 -0.850  12.049  1.00 95.11  ? 139 ASN A CG  1 
ATOM   1010 O OD1 . ASN A 1 157 ? -11.047 -0.801  12.871  1.00 90.42  ? 139 ASN A OD1 1 
ATOM   1011 N ND2 . ASN A 1 157 ? -9.259  0.146   11.919  1.00 88.66  ? 139 ASN A ND2 1 
ATOM   1012 N N   . ASN A 1 158 ? -9.416  -3.269  14.160  1.00 74.84  ? 140 ASN A N   1 
ATOM   1013 C CA  . ASN A 1 158 ? -10.005 -3.831  15.391  1.00 74.65  ? 140 ASN A CA  1 
ATOM   1014 C C   . ASN A 1 158 ? -11.542 -3.930  15.362  1.00 78.21  ? 140 ASN A C   1 
ATOM   1015 O O   . ASN A 1 158 ? -12.097 -4.886  15.908  1.00 77.82  ? 140 ASN A O   1 
ATOM   1016 C CB  . ASN A 1 158 ? -9.539  -3.062  16.639  1.00 72.85  ? 140 ASN A CB  1 
ATOM   1017 C CG  . ASN A 1 158 ? -8.144  -3.417  17.101  1.00 89.19  ? 140 ASN A CG  1 
ATOM   1018 O OD1 . ASN A 1 158 ? -7.694  -4.569  17.014  1.00 78.15  ? 140 ASN A OD1 1 
ATOM   1019 N ND2 . ASN A 1 158 ? -7.429  -2.430  17.627  1.00 83.31  ? 140 ASN A ND2 1 
ATOM   1020 N N   . SER A 1 159 ? -12.208 -2.954  14.704  1.00 73.95  ? 141 SER A N   1 
ATOM   1021 C CA  . SER A 1 159 ? -13.666 -2.852  14.579  1.00 72.89  ? 141 SER A CA  1 
ATOM   1022 C C   . SER A 1 159 ? -14.309 -3.747  13.484  1.00 75.90  ? 141 SER A C   1 
ATOM   1023 O O   . SER A 1 159 ? -15.529 -3.669  13.285  1.00 76.40  ? 141 SER A O   1 
ATOM   1024 C CB  . SER A 1 159 ? -14.071 -1.392  14.389  1.00 74.91  ? 141 SER A CB  1 
ATOM   1025 N N   . ASP A 1 160 ? -13.518 -4.608  12.796  1.00 69.96  ? 142 ASP A N   1 
ATOM   1026 C CA  . ASP A 1 160 ? -14.027 -5.454  11.702  1.00 68.46  ? 142 ASP A CA  1 
ATOM   1027 C C   . ASP A 1 160 ? -13.157 -6.698  11.454  1.00 71.50  ? 142 ASP A C   1 
ATOM   1028 O O   . ASP A 1 160 ? -12.145 -6.891  12.123  1.00 70.05  ? 142 ASP A O   1 
ATOM   1029 C CB  . ASP A 1 160 ? -14.111 -4.608  10.412  1.00 70.04  ? 142 ASP A CB  1 
ATOM   1030 C CG  . ASP A 1 160 ? -15.250 -4.936  9.462   1.00 79.78  ? 142 ASP A CG  1 
ATOM   1031 O OD1 . ASP A 1 160 ? -15.658 -6.127  9.400   1.00 80.19  ? 142 ASP A OD1 1 
ATOM   1032 O OD2 . ASP A 1 160 ? -15.705 -4.010  8.740   1.00 82.27  ? 142 ASP A OD2 1 
ATOM   1033 N N   . GLU A 1 161 ? -13.561 -7.554  10.514  1.00 69.58  ? 143 GLU A N   1 
ATOM   1034 C CA  . GLU A 1 161 ? -12.778 -8.739  10.149  1.00 70.19  ? 143 GLU A CA  1 
ATOM   1035 C C   . GLU A 1 161 ? -11.816 -8.335  9.006   1.00 73.03  ? 143 GLU A C   1 
ATOM   1036 O O   . GLU A 1 161 ? -11.928 -7.221  8.469   1.00 71.93  ? 143 GLU A O   1 
ATOM   1037 C CB  . GLU A 1 161 ? -13.704 -9.886  9.697   1.00 72.01  ? 143 GLU A CB  1 
ATOM   1038 N N   . SER A 1 162 ? -10.883 -9.236  8.644   1.00 67.26  ? 144 SER A N   1 
ATOM   1039 C CA  . SER A 1 162 ? -9.926  -8.970  7.591   1.00 66.35  ? 144 SER A CA  1 
ATOM   1040 C C   . SER A 1 162 ? -10.531 -9.111  6.193   1.00 71.29  ? 144 SER A C   1 
ATOM   1041 O O   . SER A 1 162 ? -11.279 -10.049 5.920   1.00 71.78  ? 144 SER A O   1 
ATOM   1042 C CB  . SER A 1 162 ? -8.696  -9.847  7.740   1.00 69.54  ? 144 SER A CB  1 
ATOM   1043 O OG  . SER A 1 162 ? -8.979  -11.166 7.315   1.00 82.75  ? 144 SER A OG  1 
ATOM   1044 N N   . TYR A 1 163 ? -10.192 -8.169  5.315   1.00 67.21  ? 145 TYR A N   1 
ATOM   1045 C CA  . TYR A 1 163 ? -10.622 -8.165  3.930   1.00 66.15  ? 145 TYR A CA  1 
ATOM   1046 C C   . TYR A 1 163 ? -9.419  -8.034  3.009   1.00 63.75  ? 145 TYR A C   1 
ATOM   1047 O O   . TYR A 1 163 ? -8.362  -7.536  3.416   1.00 64.48  ? 145 TYR A O   1 
ATOM   1048 C CB  . TYR A 1 163 ? -11.612 -7.034  3.663   1.00 68.60  ? 145 TYR A CB  1 
ATOM   1049 C CG  . TYR A 1 163 ? -12.900 -7.161  4.431   1.00 73.46  ? 145 TYR A CG  1 
ATOM   1050 C CD1 . TYR A 1 163 ? -13.950 -7.935  3.946   1.00 76.00  ? 145 TYR A CD1 1 
ATOM   1051 C CD2 . TYR A 1 163 ? -13.095 -6.468  5.618   1.00 75.35  ? 145 TYR A CD2 1 
ATOM   1052 C CE1 . TYR A 1 163 ? -15.150 -8.046  4.643   1.00 76.26  ? 145 TYR A CE1 1 
ATOM   1053 C CE2 . TYR A 1 163 ? -14.285 -6.583  6.334   1.00 77.27  ? 145 TYR A CE2 1 
ATOM   1054 C CZ  . TYR A 1 163 ? -15.313 -7.371  5.837   1.00 85.79  ? 145 TYR A CZ  1 
ATOM   1055 O OH  . TYR A 1 163 ? -16.503 -7.475  6.518   1.00 90.11  ? 145 TYR A OH  1 
ATOM   1056 N N   . VAL A 1 164 ? -9.602  -8.462  1.754   1.00 53.83  ? 146 VAL A N   1 
ATOM   1057 C CA  . VAL A 1 164 ? -8.595  -8.406  0.726   1.00 51.36  ? 146 VAL A CA  1 
ATOM   1058 C C   . VAL A 1 164 ? -9.109  -7.572  -0.421  1.00 54.94  ? 146 VAL A C   1 
ATOM   1059 O O   . VAL A 1 164 ? -10.122 -7.925  -1.025  1.00 53.75  ? 146 VAL A O   1 
ATOM   1060 C CB  . VAL A 1 164 ? -8.090  -9.800  0.277   1.00 53.50  ? 146 VAL A CB  1 
ATOM   1061 C CG1 . VAL A 1 164 ? -7.176  -9.682  -0.942  1.00 52.11  ? 146 VAL A CG1 1 
ATOM   1062 C CG2 . VAL A 1 164 ? -7.374  -10.519 1.422   1.00 53.27  ? 146 VAL A CG2 1 
ATOM   1063 N N   . TRP A 1 165 ? -8.391  -6.461  -0.723  1.00 50.39  ? 147 TRP A N   1 
ATOM   1064 C CA  . TRP A 1 165 ? -8.650  -5.538  -1.838  1.00 48.51  ? 147 TRP A CA  1 
ATOM   1065 C C   . TRP A 1 165 ? -7.658  -5.950  -2.906  1.00 50.68  ? 147 TRP A C   1 
ATOM   1066 O O   . TRP A 1 165 ? -6.514  -6.223  -2.588  1.00 50.00  ? 147 TRP A O   1 
ATOM   1067 C CB  . TRP A 1 165 ? -8.336  -4.099  -1.403  1.00 46.28  ? 147 TRP A CB  1 
ATOM   1068 C CG  . TRP A 1 165 ? -8.574  -3.027  -2.426  1.00 46.38  ? 147 TRP A CG  1 
ATOM   1069 C CD1 . TRP A 1 165 ? -9.636  -2.170  -2.471  1.00 49.61  ? 147 TRP A CD1 1 
ATOM   1070 C CD2 . TRP A 1 165 ? -7.649  -2.570  -3.430  1.00 45.24  ? 147 TRP A CD2 1 
ATOM   1071 N NE1 . TRP A 1 165 ? -9.458  -1.244  -3.476  1.00 49.48  ? 147 TRP A NE1 1 
ATOM   1072 C CE2 . TRP A 1 165 ? -8.245  -1.465  -4.079  1.00 50.03  ? 147 TRP A CE2 1 
ATOM   1073 C CE3 . TRP A 1 165 ? -6.378  -2.991  -3.850  1.00 45.58  ? 147 TRP A CE3 1 
ATOM   1074 C CZ2 . TRP A 1 165 ? -7.619  -0.788  -5.133  1.00 48.87  ? 147 TRP A CZ2 1 
ATOM   1075 C CZ3 . TRP A 1 165 ? -5.754  -2.322  -4.892  1.00 47.04  ? 147 TRP A CZ3 1 
ATOM   1076 C CH2 . TRP A 1 165 ? -6.363  -1.226  -5.512  1.00 48.00  ? 147 TRP A CH2 1 
ATOM   1077 N N   . GLU A 1 166 ? -8.082  -6.014  -4.153  1.00 47.38  ? 148 GLU A N   1 
ATOM   1078 C CA  . GLU A 1 166 ? -7.186  -6.340  -5.261  1.00 47.30  ? 148 GLU A CA  1 
ATOM   1079 C C   . GLU A 1 166 ? -7.626  -5.577  -6.500  1.00 52.56  ? 148 GLU A C   1 
ATOM   1080 O O   . GLU A 1 166 ? -8.812  -5.381  -6.705  1.00 53.02  ? 148 GLU A O   1 
ATOM   1081 C CB  . GLU A 1 166 ? -7.160  -7.850  -5.539  1.00 48.30  ? 148 GLU A CB  1 
ATOM   1082 C CG  . GLU A 1 166 ? -6.081  -8.297  -6.510  1.00 57.07  ? 148 GLU A CG  1 
ATOM   1083 C CD  . GLU A 1 166 ? -5.953  -9.794  -6.691  1.00 82.49  ? 148 GLU A CD  1 
ATOM   1084 O OE1 . GLU A 1 166 ? -6.925  -10.423 -7.165  1.00 84.12  ? 148 GLU A OE1 1 
ATOM   1085 O OE2 . GLU A 1 166 ? -4.868  -10.337 -6.382  1.00 87.63  ? 148 GLU A OE2 1 
ATOM   1086 N N   . SER A 1 167 ? -6.668  -5.092  -7.277  1.00 50.52  ? 149 SER A N   1 
ATOM   1087 C CA  . SER A 1 167 ? -6.911  -4.427  -8.560  1.00 50.40  ? 149 SER A CA  1 
ATOM   1088 C C   . SER A 1 167 ? -5.694  -4.553  -9.429  1.00 55.98  ? 149 SER A C   1 
ATOM   1089 O O   . SER A 1 167 ? -4.591  -4.559  -8.907  1.00 54.34  ? 149 SER A O   1 
ATOM   1090 C CB  . SER A 1 167 ? -7.283  -2.961  -8.396  1.00 50.13  ? 149 SER A CB  1 
ATOM   1091 O OG  . SER A 1 167 ? -7.566  -2.414  -9.672  1.00 51.32  ? 149 SER A OG  1 
ATOM   1092 N N   . SER A 1 168 ? -5.911  -4.660  -10.751 1.00 58.19  ? 150 SER A N   1 
ATOM   1093 C CA  . SER A 1 168 ? -4.896  -4.762  -11.819 1.00 59.97  ? 150 SER A CA  1 
ATOM   1094 C C   . SER A 1 168 ? -5.016  -3.544  -12.751 1.00 66.30  ? 150 SER A C   1 
ATOM   1095 O O   . SER A 1 168 ? -4.374  -3.513  -13.808 1.00 67.08  ? 150 SER A O   1 
ATOM   1096 C CB  . SER A 1 168 ? -5.082  -6.046  -12.629 1.00 64.01  ? 150 SER A CB  1 
ATOM   1097 O OG  . SER A 1 168 ? -5.355  -7.173  -11.817 1.00 76.28  ? 150 SER A OG  1 
ATOM   1098 N N   . ALA A 1 169 ? -5.847  -2.552  -12.343 1.00 63.09  ? 151 ALA A N   1 
ATOM   1099 C CA  . ALA A 1 169 ? -6.108  -1.256  -12.988 1.00 63.33  ? 151 ALA A CA  1 
ATOM   1100 C C   . ALA A 1 169 ? -6.899  -1.314  -14.306 1.00 70.25  ? 151 ALA A C   1 
ATOM   1101 O O   . ALA A 1 169 ? -6.620  -0.544  -15.236 1.00 72.94  ? 151 ALA A O   1 
ATOM   1102 C CB  . ALA A 1 169 ? -4.819  -0.455  -13.153 1.00 63.60  ? 151 ALA A CB  1 
ATOM   1103 N N   . GLY A 1 170 ? -7.912  -2.168  -14.354 1.00 63.89  ? 152 GLY A N   1 
ATOM   1104 C CA  . GLY A 1 170 ? -8.753  -2.285  -15.536 1.00 63.39  ? 152 GLY A CA  1 
ATOM   1105 C C   . GLY A 1 170 ? -10.082 -1.566  -15.417 1.00 66.41  ? 152 GLY A C   1 
ATOM   1106 O O   . GLY A 1 170 ? -11.029 -1.872  -16.151 1.00 67.62  ? 152 GLY A O   1 
ATOM   1107 N N   . GLY A 1 171 ? -10.161 -0.628  -14.479 1.00 59.18  ? 153 GLY A N   1 
ATOM   1108 C CA  . GLY A 1 171 ? -11.373 0.128   -14.199 1.00 56.83  ? 153 GLY A CA  1 
ATOM   1109 C C   . GLY A 1 171 ? -12.111 -0.449  -13.015 1.00 58.87  ? 153 GLY A C   1 
ATOM   1110 O O   . GLY A 1 171 ? -13.097 0.137   -12.557 1.00 58.88  ? 153 GLY A O   1 
ATOM   1111 N N   . THR A 1 172 ? -11.636 -1.600  -12.490 1.00 54.38  ? 154 THR A N   1 
ATOM   1112 C CA  . THR A 1 172 ? -12.327 -2.263  -11.365 1.00 54.27  ? 154 THR A CA  1 
ATOM   1113 C C   . THR A 1 172 ? -11.403 -2.787  -10.287 1.00 55.20  ? 154 THR A C   1 
ATOM   1114 O O   . THR A 1 172 ? -10.215 -2.986  -10.512 1.00 54.50  ? 154 THR A O   1 
ATOM   1115 C CB  . THR A 1 172 ? -13.205 -3.481  -11.853 1.00 65.30  ? 154 THR A CB  1 
ATOM   1116 O OG1 . THR A 1 172 ? -12.383 -4.496  -12.452 1.00 64.79  ? 154 THR A OG1 1 
ATOM   1117 C CG2 . THR A 1 172 ? -14.355 -3.082  -12.770 1.00 59.48  ? 154 THR A CG2 1 
ATOM   1118 N N   . PHE A 1 173 ? -11.990 -3.122  -9.144  1.00 50.78  ? 155 PHE A N   1 
ATOM   1119 C CA  . PHE A 1 173 ? -11.276 -3.737  -8.034  1.00 49.65  ? 155 PHE A CA  1 
ATOM   1120 C C   . PHE A 1 173 ? -12.216 -4.702  -7.325  1.00 54.95  ? 155 PHE A C   1 
ATOM   1121 O O   . PHE A 1 173 ? -13.437 -4.555  -7.415  1.00 54.57  ? 155 PHE A O   1 
ATOM   1122 C CB  . PHE A 1 173 ? -10.735 -2.678  -7.058  1.00 49.70  ? 155 PHE A CB  1 
ATOM   1123 C CG  . PHE A 1 173 ? -11.782 -1.853  -6.342  1.00 48.92  ? 155 PHE A CG  1 
ATOM   1124 C CD1 . PHE A 1 173 ? -12.190 -2.186  -5.052  1.00 51.08  ? 155 PHE A CD1 1 
ATOM   1125 C CD2 . PHE A 1 173 ? -12.317 -0.717  -6.932  1.00 48.58  ? 155 PHE A CD2 1 
ATOM   1126 C CE1 . PHE A 1 173 ? -13.150 -1.417  -4.385  1.00 51.75  ? 155 PHE A CE1 1 
ATOM   1127 C CE2 . PHE A 1 173 ? -13.287 0.042   -6.272  1.00 51.51  ? 155 PHE A CE2 1 
ATOM   1128 C CZ  . PHE A 1 173 ? -13.688 -0.306  -4.998  1.00 49.77  ? 155 PHE A CZ  1 
ATOM   1129 N N   . THR A 1 174 ? -11.652 -5.646  -6.575  1.00 52.60  ? 156 THR A N   1 
ATOM   1130 C CA  . THR A 1 174 ? -12.453 -6.589  -5.807  1.00 53.60  ? 156 THR A CA  1 
ATOM   1131 C C   . THR A 1 174 ? -12.212 -6.491  -4.298  1.00 61.25  ? 156 THR A C   1 
ATOM   1132 O O   . THR A 1 174 ? -11.107 -6.154  -3.867  1.00 60.86  ? 156 THR A O   1 
ATOM   1133 C CB  . THR A 1 174 ? -12.200 -8.022  -6.296  1.00 56.76  ? 156 THR A CB  1 
ATOM   1134 O OG1 . THR A 1 174 ? -10.811 -8.361  -6.139  1.00 53.37  ? 156 THR A OG1 1 
ATOM   1135 C CG2 . THR A 1 174 ? -12.679 -8.253  -7.727  1.00 50.78  ? 156 THR A CG2 1 
ATOM   1136 N N   . ILE A 1 175 ? -13.239 -6.832  -3.509  1.00 61.40  ? 157 ILE A N   1 
ATOM   1137 C CA  . ILE A 1 175 ? -13.189 -6.947  -2.040  1.00 62.53  ? 157 ILE A CA  1 
ATOM   1138 C C   . ILE A 1 175 ? -13.528 -8.421  -1.716  1.00 67.11  ? 157 ILE A C   1 
ATOM   1139 O O   . ILE A 1 175 ? -14.630 -8.887  -2.021  1.00 66.62  ? 157 ILE A O   1 
ATOM   1140 C CB  . ILE A 1 175 ? -14.134 -5.950  -1.300  1.00 66.07  ? 157 ILE A CB  1 
ATOM   1141 C CG1 . ILE A 1 175 ? -13.950 -4.481  -1.782  1.00 66.26  ? 157 ILE A CG1 1 
ATOM   1142 C CG2 . ILE A 1 175 ? -13.995 -6.085  0.236   1.00 67.49  ? 157 ILE A CG2 1 
ATOM   1143 C CD1 . ILE A 1 175 ? -12.694 -3.743  -1.368  1.00 66.71  ? 157 ILE A CD1 1 
ATOM   1144 N N   . THR A 1 176 ? -12.564 -9.151  -1.173  1.00 64.53  ? 158 THR A N   1 
ATOM   1145 C CA  . THR A 1 176 ? -12.692 -10.569 -0.854  1.00 65.37  ? 158 THR A CA  1 
ATOM   1146 C C   . THR A 1 176 ? -12.707 -10.776 0.641   1.00 75.25  ? 158 THR A C   1 
ATOM   1147 O O   . THR A 1 176 ? -11.796 -10.344 1.350   1.00 73.87  ? 158 THR A O   1 
ATOM   1148 C CB  . THR A 1 176 ? -11.605 -11.382 -1.567  1.00 69.42  ? 158 THR A CB  1 
ATOM   1149 O OG1 . THR A 1 176 ? -11.706 -11.134 -2.964  1.00 73.93  ? 158 THR A OG1 1 
ATOM   1150 C CG2 . THR A 1 176 ? -11.711 -12.878 -1.315  1.00 65.46  ? 158 THR A CG2 1 
ATOM   1151 N N   . SER A 1 177 ? -13.748 -11.465 1.109   1.00 77.55  ? 159 SER A N   1 
ATOM   1152 C CA  . SER A 1 177 ? -13.961 -11.804 2.509   1.00 79.70  ? 159 SER A CA  1 
ATOM   1153 C C   . SER A 1 177 ? -13.928 -13.322 2.658   1.00 87.07  ? 159 SER A C   1 
ATOM   1154 O O   . SER A 1 177 ? -14.624 -14.018 1.920   1.00 85.32  ? 159 SER A O   1 
ATOM   1155 C CB  . SER A 1 177 ? -15.314 -11.264 2.964   1.00 85.03  ? 159 SER A CB  1 
ATOM   1156 O OG  . SER A 1 177 ? -15.563 -11.605 4.317   1.00 100.41 ? 159 SER A OG  1 
ATOM   1157 N N   . THR A 1 178 ? -13.095 -13.835 3.571   1.00 88.60  ? 160 THR A N   1 
ATOM   1158 C CA  . THR A 1 178 ? -13.013 -15.277 3.851   1.00 91.31  ? 160 THR A CA  1 
ATOM   1159 C C   . THR A 1 178 ? -13.211 -15.543 5.354   1.00 102.12 ? 160 THR A C   1 
ATOM   1160 O O   . THR A 1 178 ? -12.553 -14.882 6.166   1.00 102.29 ? 160 THR A O   1 
ATOM   1161 C CB  . THR A 1 178 ? -11.719 -15.948 3.315   1.00 99.72  ? 160 THR A CB  1 
ATOM   1162 O OG1 . THR A 1 178 ? -10.575 -15.540 4.078   1.00 101.09 ? 160 THR A OG1 1 
ATOM   1163 C CG2 . THR A 1 178 ? -11.508 -15.748 1.812   1.00 97.32  ? 160 THR A CG2 1 
ATOM   1164 N N   . PRO A 1 179 ? -14.097 -16.497 5.757   1.00 102.97 ? 161 PRO A N   1 
ATOM   1165 C CA  . PRO A 1 179 ? -14.252 -16.783 7.201   1.00 103.87 ? 161 PRO A CA  1 
ATOM   1166 C C   . PRO A 1 179 ? -13.045 -17.541 7.778   1.00 109.89 ? 161 PRO A C   1 
ATOM   1167 O O   . PRO A 1 179 ? -12.843 -17.530 8.996   1.00 109.39 ? 161 PRO A O   1 
ATOM   1168 C CB  . PRO A 1 179 ? -15.533 -17.616 7.260   1.00 105.72 ? 161 PRO A CB  1 
ATOM   1169 C CG  . PRO A 1 179 ? -15.583 -18.320 5.932   1.00 109.96 ? 161 PRO A CG  1 
ATOM   1170 C CD  . PRO A 1 179 ? -14.957 -17.378 4.931   1.00 105.18 ? 161 PRO A CD  1 
ATOM   1171 N N   . GLU A 1 180 ? -12.229 -18.167 6.883   1.00 107.79 ? 162 GLU A N   1 
ATOM   1172 C CA  . GLU A 1 180 ? -11.021 -18.945 7.180   1.00 108.33 ? 162 GLU A CA  1 
ATOM   1173 C C   . GLU A 1 180 ? -9.817  -18.059 7.559   1.00 113.75 ? 162 GLU A C   1 
ATOM   1174 O O   . GLU A 1 180 ? -8.738  -18.584 7.862   1.00 113.86 ? 162 GLU A O   1 
ATOM   1175 C CB  . GLU A 1 180 ? -10.670 -19.835 5.970   1.00 109.75 ? 162 GLU A CB  1 
ATOM   1176 N N   . SER A 1 181 ? -10.015 -16.720 7.546   1.00 110.52 ? 163 SER A N   1 
ATOM   1177 C CA  . SER A 1 181 ? -9.021  -15.681 7.833   1.00 110.03 ? 163 SER A CA  1 
ATOM   1178 C C   . SER A 1 181 ? -8.518  -15.629 9.285   1.00 112.26 ? 163 SER A C   1 
ATOM   1179 O O   . SER A 1 181 ? -9.309  -15.731 10.229  1.00 111.98 ? 163 SER A O   1 
ATOM   1180 C CB  . SER A 1 181 ? -9.554  -14.315 7.414   1.00 113.53 ? 163 SER A CB  1 
ATOM   1181 O OG  . SER A 1 181 ? -10.813 -14.036 8.007   1.00 119.91 ? 163 SER A OG  1 
ATOM   1182 N N   . ASP A 1 182 ? -7.191  -15.435 9.444   1.00 106.81 ? 164 ASP A N   1 
ATOM   1183 C CA  . ASP A 1 182 ? -6.493  -15.333 10.728  1.00 105.45 ? 164 ASP A CA  1 
ATOM   1184 C C   . ASP A 1 182 ? -5.399  -14.229 10.666  1.00 106.26 ? 164 ASP A C   1 
ATOM   1185 O O   . ASP A 1 182 ? -4.286  -14.398 11.184  1.00 106.93 ? 164 ASP A O   1 
ATOM   1186 C CB  . ASP A 1 182 ? -5.920  -16.703 11.145  1.00 107.26 ? 164 ASP A CB  1 
ATOM   1187 N N   . MET A 1 183 ? -5.739  -13.095 10.016  1.00 98.09  ? 165 MET A N   1 
ATOM   1188 C CA  . MET A 1 183 ? -4.879  -11.922 9.847   1.00 94.95  ? 165 MET A CA  1 
ATOM   1189 C C   . MET A 1 183 ? -5.002  -11.023 11.103  1.00 95.39  ? 165 MET A C   1 
ATOM   1190 O O   . MET A 1 183 ? -6.120  -10.675 11.519  1.00 95.05  ? 165 MET A O   1 
ATOM   1191 C CB  A MET A 1 183 ? -5.266  -11.182 8.537   0.50 96.44  ? 165 MET A CB  1 
ATOM   1192 C CG  A MET A 1 183 ? -4.879  -9.711  8.477   0.50 98.88  ? 165 MET A CG  1 
ATOM   1193 S SD  A MET A 1 183 ? -3.328  -9.379  7.624   0.50 101.92 ? 165 MET A SD  1 
ATOM   1194 C CE  A MET A 1 183 ? -3.202  -7.653  7.876   0.50 98.31  ? 165 MET A CE  1 
ATOM   1195 N N   . LYS A 1 184 ? -3.846  -10.678 11.714  1.00 88.14  ? 166 LYS A N   1 
ATOM   1196 C CA  . LYS A 1 184 ? -3.779  -9.808  12.896  1.00 85.32  ? 166 LYS A CA  1 
ATOM   1197 C C   . LYS A 1 184 ? -3.904  -8.334  12.447  1.00 83.26  ? 166 LYS A C   1 
ATOM   1198 O O   . LYS A 1 184 ? -3.800  -8.061  11.239  1.00 82.04  ? 166 LYS A O   1 
ATOM   1199 C CB  . LYS A 1 184 ? -2.475  -10.053 13.674  1.00 86.69  ? 166 LYS A CB  1 
ATOM   1200 N N   . ARG A 1 185 ? -4.147  -7.394  13.405  1.00 75.03  ? 167 ARG A N   1 
ATOM   1201 C CA  . ARG A 1 185 ? -4.286  -5.955  13.113  1.00 73.20  ? 167 ARG A CA  1 
ATOM   1202 C C   . ARG A 1 185 ? -3.165  -5.430  12.184  1.00 73.47  ? 167 ARG A C   1 
ATOM   1203 O O   . ARG A 1 185 ? -2.003  -5.837  12.310  1.00 72.60  ? 167 ARG A O   1 
ATOM   1204 C CB  . ARG A 1 185 ? -4.347  -5.120  14.399  1.00 70.07  ? 167 ARG A CB  1 
ATOM   1205 C CG  . ARG A 1 185 ? -4.936  -3.711  14.236  1.00 74.51  ? 167 ARG A CG  1 
ATOM   1206 C CD  . ARG A 1 185 ? -4.598  -2.792  15.419  1.00 82.17  ? 167 ARG A CD  1 
ATOM   1207 N NE  . ARG A 1 185 ? -3.149  -2.607  15.610  1.00 86.78  ? 167 ARG A NE  1 
ATOM   1208 C CZ  . ARG A 1 185 ? -2.447  -3.068  16.646  1.00 102.44 ? 167 ARG A CZ  1 
ATOM   1209 N NH1 . ARG A 1 185 ? -3.051  -3.721  17.630  1.00 99.19  ? 167 ARG A NH1 1 
ATOM   1210 N NH2 . ARG A 1 185 ? -1.139  -2.854  16.718  1.00 81.97  ? 167 ARG A NH2 1 
ATOM   1211 N N   . GLY A 1 186 ? -3.552  -4.587  11.231  1.00 66.62  ? 168 GLY A N   1 
ATOM   1212 C CA  . GLY A 1 186 ? -2.608  -4.002  10.291  1.00 65.03  ? 168 GLY A CA  1 
ATOM   1213 C C   . GLY A 1 186 ? -2.962  -4.119  8.824   1.00 64.19  ? 168 GLY A C   1 
ATOM   1214 O O   . GLY A 1 186 ? -4.099  -4.439  8.457   1.00 62.75  ? 168 GLY A O   1 
ATOM   1215 N N   . THR A 1 187 ? -1.974  -3.806  7.976   1.00 57.69  ? 169 THR A N   1 
ATOM   1216 C CA  . THR A 1 187 ? -2.117  -3.826  6.534   1.00 55.17  ? 169 THR A CA  1 
ATOM   1217 C C   . THR A 1 187 ? -0.927  -4.477  5.899   1.00 59.31  ? 169 THR A C   1 
ATOM   1218 O O   . THR A 1 187 ? 0.219   -4.206  6.264   1.00 59.28  ? 169 THR A O   1 
ATOM   1219 C CB  . THR A 1 187 ? -2.448  -2.436  5.990   1.00 52.49  ? 169 THR A CB  1 
ATOM   1220 O OG1 . THR A 1 187 ? -3.669  -1.993  6.578   1.00 51.18  ? 169 THR A OG1 1 
ATOM   1221 C CG2 . THR A 1 187 ? -2.624  -2.413  4.474   1.00 50.29  ? 169 THR A CG2 1 
ATOM   1222 N N   . ARG A 1 188 ? -1.209  -5.375  4.969   1.00 56.87  ? 170 ARG A N   1 
ATOM   1223 C CA  . ARG A 1 188 ? -0.203  -6.062  4.170   1.00 57.67  ? 170 ARG A CA  1 
ATOM   1224 C C   . ARG A 1 188 ? -0.500  -5.679  2.680   1.00 59.86  ? 170 ARG A C   1 
ATOM   1225 O O   . ARG A 1 188 ? -1.565  -5.992  2.156   1.00 59.51  ? 170 ARG A O   1 
ATOM   1226 C CB  . ARG A 1 188 ? -0.270  -7.576  4.465   1.00 58.33  ? 170 ARG A CB  1 
ATOM   1227 C CG  . ARG A 1 188 ? 0.602   -8.453  3.580   1.00 67.33  ? 170 ARG A CG  1 
ATOM   1228 C CD  . ARG A 1 188 ? 0.465   -9.915  3.956   1.00 71.29  ? 170 ARG A CD  1 
ATOM   1229 N N   . ILE A 1 189 ? 0.401   -4.918  2.056   1.00 56.15  ? 171 ILE A N   1 
ATOM   1230 C CA  . ILE A 1 189 ? 0.267   -4.469  0.668   1.00 55.25  ? 171 ILE A CA  1 
ATOM   1231 C C   . ILE A 1 189 ? 1.216   -5.305  -0.146  1.00 58.02  ? 171 ILE A C   1 
ATOM   1232 O O   . ILE A 1 189 ? 2.400   -5.307  0.149   1.00 55.98  ? 171 ILE A O   1 
ATOM   1233 C CB  . ILE A 1 189 ? 0.587   -2.954  0.529   1.00 58.81  ? 171 ILE A CB  1 
ATOM   1234 C CG1 . ILE A 1 189 ? -0.203  -2.119  1.585   1.00 59.83  ? 171 ILE A CG1 1 
ATOM   1235 C CG2 . ILE A 1 189 ? 0.368   -2.465  -0.934  1.00 59.05  ? 171 ILE A CG2 1 
ATOM   1236 C CD1 . ILE A 1 189 ? -0.598  -0.694  1.233   1.00 68.03  ? 171 ILE A CD1 1 
ATOM   1237 N N   . THR A 1 190 ? 0.700   -6.058  -1.127  1.00 57.35  ? 172 THR A N   1 
ATOM   1238 C CA  . THR A 1 190 ? 1.490   -6.934  -2.006  1.00 57.76  ? 172 THR A CA  1 
ATOM   1239 C C   . THR A 1 190 ? 1.489   -6.397  -3.413  1.00 62.43  ? 172 THR A C   1 
ATOM   1240 O O   . THR A 1 190 ? 0.437   -6.167  -4.015  1.00 62.12  ? 172 THR A O   1 
ATOM   1241 C CB  . THR A 1 190 ? 1.042   -8.391  -1.896  1.00 66.51  ? 172 THR A CB  1 
ATOM   1242 O OG1 . THR A 1 190 ? 1.317   -8.808  -0.559  1.00 73.58  ? 172 THR A OG1 1 
ATOM   1243 C CG2 . THR A 1 190 ? 1.781   -9.313  -2.871  1.00 61.39  ? 172 THR A CG2 1 
ATOM   1244 N N   . LEU A 1 191 ? 2.688   -6.198  -3.919  1.00 59.49  ? 173 LEU A N   1 
ATOM   1245 C CA  . LEU A 1 191 ? 2.960   -5.623  -5.217  1.00 59.14  ? 173 LEU A CA  1 
ATOM   1246 C C   . LEU A 1 191 ? 3.462   -6.717  -6.132  1.00 62.93  ? 173 LEU A C   1 
ATOM   1247 O O   . LEU A 1 191 ? 4.539   -7.295  -5.889  1.00 60.41  ? 173 LEU A O   1 
ATOM   1248 C CB  . LEU A 1 191 ? 4.027   -4.515  -5.038  1.00 59.19  ? 173 LEU A CB  1 
ATOM   1249 C CG  . LEU A 1 191 ? 3.546   -3.057  -4.937  1.00 64.51  ? 173 LEU A CG  1 
ATOM   1250 C CD1 . LEU A 1 191 ? 2.584   -2.837  -3.782  1.00 63.91  ? 173 LEU A CD1 1 
ATOM   1251 C CD2 . LEU A 1 191 ? 4.721   -2.136  -4.769  1.00 67.06  ? 173 LEU A CD2 1 
ATOM   1252 N N   . HIS A 1 192 ? 2.649   -7.040  -7.157  1.00 61.41  ? 174 HIS A N   1 
ATOM   1253 C CA  . HIS A 1 192 ? 3.003   -8.031  -8.169  1.00 62.41  ? 174 HIS A CA  1 
ATOM   1254 C C   . HIS A 1 192 ? 3.791   -7.246  -9.211  1.00 65.47  ? 174 HIS A C   1 
ATOM   1255 O O   . HIS A 1 192 ? 3.218   -6.488  -10.000 1.00 63.67  ? 174 HIS A O   1 
ATOM   1256 C CB  . HIS A 1 192 ? 1.749   -8.736  -8.723  1.00 64.07  ? 174 HIS A CB  1 
ATOM   1257 C CG  . HIS A 1 192 ? 0.969   -9.458  -7.655  1.00 68.15  ? 174 HIS A CG  1 
ATOM   1258 N ND1 . HIS A 1 192 ? 1.305   -10.750 -7.259  1.00 69.93  ? 174 HIS A ND1 1 
ATOM   1259 C CD2 . HIS A 1 192 ? -0.077  -9.031  -6.904  1.00 69.64  ? 174 HIS A CD2 1 
ATOM   1260 C CE1 . HIS A 1 192 ? 0.458   -11.059 -6.287  1.00 69.10  ? 174 HIS A CE1 1 
ATOM   1261 N NE2 . HIS A 1 192 ? -0.387  -10.056 -6.029  1.00 69.23  ? 174 HIS A NE2 1 
ATOM   1262 N N   . LEU A 1 193 ? 5.121   -7.344  -9.114  1.00 63.56  ? 175 LEU A N   1 
ATOM   1263 C CA  . LEU A 1 193 ? 6.069   -6.576  -9.919  1.00 65.08  ? 175 LEU A CA  1 
ATOM   1264 C C   . LEU A 1 193 ? 6.048   -6.833  -11.411 1.00 74.03  ? 175 LEU A C   1 
ATOM   1265 O O   . LEU A 1 193 ? 5.934   -7.984  -11.849 1.00 75.60  ? 175 LEU A O   1 
ATOM   1266 C CB  . LEU A 1 193 ? 7.507   -6.687  -9.375  1.00 64.88  ? 175 LEU A CB  1 
ATOM   1267 C CG  . LEU A 1 193 ? 7.770   -6.247  -7.924  1.00 68.61  ? 175 LEU A CG  1 
ATOM   1268 C CD1 . LEU A 1 193 ? 9.191   -6.533  -7.534  1.00 67.83  ? 175 LEU A CD1 1 
ATOM   1269 C CD2 . LEU A 1 193 ? 7.497   -4.766  -7.723  1.00 72.49  ? 175 LEU A CD2 1 
ATOM   1270 N N   . LYS A 1 194 ? 6.170   -5.739  -12.187 1.00 71.20  ? 176 LYS A N   1 
ATOM   1271 C CA  . LYS A 1 194 ? 6.244   -5.738  -13.650 1.00 71.12  ? 176 LYS A CA  1 
ATOM   1272 C C   . LYS A 1 194 ? 7.601   -6.359  -14.051 1.00 78.62  ? 176 LYS A C   1 
ATOM   1273 O O   . LYS A 1 194 ? 8.566   -6.248  -13.286 1.00 77.70  ? 176 LYS A O   1 
ATOM   1274 C CB  . LYS A 1 194 ? 6.184   -4.293  -14.177 1.00 71.79  ? 176 LYS A CB  1 
ATOM   1275 C CG  . LYS A 1 194 ? 4.872   -3.569  -13.946 1.00 62.85  ? 176 LYS A CG  1 
ATOM   1276 C CD  . LYS A 1 194 ? 5.025   -2.106  -14.291 1.00 68.32  ? 176 LYS A CD  1 
ATOM   1277 C CE  . LYS A 1 194 ? 3.739   -1.334  -14.128 1.00 74.37  ? 176 LYS A CE  1 
ATOM   1278 N NZ  . LYS A 1 194 ? 3.853   0.052   -14.643 1.00 71.91  ? 176 LYS A NZ  1 
ATOM   1279 N N   . GLU A 1 195 ? 7.674   -6.995  -15.247 1.00 77.99  ? 177 GLU A N   1 
ATOM   1280 C CA  . GLU A 1 195 ? 8.877   -7.672  -15.768 1.00 78.48  ? 177 GLU A CA  1 
ATOM   1281 C C   . GLU A 1 195 ? 10.163  -6.835  -15.654 1.00 82.42  ? 177 GLU A C   1 
ATOM   1282 O O   . GLU A 1 195 ? 11.191  -7.335  -15.181 1.00 82.14  ? 177 GLU A O   1 
ATOM   1283 C CB  . GLU A 1 195 ? 8.654   -8.170  -17.213 1.00 79.74  ? 177 GLU A CB  1 
ATOM   1284 N N   . ASP A 1 196 ? 10.062  -5.546  -16.025 1.00 78.18  ? 178 ASP A N   1 
ATOM   1285 C CA  . ASP A 1 196 ? 11.140  -4.560  -16.023 1.00 77.86  ? 178 ASP A CA  1 
ATOM   1286 C C   . ASP A 1 196 ? 11.530  -4.026  -14.630 1.00 81.25  ? 178 ASP A C   1 
ATOM   1287 O O   . ASP A 1 196 ? 12.590  -3.403  -14.481 1.00 81.89  ? 178 ASP A O   1 
ATOM   1288 C CB  . ASP A 1 196 ? 10.785  -3.408  -16.990 1.00 80.12  ? 178 ASP A CB  1 
ATOM   1289 C CG  . ASP A 1 196 ? 9.366   -2.855  -16.886 1.00 95.20  ? 178 ASP A CG  1 
ATOM   1290 O OD1 . ASP A 1 196 ? 8.398   -3.648  -17.044 1.00 95.75  ? 178 ASP A OD1 1 
ATOM   1291 O OD2 . ASP A 1 196 ? 9.220   -1.624  -16.740 1.00 103.40 ? 178 ASP A OD2 1 
ATOM   1292 N N   . GLN A 1 197 ? 10.702  -4.302  -13.609 1.00 75.87  ? 179 GLN A N   1 
ATOM   1293 C CA  . GLN A 1 197 ? 10.901  -3.793  -12.251 1.00 74.32  ? 179 GLN A CA  1 
ATOM   1294 C C   . GLN A 1 197 ? 11.398  -4.818  -11.224 1.00 78.30  ? 179 GLN A C   1 
ATOM   1295 O O   . GLN A 1 197 ? 11.230  -4.625  -10.017 1.00 77.82  ? 179 GLN A O   1 
ATOM   1296 C CB  . GLN A 1 197 ? 9.628   -3.058  -11.781 1.00 74.92  ? 179 GLN A CB  1 
ATOM   1297 C CG  . GLN A 1 197 ? 9.090   -2.019  -12.783 1.00 68.17  ? 179 GLN A CG  1 
ATOM   1298 C CD  . GLN A 1 197 ? 10.092  -0.949  -13.167 1.00 78.88  ? 179 GLN A CD  1 
ATOM   1299 O OE1 . GLN A 1 197 ? 10.912  -0.488  -12.369 1.00 72.20  ? 179 GLN A OE1 1 
ATOM   1300 N NE2 . GLN A 1 197 ? 10.010  -0.484  -14.395 1.00 74.64  ? 179 GLN A NE2 1 
ATOM   1301 N N   . MET A 1 198 ? 12.085  -5.864  -11.693 1.00 75.64  ? 180 MET A N   1 
ATOM   1302 C CA  . MET A 1 198 ? 12.619  -6.918  -10.825 1.00 75.45  ? 180 MET A CA  1 
ATOM   1303 C C   . MET A 1 198 ? 13.709  -6.467  -9.855  1.00 80.38  ? 180 MET A C   1 
ATOM   1304 O O   . MET A 1 198 ? 13.913  -7.122  -8.826  1.00 81.13  ? 180 MET A O   1 
ATOM   1305 C CB  . MET A 1 198 ? 12.983  -8.181  -11.614 1.00 77.74  ? 180 MET A CB  1 
ATOM   1306 C CG  . MET A 1 198 ? 11.770  -8.833  -12.283 1.00 81.88  ? 180 MET A CG  1 
ATOM   1307 S SD  . MET A 1 198 ? 10.447  -9.332  -11.136 1.00 86.44  ? 180 MET A SD  1 
ATOM   1308 C CE  . MET A 1 198 ? 9.068   -9.377  -12.252 1.00 82.99  ? 180 MET A CE  1 
ATOM   1309 N N   . GLU A 1 199 ? 14.342  -5.305  -10.137 1.00 76.39  ? 181 GLU A N   1 
ATOM   1310 C CA  . GLU A 1 199 ? 15.363  -4.666  -9.290  1.00 76.68  ? 181 GLU A CA  1 
ATOM   1311 C C   . GLU A 1 199 ? 14.897  -4.458  -7.832  1.00 80.93  ? 181 GLU A C   1 
ATOM   1312 O O   . GLU A 1 199 ? 15.722  -4.510  -6.913  1.00 80.92  ? 181 GLU A O   1 
ATOM   1313 C CB  . GLU A 1 199 ? 15.840  -3.331  -9.901  1.00 78.26  ? 181 GLU A CB  1 
ATOM   1314 C CG  . GLU A 1 199 ? 14.731  -2.432  -10.434 1.00 88.94  ? 181 GLU A CG  1 
ATOM   1315 C CD  . GLU A 1 199 ? 15.149  -1.026  -10.818 1.00 103.15 ? 181 GLU A CD  1 
ATOM   1316 O OE1 . GLU A 1 199 ? 15.796  -0.351  -9.985  1.00 93.24  ? 181 GLU A OE1 1 
ATOM   1317 O OE2 . GLU A 1 199 ? 14.766  -0.572  -11.922 1.00 93.81  ? 181 GLU A OE2 1 
ATOM   1318 N N   . TYR A 1 200 ? 13.568  -4.255  -7.633  1.00 76.72  ? 182 TYR A N   1 
ATOM   1319 C CA  . TYR A 1 200 ? 12.922  -4.052  -6.330  1.00 75.63  ? 182 TYR A CA  1 
ATOM   1320 C C   . TYR A 1 200 ? 12.776  -5.319  -5.469  1.00 81.06  ? 182 TYR A C   1 
ATOM   1321 O O   . TYR A 1 200 ? 12.186  -5.264  -4.381  1.00 80.33  ? 182 TYR A O   1 
ATOM   1322 C CB  . TYR A 1 200 ? 11.624  -3.218  -6.459  1.00 74.84  ? 182 TYR A CB  1 
ATOM   1323 C CG  . TYR A 1 200 ? 11.894  -1.873  -7.101  1.00 73.57  ? 182 TYR A CG  1 
ATOM   1324 C CD1 . TYR A 1 200 ? 12.658  -0.907  -6.447  1.00 75.04  ? 182 TYR A CD1 1 
ATOM   1325 C CD2 . TYR A 1 200 ? 11.496  -1.611  -8.408  1.00 73.02  ? 182 TYR A CD2 1 
ATOM   1326 C CE1 . TYR A 1 200 ? 12.982  0.298   -7.062  1.00 74.97  ? 182 TYR A CE1 1 
ATOM   1327 C CE2 . TYR A 1 200 ? 11.814  -0.409  -9.035  1.00 73.40  ? 182 TYR A CE2 1 
ATOM   1328 C CZ  . TYR A 1 200 ? 12.548  0.548   -8.352  1.00 77.89  ? 182 TYR A CZ  1 
ATOM   1329 O OH  . TYR A 1 200 ? 12.867  1.741   -8.951  1.00 73.85  ? 182 TYR A OH  1 
ATOM   1330 N N   . LEU A 1 201 ? 13.362  -6.446  -5.940  1.00 78.08  ? 183 LEU A N   1 
ATOM   1331 C CA  . LEU A 1 201 ? 13.419  -7.709  -5.200  1.00 78.08  ? 183 LEU A CA  1 
ATOM   1332 C C   . LEU A 1 201 ? 14.798  -7.817  -4.541  1.00 84.89  ? 183 LEU A C   1 
ATOM   1333 O O   . LEU A 1 201 ? 14.896  -8.312  -3.416  1.00 84.76  ? 183 LEU A O   1 
ATOM   1334 C CB  . LEU A 1 201 ? 13.191  -8.914  -6.119  1.00 77.58  ? 183 LEU A CB  1 
ATOM   1335 C CG  . LEU A 1 201 ? 11.796  -9.116  -6.690  1.00 80.44  ? 183 LEU A CG  1 
ATOM   1336 C CD1 . LEU A 1 201 ? 11.812  -10.194 -7.743  1.00 79.85  ? 183 LEU A CD1 1 
ATOM   1337 C CD2 . LEU A 1 201 ? 10.775  -9.432  -5.594  1.00 80.54  ? 183 LEU A CD2 1 
ATOM   1338 N N   . GLU A 1 202 ? 15.853  -7.316  -5.242  1.00 82.83  ? 184 GLU A N   1 
ATOM   1339 C CA  . GLU A 1 202 ? 17.260  -7.288  -4.822  1.00 83.13  ? 184 GLU A CA  1 
ATOM   1340 C C   . GLU A 1 202 ? 17.463  -6.599  -3.462  1.00 87.63  ? 184 GLU A C   1 
ATOM   1341 O O   . GLU A 1 202 ? 17.013  -5.465  -3.286  1.00 87.60  ? 184 GLU A O   1 
ATOM   1342 C CB  . GLU A 1 202 ? 18.142  -6.644  -5.908  1.00 84.71  ? 184 GLU A CB  1 
ATOM   1343 C CG  . GLU A 1 202 ? 18.271  -7.475  -7.179  1.00 96.46  ? 184 GLU A CG  1 
ATOM   1344 C CD  . GLU A 1 202 ? 18.843  -8.870  -6.988  1.00 123.69 ? 184 GLU A CD  1 
ATOM   1345 O OE1 . GLU A 1 202 ? 18.128  -9.845  -7.310  1.00 115.95 ? 184 GLU A OE1 1 
ATOM   1346 O OE2 . GLU A 1 202 ? 19.981  -8.991  -6.478  1.00 121.67 ? 184 GLU A OE2 1 
ATOM   1347 N N   . PRO A 1 203 ? 18.112  -7.274  -2.482  1.00 84.36  ? 185 PRO A N   1 
ATOM   1348 C CA  . PRO A 1 203 ? 18.242  -6.680  -1.137  1.00 84.22  ? 185 PRO A CA  1 
ATOM   1349 C C   . PRO A 1 203 ? 19.180  -5.479  -1.005  1.00 88.25  ? 185 PRO A C   1 
ATOM   1350 O O   . PRO A 1 203 ? 19.060  -4.737  -0.034  1.00 88.11  ? 185 PRO A O   1 
ATOM   1351 C CB  . PRO A 1 203 ? 18.668  -7.867  -0.264  1.00 85.91  ? 185 PRO A CB  1 
ATOM   1352 C CG  . PRO A 1 203 ? 18.380  -9.102  -1.107  1.00 90.00  ? 185 PRO A CG  1 
ATOM   1353 C CD  . PRO A 1 203 ? 18.656  -8.642  -2.498  1.00 85.58  ? 185 PRO A CD  1 
ATOM   1354 N N   . ARG A 1 204 ? 20.094  -5.279  -1.973  1.00 84.34  ? 186 ARG A N   1 
ATOM   1355 C CA  . ARG A 1 204 ? 21.015  -4.139  -1.992  1.00 83.83  ? 186 ARG A CA  1 
ATOM   1356 C C   . ARG A 1 204 ? 20.249  -2.880  -2.411  1.00 86.31  ? 186 ARG A C   1 
ATOM   1357 O O   . ARG A 1 204 ? 20.526  -1.789  -1.905  1.00 85.49  ? 186 ARG A O   1 
ATOM   1358 C CB  . ARG A 1 204 ? 22.195  -4.397  -2.947  1.00 84.25  ? 186 ARG A CB  1 
ATOM   1359 N N   . ARG A 1 205 ? 19.276  -3.039  -3.328  1.00 82.09  ? 187 ARG A N   1 
ATOM   1360 C CA  . ARG A 1 205 ? 18.438  -1.938  -3.802  1.00 81.24  ? 187 ARG A CA  1 
ATOM   1361 C C   . ARG A 1 205 ? 17.498  -1.512  -2.677  1.00 84.76  ? 187 ARG A C   1 
ATOM   1362 O O   . ARG A 1 205 ? 17.378  -0.320  -2.405  1.00 84.37  ? 187 ARG A O   1 
ATOM   1363 C CB  . ARG A 1 205 ? 17.656  -2.353  -5.065  1.00 79.78  ? 187 ARG A CB  1 
ATOM   1364 C CG  . ARG A 1 205 ? 16.919  -1.209  -5.769  1.00 85.62  ? 187 ARG A CG  1 
ATOM   1365 C CD  . ARG A 1 205 ? 17.821  -0.382  -6.675  1.00 83.75  ? 187 ARG A CD  1 
ATOM   1366 N NE  . ARG A 1 205 ? 17.057  0.453   -7.604  1.00 79.04  ? 187 ARG A NE  1 
ATOM   1367 C CZ  . ARG A 1 205 ? 16.650  1.690   -7.345  1.00 87.00  ? 187 ARG A CZ  1 
ATOM   1368 N NH1 . ARG A 1 205 ? 16.925  2.256   -6.177  1.00 79.17  ? 187 ARG A NH1 1 
ATOM   1369 N NH2 . ARG A 1 205 ? 15.973  2.375   -8.253  1.00 71.79  ? 187 ARG A NH2 1 
ATOM   1370 N N   . LEU A 1 206 ? 16.899  -2.499  -1.986  1.00 81.04  ? 188 LEU A N   1 
ATOM   1371 C CA  . LEU A 1 206 ? 15.968  -2.287  -0.884  1.00 80.56  ? 188 LEU A CA  1 
ATOM   1372 C C   . LEU A 1 206 ? 16.612  -1.661  0.342   1.00 83.56  ? 188 LEU A C   1 
ATOM   1373 O O   . LEU A 1 206 ? 15.986  -0.801  0.964   1.00 82.83  ? 188 LEU A O   1 
ATOM   1374 C CB  . LEU A 1 206 ? 15.202  -3.575  -0.530  1.00 80.51  ? 188 LEU A CB  1 
ATOM   1375 C CG  . LEU A 1 206 ? 14.191  -4.080  -1.575  1.00 84.90  ? 188 LEU A CG  1 
ATOM   1376 C CD1 . LEU A 1 206 ? 13.803  -5.500  -1.295  1.00 85.16  ? 188 LEU A CD1 1 
ATOM   1377 C CD2 . LEU A 1 206 ? 12.932  -3.212  -1.627  1.00 85.96  ? 188 LEU A CD2 1 
ATOM   1378 N N   . LYS A 1 207 ? 17.867  -2.060  0.676   1.00 79.83  ? 189 LYS A N   1 
ATOM   1379 C CA  . LYS A 1 207 ? 18.630  -1.503  1.812   1.00 78.74  ? 189 LYS A CA  1 
ATOM   1380 C C   . LYS A 1 207 ? 18.884  0.001   1.587   1.00 79.19  ? 189 LYS A C   1 
ATOM   1381 O O   . LYS A 1 207 ? 18.579  0.819   2.463   1.00 76.69  ? 189 LYS A O   1 
ATOM   1382 C CB  . LYS A 1 207 ? 19.962  -2.256  2.026   1.00 80.69  ? 189 LYS A CB  1 
ATOM   1383 C CG  . LYS A 1 207 ? 19.858  -3.442  2.969   1.00 89.48  ? 189 LYS A CG  1 
ATOM   1384 N N   . GLU A 1 208 ? 19.385  0.354   0.383   1.00 75.55  ? 190 GLU A N   1 
ATOM   1385 C CA  . GLU A 1 208 ? 19.660  1.733   -0.012  1.00 75.61  ? 190 GLU A CA  1 
ATOM   1386 C C   . GLU A 1 208 ? 18.399  2.592   0.188   1.00 79.92  ? 190 GLU A C   1 
ATOM   1387 O O   . GLU A 1 208 ? 18.440  3.567   0.949   1.00 80.00  ? 190 GLU A O   1 
ATOM   1388 C CB  . GLU A 1 208 ? 20.163  1.798   -1.471  1.00 76.81  ? 190 GLU A CB  1 
ATOM   1389 N N   . LEU A 1 209 ? 17.259  2.158   -0.408  1.00 75.13  ? 191 LEU A N   1 
ATOM   1390 C CA  . LEU A 1 209 ? 15.970  2.853   -0.337  1.00 74.38  ? 191 LEU A CA  1 
ATOM   1391 C C   . LEU A 1 209 ? 15.421  3.032   1.074   1.00 80.16  ? 191 LEU A C   1 
ATOM   1392 O O   . LEU A 1 209 ? 14.896  4.108   1.395   1.00 80.46  ? 191 LEU A O   1 
ATOM   1393 C CB  . LEU A 1 209 ? 14.927  2.197   -1.246  1.00 73.80  ? 191 LEU A CB  1 
ATOM   1394 C CG  . LEU A 1 209 ? 15.206  2.232   -2.731  1.00 77.57  ? 191 LEU A CG  1 
ATOM   1395 C CD1 . LEU A 1 209 ? 14.183  1.436   -3.483  1.00 77.33  ? 191 LEU A CD1 1 
ATOM   1396 C CD2 . LEU A 1 209 ? 15.246  3.650   -3.241  1.00 81.57  ? 191 LEU A CD2 1 
ATOM   1397 N N   . ILE A 1 210 ? 15.539  1.992   1.915   1.00 76.74  ? 192 ILE A N   1 
ATOM   1398 C CA  . ILE A 1 210 ? 15.068  2.055   3.295   1.00 77.05  ? 192 ILE A CA  1 
ATOM   1399 C C   . ILE A 1 210 ? 15.846  3.147   4.043   1.00 84.21  ? 192 ILE A C   1 
ATOM   1400 O O   . ILE A 1 210 ? 15.234  4.125   4.491   1.00 83.90  ? 192 ILE A O   1 
ATOM   1401 C CB  . ILE A 1 210 ? 15.073  0.649   3.957   1.00 79.60  ? 192 ILE A CB  1 
ATOM   1402 C CG1 . ILE A 1 210 ? 13.857  -0.165  3.445   1.00 79.65  ? 192 ILE A CG1 1 
ATOM   1403 C CG2 . ILE A 1 210 ? 15.068  0.739   5.486   1.00 79.73  ? 192 ILE A CG2 1 
ATOM   1404 C CD1 . ILE A 1 210 ? 14.024  -1.637  3.421   1.00 84.24  ? 192 ILE A CD1 1 
ATOM   1405 N N   . LYS A 1 211 ? 17.195  3.039   4.052   1.00 82.50  ? 193 LYS A N   1 
ATOM   1406 C CA  . LYS A 1 211 ? 18.108  4.001   4.680   1.00 82.72  ? 193 LYS A CA  1 
ATOM   1407 C C   . LYS A 1 211 ? 17.801  5.452   4.253   1.00 87.95  ? 193 LYS A C   1 
ATOM   1408 O O   . LYS A 1 211 ? 17.714  6.331   5.112   1.00 88.50  ? 193 LYS A O   1 
ATOM   1409 C CB  . LYS A 1 211 ? 19.568  3.626   4.372   1.00 84.80  ? 193 LYS A CB  1 
ATOM   1410 N N   . LYS A 1 212 ? 17.551  5.666   2.936   1.00 83.92  ? 194 LYS A N   1 
ATOM   1411 C CA  . LYS A 1 212 ? 17.233  6.939   2.270   1.00 83.15  ? 194 LYS A CA  1 
ATOM   1412 C C   . LYS A 1 212 ? 16.115  7.769   2.963   1.00 85.94  ? 194 LYS A C   1 
ATOM   1413 O O   . LYS A 1 212 ? 16.155  9.005   2.902   1.00 85.75  ? 194 LYS A O   1 
ATOM   1414 C CB  . LYS A 1 212 ? 16.907  6.678   0.778   1.00 85.59  ? 194 LYS A CB  1 
ATOM   1415 C CG  . LYS A 1 212 ? 16.913  7.905   -0.134  1.00 101.96 ? 194 LYS A CG  1 
ATOM   1416 N N   . HIS A 1 213 ? 15.133  7.099   3.611   1.00 80.98  ? 195 HIS A N   1 
ATOM   1417 C CA  . HIS A 1 213 ? 14.031  7.779   4.308   1.00 80.04  ? 195 HIS A CA  1 
ATOM   1418 C C   . HIS A 1 213 ? 13.897  7.355   5.777   1.00 81.13  ? 195 HIS A C   1 
ATOM   1419 O O   . HIS A 1 213 ? 13.161  8.000   6.522   1.00 79.00  ? 195 HIS A O   1 
ATOM   1420 C CB  . HIS A 1 213 ? 12.688  7.617   3.551   1.00 81.01  ? 195 HIS A CB  1 
ATOM   1421 C CG  . HIS A 1 213 ? 12.650  8.292   2.211   1.00 84.30  ? 195 HIS A CG  1 
ATOM   1422 N ND1 . HIS A 1 213 ? 12.904  7.590   1.036   1.00 85.97  ? 195 HIS A ND1 1 
ATOM   1423 C CD2 . HIS A 1 213 ? 12.388  9.586   1.900   1.00 85.76  ? 195 HIS A CD2 1 
ATOM   1424 C CE1 . HIS A 1 213 ? 12.794  8.478   0.057   1.00 85.28  ? 195 HIS A CE1 1 
ATOM   1425 N NE2 . HIS A 1 213 ? 12.476  9.692   0.525   1.00 85.44  ? 195 HIS A NE2 1 
ATOM   1426 N N   . SER A 1 214 ? 14.612  6.277   6.185   1.00 78.05  ? 196 SER A N   1 
ATOM   1427 C CA  . SER A 1 214 ? 14.634  5.681   7.534   1.00 77.84  ? 196 SER A CA  1 
ATOM   1428 C C   . SER A 1 214 ? 14.675  6.690   8.695   1.00 80.90  ? 196 SER A C   1 
ATOM   1429 O O   . SER A 1 214 ? 13.953  6.524   9.678   1.00 81.89  ? 196 SER A O   1 
ATOM   1430 C CB  . SER A 1 214 ? 15.802  4.709   7.669   1.00 81.80  ? 196 SER A CB  1 
ATOM   1431 N N   . GLU A 1 215 ? 15.502  7.734   8.570   1.00 75.03  ? 197 GLU A N   1 
ATOM   1432 C CA  . GLU A 1 215 ? 15.658  8.778   9.577   1.00 73.85  ? 197 GLU A CA  1 
ATOM   1433 C C   . GLU A 1 215 ? 14.410  9.669   9.748   1.00 76.03  ? 197 GLU A C   1 
ATOM   1434 O O   . GLU A 1 215 ? 14.242  10.306  10.788  1.00 75.08  ? 197 GLU A O   1 
ATOM   1435 C CB  . GLU A 1 215 ? 16.904  9.618   9.270   1.00 75.10  ? 197 GLU A CB  1 
ATOM   1436 N N   . PHE A 1 216 ? 13.517  9.669   8.765   1.00 72.64  ? 198 PHE A N   1 
ATOM   1437 C CA  . PHE A 1 216 ? 12.298  10.485  8.767   1.00 72.66  ? 198 PHE A CA  1 
ATOM   1438 C C   . PHE A 1 216 ? 11.026  9.765   9.201   1.00 73.04  ? 198 PHE A C   1 
ATOM   1439 O O   . PHE A 1 216 ? 9.959   10.378  9.262   1.00 72.18  ? 198 PHE A O   1 
ATOM   1440 C CB  . PHE A 1 216 ? 12.146  11.188  7.407   1.00 75.32  ? 198 PHE A CB  1 
ATOM   1441 C CG  . PHE A 1 216 ? 13.410  11.939  7.073   1.00 78.07  ? 198 PHE A CG  1 
ATOM   1442 C CD1 . PHE A 1 216 ? 13.692  13.161  7.675   1.00 83.11  ? 198 PHE A CD1 1 
ATOM   1443 C CD2 . PHE A 1 216 ? 14.366  11.378  6.235   1.00 81.36  ? 198 PHE A CD2 1 
ATOM   1444 C CE1 . PHE A 1 216 ? 14.890  13.829  7.411   1.00 84.97  ? 198 PHE A CE1 1 
ATOM   1445 C CE2 . PHE A 1 216 ? 15.567  12.040  5.975   1.00 85.25  ? 198 PHE A CE2 1 
ATOM   1446 C CZ  . PHE A 1 216 ? 15.819  13.265  6.557   1.00 84.24  ? 198 PHE A CZ  1 
ATOM   1447 N N   . ILE A 1 217 ? 11.155  8.477   9.553   1.00 68.39  ? 199 ILE A N   1 
ATOM   1448 C CA  . ILE A 1 217 ? 10.056  7.611   9.995   1.00 67.35  ? 199 ILE A CA  1 
ATOM   1449 C C   . ILE A 1 217 ? 10.358  7.205   11.427  1.00 69.94  ? 199 ILE A C   1 
ATOM   1450 O O   . ILE A 1 217 ? 11.426  6.635   11.701  1.00 67.87  ? 199 ILE A O   1 
ATOM   1451 C CB  . ILE A 1 217 ? 9.904   6.359   9.048   1.00 69.91  ? 199 ILE A CB  1 
ATOM   1452 C CG1 . ILE A 1 217 ? 9.880   6.721   7.535   1.00 68.99  ? 199 ILE A CG1 1 
ATOM   1453 C CG2 . ILE A 1 217 ? 8.739   5.440   9.459   1.00 71.01  ? 199 ILE A CG2 1 
ATOM   1454 C CD1 . ILE A 1 217 ? 8.736   7.642   7.047   1.00 71.98  ? 199 ILE A CD1 1 
ATOM   1455 N N   . GLY A 1 218 ? 9.407   7.489   12.313  1.00 67.66  ? 200 GLY A N   1 
ATOM   1456 C CA  . GLY A 1 218 ? 9.519   7.197   13.741  1.00 68.59  ? 200 GLY A CA  1 
ATOM   1457 C C   . GLY A 1 218 ? 9.317   5.752   14.170  1.00 74.12  ? 200 GLY A C   1 
ATOM   1458 O O   . GLY A 1 218 ? 9.201   5.483   15.370  1.00 76.23  ? 200 GLY A O   1 
ATOM   1459 N N   . TYR A 1 219 ? 9.254   4.814   13.204  1.00 67.55  ? 201 TYR A N   1 
ATOM   1460 C CA  . TYR A 1 219 ? 9.047   3.397   13.464  1.00 65.41  ? 201 TYR A CA  1 
ATOM   1461 C C   . TYR A 1 219 ? 10.146  2.615   12.804  1.00 70.20  ? 201 TYR A C   1 
ATOM   1462 O O   . TYR A 1 219 ? 10.642  3.022   11.757  1.00 69.90  ? 201 TYR A O   1 
ATOM   1463 C CB  . TYR A 1 219 ? 7.660   2.927   12.966  1.00 64.48  ? 201 TYR A CB  1 
ATOM   1464 C CG  . TYR A 1 219 ? 6.530   3.770   13.510  1.00 63.06  ? 201 TYR A CG  1 
ATOM   1465 C CD1 . TYR A 1 219 ? 6.057   4.877   12.809  1.00 62.97  ? 201 TYR A CD1 1 
ATOM   1466 C CD2 . TYR A 1 219 ? 5.970   3.499   14.758  1.00 63.34  ? 201 TYR A CD2 1 
ATOM   1467 C CE1 . TYR A 1 219 ? 5.074   5.704   13.342  1.00 60.03  ? 201 TYR A CE1 1 
ATOM   1468 C CE2 . TYR A 1 219 ? 4.958   4.299   15.286  1.00 63.09  ? 201 TYR A CE2 1 
ATOM   1469 C CZ  . TYR A 1 219 ? 4.524   5.407   14.579  1.00 66.29  ? 201 TYR A CZ  1 
ATOM   1470 O OH  . TYR A 1 219 ? 3.533   6.197   15.102  1.00 64.91  ? 201 TYR A OH  1 
ATOM   1471 N N   . ASP A 1 220 ? 10.530  1.488   13.420  1.00 68.10  ? 202 ASP A N   1 
ATOM   1472 C CA  . ASP A 1 220 ? 11.551  0.591   12.895  1.00 68.45  ? 202 ASP A CA  1 
ATOM   1473 C C   . ASP A 1 220 ? 11.057  0.005   11.580  1.00 71.69  ? 202 ASP A C   1 
ATOM   1474 O O   . ASP A 1 220 ? 9.864   -0.281  11.434  1.00 69.87  ? 202 ASP A O   1 
ATOM   1475 C CB  . ASP A 1 220 ? 11.844  -0.534  13.899  1.00 70.86  ? 202 ASP A CB  1 
ATOM   1476 N N   . ILE A 1 221 ? 11.955  -0.091  10.604  1.00 68.94  ? 203 ILE A N   1 
ATOM   1477 C CA  . ILE A 1 221 ? 11.629  -0.646  9.301   1.00 69.52  ? 203 ILE A CA  1 
ATOM   1478 C C   . ILE A 1 221 ? 12.519  -1.865  9.113   1.00 75.46  ? 203 ILE A C   1 
ATOM   1479 O O   . ILE A 1 221 ? 13.739  -1.720  8.975   1.00 76.18  ? 203 ILE A O   1 
ATOM   1480 C CB  . ILE A 1 221 ? 11.731  0.396   8.140   1.00 72.26  ? 203 ILE A CB  1 
ATOM   1481 C CG1 . ILE A 1 221 ? 10.768  1.585   8.369   1.00 72.21  ? 203 ILE A CG1 1 
ATOM   1482 C CG2 . ILE A 1 221 ? 11.473  -0.274  6.775   1.00 72.09  ? 203 ILE A CG2 1 
ATOM   1483 C CD1 . ILE A 1 221 ? 11.209  2.902   7.771   1.00 74.62  ? 203 ILE A CD1 1 
ATOM   1484 N N   . GLU A 1 222 ? 11.919  -3.066  9.174   1.00 72.49  ? 204 GLU A N   1 
ATOM   1485 C CA  . GLU A 1 222 ? 12.663  -4.310  9.022   1.00 72.46  ? 204 GLU A CA  1 
ATOM   1486 C C   . GLU A 1 222 ? 12.568  -4.839  7.597   1.00 78.91  ? 204 GLU A C   1 
ATOM   1487 O O   . GLU A 1 222 ? 11.487  -4.879  7.014   1.00 79.35  ? 204 GLU A O   1 
ATOM   1488 C CB  . GLU A 1 222 ? 12.209  -5.360  10.051  1.00 73.38  ? 204 GLU A CB  1 
ATOM   1489 N N   . LEU A 1 223 ? 13.702  -5.230  7.037   1.00 76.82  ? 205 LEU A N   1 
ATOM   1490 C CA  . LEU A 1 223 ? 13.763  -5.824  5.714   1.00 77.94  ? 205 LEU A CA  1 
ATOM   1491 C C   . LEU A 1 223 ? 14.019  -7.331  5.886   1.00 86.05  ? 205 LEU A C   1 
ATOM   1492 O O   . LEU A 1 223 ? 15.056  -7.719  6.422   1.00 85.60  ? 205 LEU A O   1 
ATOM   1493 C CB  . LEU A 1 223 ? 14.870  -5.162  4.872   1.00 77.72  ? 205 LEU A CB  1 
ATOM   1494 C CG  . LEU A 1 223 ? 15.215  -5.827  3.543   1.00 82.23  ? 205 LEU A CG  1 
ATOM   1495 C CD1 . LEU A 1 223 ? 14.093  -5.661  2.535   1.00 82.82  ? 205 LEU A CD1 1 
ATOM   1496 C CD2 . LEU A 1 223 ? 16.532  -5.296  2.994   1.00 83.91  ? 205 LEU A CD2 1 
ATOM   1497 N N   . MET A 1 224 ? 13.063  -8.169  5.457   1.00 86.04  ? 206 MET A N   1 
ATOM   1498 C CA  . MET A 1 224 ? 13.180  -9.621  5.561   1.00 87.11  ? 206 MET A CA  1 
ATOM   1499 C C   . MET A 1 224 ? 13.713  -10.216 4.247   1.00 93.64  ? 206 MET A C   1 
ATOM   1500 O O   . MET A 1 224 ? 12.929  -10.543 3.354   1.00 92.51  ? 206 MET A O   1 
ATOM   1501 C CB  . MET A 1 224 ? 11.847  -10.250 6.003   1.00 89.35  ? 206 MET A CB  1 
ATOM   1502 N N   . VAL A 1 225 ? 15.057  -10.327 4.129   1.00 92.76  ? 207 VAL A N   1 
ATOM   1503 C CA  . VAL A 1 225 ? 15.741  -10.862 2.940   1.00 94.01  ? 207 VAL A CA  1 
ATOM   1504 C C   . VAL A 1 225 ? 16.319  -12.269 3.171   1.00 100.35 ? 207 VAL A C   1 
ATOM   1505 O O   . VAL A 1 225 ? 16.599  -12.632 4.315   1.00 100.77 ? 207 VAL A O   1 
ATOM   1506 C CB  . VAL A 1 225 ? 16.823  -9.887  2.423   1.00 98.09  ? 207 VAL A CB  1 
ATOM   1507 N N   . GLU A 1 226 ? 16.506  -13.050 2.084   1.00 97.43  ? 208 GLU A N   1 
ATOM   1508 C CA  . GLU A 1 226 ? 17.045  -14.419 2.125   1.00 122.33 ? 208 GLU A CA  1 
ATOM   1509 C C   . GLU A 1 226 ? 18.522  -14.461 2.534   1.00 150.41 ? 208 GLU A C   1 
ATOM   1510 O O   . GLU A 1 226 ? 19.340  -13.683 2.043   1.00 110.30 ? 208 GLU A O   1 
ATOM   1511 C CB  . GLU A 1 226 ? 16.836  -15.137 0.781   1.00 123.57 ? 208 GLU A CB  1 
ATOM   1512 N N   . THR A 1 228 ? 22.856  -15.000 2.216   1.00 124.92 ? 210 THR A N   1 
ATOM   1513 C CA  . THR A 1 228 ? 24.055  -15.834 2.241   1.00 124.85 ? 210 THR A CA  1 
ATOM   1514 C C   . THR A 1 228 ? 25.250  -15.120 2.895   1.00 129.43 ? 210 THR A C   1 
ATOM   1515 O O   . THR A 1 228 ? 25.682  -14.074 2.402   1.00 129.34 ? 210 THR A O   1 
ATOM   1516 C CB  . THR A 1 228 ? 24.383  -16.342 0.833   1.00 131.70 ? 210 THR A CB  1 
ATOM   1517 N N   . THR A 1 229 ? 25.780  -15.686 4.008   1.00 125.91 ? 211 THR A N   1 
ATOM   1518 C CA  . THR A 1 229 ? 26.928  -15.134 4.741   1.00 125.56 ? 211 THR A CA  1 
ATOM   1519 C C   . THR A 1 229 ? 28.197  -15.972 4.511   1.00 129.22 ? 211 THR A C   1 
ATOM   1520 O O   . THR A 1 229 ? 28.267  -17.126 4.952   1.00 128.62 ? 211 THR A O   1 
ATOM   1521 C CB  . THR A 1 229 ? 26.587  -14.925 6.222   1.00 132.29 ? 211 THR A CB  1 
ATOM   1522 N N   . GLU A 1 230 ? 29.188  -15.390 3.798   1.00 125.51 ? 212 GLU A N   1 
ATOM   1523 C CA  . GLU A 1 230 ? 30.454  -16.047 3.455   1.00 125.09 ? 212 GLU A CA  1 
ATOM   1524 C C   . GLU A 1 230 ? 31.488  -15.994 4.588   1.00 128.60 ? 212 GLU A C   1 
ATOM   1525 O O   . GLU A 1 230 ? 32.051  -14.932 4.870   1.00 128.20 ? 212 GLU A O   1 
ATOM   1526 C CB  . GLU A 1 230 ? 31.025  -15.489 2.141   1.00 126.40 ? 212 GLU A CB  1 
ATOM   1527 N N   . LYS A 1 231 ? 31.732  -17.157 5.236   1.00 124.74 ? 213 LYS A N   1 
ATOM   1528 C CA  . LYS A 1 231 ? 32.685  -17.311 6.340   1.00 138.86 ? 213 LYS A CA  1 
ATOM   1529 C C   . LYS A 1 231 ? 33.390  -18.672 6.292   1.00 141.60 ? 213 LYS A C   1 
ATOM   1530 O O   . LYS A 1 231 ? 34.229  -18.914 5.422   1.00 91.54  ? 213 LYS A O   1 
ATOM   1531 C CB  . LYS A 1 231 ? 31.981  -17.122 7.691   1.00 141.07 ? 213 LYS A CB  1 
HETATM 1532 C CAA . D1U B 2 .   ? -3.807  6.113   7.265   1.00 95.81  ? 214 D1U A CAA 1 
HETATM 1533 C CAB . D1U B 2 .   ? -6.965  -0.268  -0.832  1.00 57.25  ? 214 D1U A CAB 1 
HETATM 1534 C CAC . D1U B 2 .   ? -8.051  1.641   0.383   1.00 49.50  ? 214 D1U A CAC 1 
HETATM 1535 N NAD . D1U B 2 .   ? -0.914  1.108   5.081   1.00 48.16  ? 214 D1U A NAD 1 
HETATM 1536 O OAE . D1U B 2 .   ? -2.726  1.611   6.308   1.00 43.29  ? 214 D1U A OAE 1 
HETATM 1537 O OAF . D1U B 2 .   ? -7.753  4.218   -2.430  1.00 55.07  ? 214 D1U A OAF 1 
HETATM 1538 F FAG . D1U B 2 .   ? -7.544  6.729   -0.983  1.00 69.23  ? 214 D1U A FAG 1 
HETATM 1539 F FAH . D1U B 2 .   ? -5.824  7.483   -0.057  1.00 69.38  ? 214 D1U A FAH 1 
HETATM 1540 F FAI . D1U B 2 .   ? -5.702  6.867   -2.136  1.00 75.20  ? 214 D1U A FAI 1 
HETATM 1541 C CAJ . D1U B 2 .   ? -3.035  2.503   1.592   1.00 52.77  ? 214 D1U A CAJ 1 
HETATM 1542 C CAK . D1U B 2 .   ? -2.425  1.921   2.707   1.00 41.57  ? 214 D1U A CAK 1 
HETATM 1543 C CAL . D1U B 2 .   ? -4.460  3.760   3.079   1.00 64.36  ? 214 D1U A CAL 1 
HETATM 1544 C CAM . D1U B 2 .   ? -5.526  4.181   5.674   1.00 94.51  ? 214 D1U A CAM 1 
HETATM 1545 C CAN . D1U B 2 .   ? -5.838  4.180   7.173   1.00 83.78  ? 214 D1U A CAN 1 
HETATM 1546 C CAO . D1U B 2 .   ? -7.147  1.954   -1.957  1.00 54.80  ? 214 D1U A CAO 1 
HETATM 1547 C CAP . D1U B 2 .   ? -5.580  1.651   -0.049  1.00 58.56  ? 214 D1U A CAP 1 
HETATM 1548 N NAQ . D1U B 2 .   ? -4.934  5.156   0.590   1.00 65.53  ? 214 D1U A NAQ 1 
HETATM 1549 N NAR . D1U B 2 .   ? -4.228  3.518   5.427   1.00 56.52  ? 214 D1U A NAR 1 
HETATM 1550 S SAS . D1U B 2 .   ? -4.422  4.723   8.201   1.00 135.75 ? 214 D1U A SAS 1 
HETATM 1551 C CAT . D1U B 2 .   ? -2.131  1.634   5.239   1.00 68.58  ? 214 D1U A CAT 1 
HETATM 1552 C CAU . D1U B 2 .   ? -7.021  3.477   -1.782  1.00 57.29  ? 214 D1U A CAU 1 
HETATM 1553 C CAV . D1U B 2 .   ? -4.027  3.462   1.792   1.00 49.01  ? 214 D1U A CAV 1 
HETATM 1554 C CAW . D1U B 2 .   ? -3.835  3.201   4.190   1.00 108.59 ? 214 D1U A CAW 1 
HETATM 1555 C CAX . D1U B 2 .   ? -2.811  2.276   4.000   1.00 37.10  ? 214 D1U A CAX 1 
HETATM 1556 C CAY . D1U B 2 .   ? -5.479  3.180   -0.010  1.00 51.05  ? 214 D1U A CAY 1 
HETATM 1557 C CAZ . D1U B 2 .   ? -5.787  5.280   -0.417  1.00 76.88  ? 214 D1U A CAZ 1 
HETATM 1558 C CBA . D1U B 2 .   ? -6.155  4.027   -0.856  1.00 51.10  ? 214 D1U A CBA 1 
HETATM 1559 N NBB . D1U B 2 .   ? -4.735  3.952   0.784   1.00 52.72  ? 214 D1U A NBB 1 
HETATM 1560 C CBC . D1U B 2 .   ? -6.943  1.240   -0.612  1.00 74.65  ? 214 D1U A CBC 1 
HETATM 1561 C CBD . D1U B 2 .   ? -6.233  6.623   -0.946  1.00 71.39  ? 214 D1U A CBD 1 
HETATM 1562 O O   . HOH C 3 .   ? -2.465  6.923   -0.017  1.00 48.60  ? 215 HOH A O   1 
HETATM 1563 O O   . HOH C 3 .   ? 1.688   8.017   0.880   1.00 66.19  ? 216 HOH A O   1 
HETATM 1564 O O   . HOH C 3 .   ? 7.539   10.903  -3.563  1.00 66.24  ? 217 HOH A O   1 
HETATM 1565 O O   . HOH C 3 .   ? -13.445 4.328   -6.362  1.00 57.41  ? 218 HOH A O   1 
HETATM 1566 O O   . HOH C 3 .   ? 5.355   9.710   13.142  1.00 61.94  ? 219 HOH A O   1 
HETATM 1567 O O   . HOH C 3 .   ? 2.496   10.545  2.516   1.00 71.46  ? 220 HOH A O   1 
HETATM 1568 O O   . HOH C 3 .   ? -2.601  -0.256  8.522   1.00 63.65  ? 221 HOH A O   1 
HETATM 1569 O O   . HOH C 3 .   ? 1.305   0.847   3.504   1.00 54.93  ? 222 HOH A O   1 
HETATM 1570 O O   . HOH C 3 .   ? 6.658   14.001  -12.962 1.00 70.77  ? 223 HOH A O   1 
HETATM 1571 O O   . HOH C 3 .   ? 13.978  5.886   12.099  1.00 81.27  ? 224 HOH A O   1 
HETATM 1572 O O   . HOH C 3 .   ? 7.078   8.586   11.465  1.00 66.34  ? 225 HOH A O   1 
HETATM 1573 O O   . HOH C 3 .   ? -9.986  17.949  -5.571  1.00 80.13  ? 226 HOH A O   1 
HETATM 1574 O O   . HOH C 3 .   ? -8.541  -4.474  -12.452 1.00 75.47  ? 227 HOH A O   1 
HETATM 1575 O O   . HOH C 3 .   ? -10.180 -8.948  -3.573  1.00 61.18  ? 228 HOH A O   1 
HETATM 1576 O O   . HOH C 3 .   ? 1.718   -1.427  4.863   1.00 60.71  ? 229 HOH A O   1 
HETATM 1577 O O   . HOH C 3 .   ? 13.826  4.898   -9.731  1.00 72.41  ? 230 HOH A O   1 
HETATM 1578 O O   . HOH C 3 .   ? 12.600  1.788   -11.478 1.00 79.17  ? 231 HOH A O   1 
# 
